data_7LGM
#
_entry.id   7LGM
#
loop_
_entity.id
_entity.type
_entity.pdbx_description
1 polymer 'Cyanophycin synthase'
2 non-polymer "ADENOSINE-5'-TRIPHOSPHATE"
#
_entity_poly.entity_id   1
_entity_poly.type   'polypeptide(L)'
_entity_poly.pdbx_seq_one_letter_code
;MNIISTSVYVGPNVYASIPLIRLVIDLNPHYITQLASMGSEVLENLEKVIPTLKTEQDAKLQHKLEELRQAPQQQIGELV
AILALHLQRLAGQKGGAAFSAYCHEDETEILYSYESEEIGIEAGEVVCDMLVALAKAHEAGDQIDLNRDVKGFLRYADRF
ALGPSALALVQAAEERNIPWYRLNDASLIQVGQGKYQKRIEAALTSGTSHIAVEIAGDKNVCNQLLQDLGLPVPKQRVVY
DIDDAVRAARRVGFPVVLKPLDGNHGRGVSVNLTTDEAVEAAFDIAMSEGSAVIVESMLYGDDHRLLVVNGELVAAARRV
PGHIVGDGKHNVEALIEIVNQDPRRGVGHENMLTKIELDEQALKLLAEKGYDKDSIPAKDEVVYLRRTANISTGGTAIDV
TDTIHPENKLMAERAIRAVGLDIGAVDFLTTDITKSYRDIGGGICEVNAGPGLRMHISPSEGPSRDVGGKIMDMLFPQGS
QSRVPIAAITGTNGKTTCSRMLAHILKMAGHVVGQTSTDAVYIDGNVTVKGDMTGPVSAKMVLRDPSVDIAVLETARGGI
VRSGLGYQFCDVGAVLNVSSDHLGLGGVDTLDGLAEVKRVIAEVTKDTVVLNADNAYTLKMAGHSPAKHIMYVTRDAENK
LVREHIRLGKRAVVLEKGLNGDQIVIYENGTQIPLIWTHLIPATLEGKAIHNVENAMFAAGMAYALGKNLDQIRIGLRTF
DNTFFQSPGRMNVFDKHGFRVILDYGHNEAAVGAMTELVDRLNPRGRRLLGVTCPGDRRDEDVVAIAAKVAGHFDEYYCH
RDDDLRGRAPDETPKIMRDALIQLGVPESRIHIVEQEEDSLAAVLTEAQVDDLVLFFCENITRSWKQIVHFTPEFNIEND
HETLELKIAEQGFDIPEGYHAVSNDRGVMILPRGENLYFQGHHHHHHHH
;
_entity_poly.pdbx_strand_id   A,B
#
# COMPACT_ATOMS: atom_id res chain seq x y z
N ASN A 2 -4.06 33.91 -33.37
CA ASN A 2 -3.69 33.84 -34.80
C ASN A 2 -3.90 32.39 -35.29
N ILE A 3 -4.09 31.50 -34.32
CA ILE A 3 -4.22 30.05 -34.54
C ILE A 3 -5.63 29.66 -35.01
N ILE A 4 -5.69 28.87 -36.08
CA ILE A 4 -6.96 28.42 -36.63
C ILE A 4 -7.32 26.96 -36.35
N SER A 5 -6.31 26.09 -36.35
CA SER A 5 -6.53 24.66 -36.19
C SER A 5 -5.35 23.95 -35.55
N THR A 6 -5.62 22.84 -34.87
CA THR A 6 -4.55 22.10 -34.23
C THR A 6 -4.59 20.60 -34.49
N SER A 7 -3.43 19.97 -34.37
CA SER A 7 -3.31 18.51 -34.41
C SER A 7 -2.06 18.11 -33.65
N VAL A 8 -1.96 16.85 -33.26
CA VAL A 8 -0.74 16.42 -32.60
C VAL A 8 -0.26 15.07 -33.05
N TYR A 9 1.03 14.96 -33.25
CA TYR A 9 1.59 13.67 -33.52
C TYR A 9 2.04 13.14 -32.20
N VAL A 10 1.58 11.96 -31.85
CA VAL A 10 1.98 11.44 -30.56
C VAL A 10 3.28 10.69 -30.73
N GLY A 11 3.52 10.20 -31.94
CA GLY A 11 4.75 9.49 -32.25
C GLY A 11 5.54 10.25 -33.32
N PRO A 12 6.62 9.65 -33.81
CA PRO A 12 7.55 10.18 -34.79
C PRO A 12 7.10 10.14 -36.23
N ASN A 13 5.99 10.81 -36.53
CA ASN A 13 5.57 10.88 -37.93
C ASN A 13 6.51 11.86 -38.57
N VAL A 14 6.87 12.84 -37.76
CA VAL A 14 7.77 13.89 -38.12
C VAL A 14 8.91 13.83 -37.11
N TYR A 15 9.77 12.82 -37.23
CA TYR A 15 11.00 12.57 -36.44
C TYR A 15 10.84 12.17 -34.95
N ALA A 16 9.94 12.83 -34.24
CA ALA A 16 9.71 12.63 -32.80
C ALA A 16 8.28 13.02 -32.49
N SER A 17 7.73 12.64 -31.32
CA SER A 17 6.39 13.14 -31.06
C SER A 17 6.43 14.63 -31.13
N ILE A 18 5.35 15.22 -31.63
CA ILE A 18 5.36 16.65 -31.78
C ILE A 18 3.96 17.24 -32.08
N PRO A 19 3.51 18.30 -31.38
CA PRO A 19 2.32 19.06 -31.69
C PRO A 19 2.49 19.91 -32.93
N LEU A 20 1.38 20.14 -33.64
CA LEU A 20 1.34 20.98 -34.83
C LEU A 20 0.36 22.15 -34.67
N ILE A 21 0.83 23.37 -34.92
CA ILE A 21 -0.06 24.53 -34.81
C ILE A 21 -0.37 25.09 -36.19
N ARG A 22 -1.65 25.18 -36.57
CA ARG A 22 -1.96 25.76 -37.88
C ARG A 22 -2.52 27.17 -37.67
N LEU A 23 -1.87 28.17 -38.27
CA LEU A 23 -2.19 29.60 -38.10
C LEU A 23 -2.50 30.30 -39.41
N VAL A 24 -3.22 31.41 -39.32
CA VAL A 24 -3.52 32.22 -40.52
C VAL A 24 -3.03 33.64 -40.30
N ILE A 25 -2.57 34.29 -41.35
CA ILE A 25 -2.14 35.66 -41.18
C ILE A 25 -3.28 36.64 -41.43
N ASP A 26 -3.71 37.33 -40.38
CA ASP A 26 -4.77 38.33 -40.51
C ASP A 26 -4.09 39.65 -40.90
N LEU A 27 -2.85 39.76 -40.46
CA LEU A 27 -2.03 40.93 -40.67
C LEU A 27 -1.38 40.86 -42.04
N ASN A 28 -2.22 40.98 -43.06
CA ASN A 28 -1.77 40.94 -44.43
C ASN A 28 -0.56 41.86 -44.65
N PRO A 29 -0.56 43.14 -44.19
CA PRO A 29 0.59 44.02 -44.26
C PRO A 29 1.52 43.64 -43.11
N HIS A 30 2.05 42.45 -43.23
CA HIS A 30 2.86 41.80 -42.24
C HIS A 30 4.22 42.41 -42.09
N TYR A 31 5.01 41.81 -41.23
CA TYR A 31 6.32 42.28 -40.81
C TYR A 31 7.20 42.89 -41.89
N ILE A 32 7.15 42.41 -43.13
CA ILE A 32 8.06 42.93 -44.14
C ILE A 32 7.80 44.40 -44.48
N THR A 33 6.57 44.88 -44.26
CA THR A 33 6.20 46.25 -44.56
C THR A 33 5.94 47.06 -43.29
N GLN A 34 6.34 46.50 -42.13
CA GLN A 34 6.16 47.15 -40.80
C GLN A 34 7.51 47.09 -40.09
N LEU A 35 8.34 48.11 -40.30
CA LEU A 35 9.69 48.16 -39.67
C LEU A 35 9.87 49.54 -39.01
N ALA A 36 8.99 50.51 -39.32
CA ALA A 36 9.05 51.82 -38.65
C ALA A 36 8.75 51.71 -37.16
N SER A 37 7.75 50.89 -36.81
CA SER A 37 7.36 50.66 -35.43
C SER A 37 7.91 49.33 -34.91
N MET A 38 8.75 48.70 -35.73
CA MET A 38 9.30 47.39 -35.51
C MET A 38 10.74 47.24 -35.99
N GLY A 39 11.68 47.85 -35.32
CA GLY A 39 13.08 47.76 -35.72
C GLY A 39 13.79 46.66 -34.94
N SER A 40 14.99 46.94 -34.43
CA SER A 40 15.73 45.90 -33.71
C SER A 40 14.98 45.52 -32.46
N GLU A 41 14.16 46.46 -31.97
CA GLU A 41 13.40 46.30 -30.77
C GLU A 41 12.40 45.19 -30.85
N VAL A 42 12.10 44.64 -32.01
CA VAL A 42 11.14 43.56 -31.93
C VAL A 42 11.83 42.41 -31.19
N LEU A 43 13.14 42.27 -31.35
CA LEU A 43 13.85 41.18 -30.72
C LEU A 43 14.11 41.54 -29.28
N GLU A 44 14.40 42.81 -29.05
CA GLU A 44 14.73 43.30 -27.72
C GLU A 44 13.49 43.18 -26.85
N ASN A 45 12.32 43.39 -27.46
CA ASN A 45 11.07 43.29 -26.73
C ASN A 45 10.78 41.84 -26.36
N LEU A 46 11.09 40.91 -27.26
CA LEU A 46 10.87 39.50 -26.98
C LEU A 46 11.72 39.03 -25.79
N GLU A 47 12.94 39.59 -25.68
CA GLU A 47 13.88 39.29 -24.60
C GLU A 47 13.35 39.71 -23.21
N LYS A 48 12.36 40.61 -23.19
CA LYS A 48 11.82 41.12 -21.94
C LYS A 48 10.42 40.56 -21.65
N VAL A 49 9.61 40.34 -22.70
CA VAL A 49 8.26 39.84 -22.48
C VAL A 49 8.34 38.40 -21.97
N ILE A 50 9.18 37.59 -22.61
CA ILE A 50 9.40 36.22 -22.17
C ILE A 50 10.90 36.06 -22.00
N PRO A 51 11.48 36.32 -20.82
CA PRO A 51 12.92 36.38 -20.61
C PRO A 51 13.65 35.04 -20.54
N THR A 52 13.47 34.27 -21.60
CA THR A 52 14.14 33.03 -21.91
C THR A 52 14.55 33.18 -23.34
N LEU A 53 13.95 34.17 -23.99
CA LEU A 53 14.20 34.48 -25.40
C LEU A 53 15.39 35.40 -25.48
N LYS A 54 16.49 34.92 -24.95
CA LYS A 54 17.75 35.63 -24.82
C LYS A 54 18.71 35.22 -25.90
N THR A 55 19.75 36.01 -26.10
CA THR A 55 20.81 35.66 -27.05
C THR A 55 21.73 34.63 -26.40
N GLU A 56 21.17 33.47 -26.14
CA GLU A 56 21.82 32.35 -25.48
C GLU A 56 22.19 31.29 -26.51
N GLN A 57 23.48 30.98 -26.62
CA GLN A 57 23.96 30.04 -27.64
C GLN A 57 23.49 28.61 -27.40
N ASP A 58 23.08 28.34 -26.18
CA ASP A 58 22.62 27.04 -25.77
C ASP A 58 21.11 26.91 -25.81
N ALA A 59 20.39 27.94 -26.23
CA ALA A 59 18.93 27.90 -26.20
C ALA A 59 18.35 27.22 -27.42
N LYS A 60 18.65 25.93 -27.55
CA LYS A 60 18.20 25.11 -28.68
C LYS A 60 18.56 25.83 -29.97
N LEU A 61 19.74 26.44 -30.02
CA LEU A 61 20.09 27.26 -31.15
C LEU A 61 20.73 26.48 -32.27
N GLN A 62 19.90 25.66 -32.90
CA GLN A 62 20.35 24.83 -34.01
C GLN A 62 20.66 25.73 -35.19
N HIS A 63 19.83 26.76 -35.34
CA HIS A 63 19.96 27.72 -36.41
C HIS A 63 19.75 29.10 -35.81
N LYS A 64 20.74 29.96 -35.94
CA LYS A 64 20.62 31.28 -35.34
C LYS A 64 19.93 32.21 -36.31
N LEU A 65 18.61 32.19 -36.29
CA LEU A 65 17.86 32.93 -37.29
C LEU A 65 17.15 34.20 -36.86
N GLU A 66 16.60 34.28 -35.65
CA GLU A 66 15.79 35.46 -35.33
C GLU A 66 16.61 36.74 -35.24
N GLU A 67 17.89 36.63 -34.90
CA GLU A 67 18.74 37.79 -34.72
C GLU A 67 19.16 38.39 -36.04
N LEU A 68 18.94 37.65 -37.11
CA LEU A 68 19.31 38.09 -38.43
C LEU A 68 18.11 38.65 -39.15
N ARG A 69 16.94 38.54 -38.52
CA ARG A 69 15.69 38.91 -39.14
C ARG A 69 15.04 40.20 -38.65
N GLN A 70 15.16 40.47 -37.35
CA GLN A 70 14.51 41.63 -36.74
C GLN A 70 13.07 41.68 -37.25
N ALA A 71 12.59 42.82 -37.74
CA ALA A 71 11.25 42.79 -38.29
C ALA A 71 11.16 42.44 -39.78
N PRO A 72 11.96 43.05 -40.69
CA PRO A 72 11.85 42.87 -42.12
C PRO A 72 11.80 41.42 -42.56
N GLN A 73 12.49 40.53 -41.85
CA GLN A 73 12.43 39.14 -42.24
C GLN A 73 11.96 38.25 -41.12
N GLN A 74 11.05 38.70 -40.27
CA GLN A 74 10.63 37.80 -39.19
C GLN A 74 10.13 36.48 -39.72
N GLN A 75 9.41 36.49 -40.83
CA GLN A 75 8.87 35.23 -41.32
C GLN A 75 8.14 34.65 -40.14
N ILE A 76 7.10 35.38 -39.69
CA ILE A 76 6.37 35.08 -38.46
C ILE A 76 6.00 33.65 -38.33
N GLY A 77 5.58 32.96 -39.37
CA GLY A 77 5.26 31.58 -39.09
C GLY A 77 6.47 30.82 -38.52
N GLU A 78 7.67 31.13 -39.03
CA GLU A 78 8.90 30.47 -38.62
C GLU A 78 9.35 31.06 -37.30
N LEU A 79 9.11 32.35 -37.11
CA LEU A 79 9.53 32.98 -35.88
C LEU A 79 8.72 32.43 -34.72
N VAL A 80 7.43 32.19 -34.93
CA VAL A 80 6.64 31.64 -33.84
C VAL A 80 7.22 30.28 -33.51
N ALA A 81 7.57 29.48 -34.53
CA ALA A 81 8.17 28.18 -34.23
C ALA A 81 9.47 28.35 -33.43
N ILE A 82 10.27 29.37 -33.75
CA ILE A 82 11.52 29.65 -33.03
C ILE A 82 11.31 30.04 -31.58
N LEU A 83 10.35 30.93 -31.35
CA LEU A 83 10.07 31.47 -30.03
C LEU A 83 9.24 30.50 -29.17
N ALA A 84 8.46 29.65 -29.82
CA ALA A 84 7.63 28.67 -29.13
C ALA A 84 8.59 27.78 -28.37
N LEU A 85 8.14 27.16 -27.29
CA LEU A 85 8.95 26.31 -26.41
C LEU A 85 9.75 27.09 -25.38
N HIS A 86 10.16 28.33 -25.69
CA HIS A 86 10.97 29.05 -24.72
C HIS A 86 10.09 29.57 -23.59
N LEU A 87 8.82 29.77 -23.88
CA LEU A 87 7.84 30.15 -22.86
C LEU A 87 7.68 28.99 -21.89
N GLN A 88 7.67 27.81 -22.46
CA GLN A 88 7.54 26.61 -21.69
C GLN A 88 8.82 26.41 -20.84
N ARG A 89 10.00 26.76 -21.38
CA ARG A 89 11.22 26.68 -20.58
C ARG A 89 11.10 27.61 -19.36
N LEU A 90 10.50 28.79 -19.56
CA LEU A 90 10.28 29.77 -18.49
C LEU A 90 9.43 29.17 -17.38
N ALA A 91 8.49 28.31 -17.77
CA ALA A 91 7.59 27.62 -16.85
C ALA A 91 8.26 26.40 -16.20
N GLY A 92 9.51 26.09 -16.57
CA GLY A 92 10.21 24.92 -16.03
C GLY A 92 9.87 23.61 -16.74
N GLN A 93 9.43 23.72 -17.98
CA GLN A 93 9.02 22.58 -18.79
C GLN A 93 10.17 22.12 -19.69
N LYS A 94 10.13 20.87 -20.17
CA LYS A 94 11.17 20.37 -21.08
C LYS A 94 10.66 20.24 -22.53
N GLY A 95 11.56 20.47 -23.50
CA GLY A 95 11.25 20.35 -24.92
C GLY A 95 12.51 20.47 -25.79
N GLY A 96 12.31 20.44 -27.12
CA GLY A 96 13.39 20.46 -28.10
C GLY A 96 13.37 21.59 -29.13
N ALA A 97 13.58 21.19 -30.39
CA ALA A 97 13.64 22.06 -31.57
C ALA A 97 12.25 22.30 -32.16
N ALA A 98 12.16 23.32 -33.01
CA ALA A 98 10.94 23.62 -33.75
C ALA A 98 11.31 23.98 -35.18
N PHE A 99 10.44 23.65 -36.12
CA PHE A 99 10.77 23.82 -37.53
C PHE A 99 9.65 23.85 -38.58
N SER A 100 10.07 24.31 -39.78
CA SER A 100 9.34 24.27 -41.07
C SER A 100 7.92 24.75 -40.98
N ALA A 101 7.75 25.90 -40.38
CA ALA A 101 6.42 26.43 -40.17
C ALA A 101 5.73 27.01 -41.39
N TYR A 102 6.44 27.65 -42.31
CA TYR A 102 5.71 28.23 -43.42
C TYR A 102 5.14 27.14 -44.32
N CYS A 103 3.87 27.27 -44.72
CA CYS A 103 3.26 26.28 -45.59
C CYS A 103 2.60 26.91 -46.83
N HIS A 104 1.27 26.84 -46.87
CA HIS A 104 0.44 27.37 -47.92
C HIS A 104 0.41 28.88 -47.83
N GLU A 105 0.10 29.55 -48.92
CA GLU A 105 0.06 30.99 -48.85
C GLU A 105 -0.90 31.46 -47.76
N ASP A 106 -0.44 32.44 -46.99
CA ASP A 106 -1.14 33.08 -45.86
C ASP A 106 -1.35 32.16 -44.66
N GLU A 107 -0.73 30.97 -44.67
CA GLU A 107 -0.85 30.03 -43.55
C GLU A 107 0.46 29.40 -43.08
N THR A 108 0.44 29.00 -41.82
CA THR A 108 1.56 28.38 -41.13
C THR A 108 1.16 27.04 -40.48
N GLU A 109 2.07 26.04 -40.49
CA GLU A 109 1.93 24.76 -39.78
C GLU A 109 3.19 24.52 -38.97
N ILE A 110 3.20 24.92 -37.70
CA ILE A 110 4.40 24.83 -36.88
C ILE A 110 4.61 23.52 -36.24
N LEU A 111 5.78 22.93 -36.43
CA LEU A 111 6.08 21.70 -35.76
C LEU A 111 7.03 22.04 -34.62
N TYR A 112 6.62 21.80 -33.37
CA TYR A 112 7.54 22.15 -32.27
C TYR A 112 7.54 21.04 -31.24
N SER A 113 8.71 20.59 -30.80
CA SER A 113 8.77 19.43 -29.88
C SER A 113 8.63 19.73 -28.40
N TYR A 114 7.52 19.27 -27.82
CA TYR A 114 7.23 19.55 -26.42
C TYR A 114 6.63 18.36 -25.68
N GLU A 115 7.09 18.11 -24.44
CA GLU A 115 6.63 16.96 -23.65
C GLU A 115 5.15 16.87 -23.21
N SER A 116 4.42 17.98 -23.06
CA SER A 116 3.04 17.88 -22.59
C SER A 116 1.99 18.46 -23.53
N GLU A 117 0.86 17.77 -23.59
CA GLU A 117 -0.26 18.20 -24.41
C GLU A 117 -1.16 19.25 -23.74
N GLU A 118 -1.21 19.28 -22.40
CA GLU A 118 -2.14 20.16 -21.69
C GLU A 118 -1.98 21.65 -22.00
N ILE A 119 -0.76 22.08 -22.26
CA ILE A 119 -0.46 23.48 -22.58
C ILE A 119 0.14 23.58 -23.97
N GLY A 120 -0.09 22.52 -24.75
CA GLY A 120 0.41 22.48 -26.09
C GLY A 120 -0.41 23.47 -26.86
N ILE A 121 0.12 23.96 -27.95
CA ILE A 121 -0.51 24.93 -28.85
C ILE A 121 -0.58 26.31 -28.19
N GLU A 122 -1.20 26.40 -27.01
CA GLU A 122 -1.37 27.65 -26.29
C GLU A 122 -0.05 28.38 -26.13
N ALA A 123 1.04 27.67 -25.86
CA ALA A 123 2.29 28.40 -25.77
C ALA A 123 2.59 29.16 -27.07
N GLY A 124 2.23 28.58 -28.21
CA GLY A 124 2.47 29.20 -29.49
C GLY A 124 1.44 30.29 -29.73
N GLU A 125 0.32 30.22 -29.01
CA GLU A 125 -0.74 31.21 -29.11
C GLU A 125 -0.24 32.49 -28.51
N VAL A 126 0.43 32.35 -27.38
CA VAL A 126 0.97 33.52 -26.72
C VAL A 126 2.00 34.15 -27.64
N VAL A 127 2.86 33.32 -28.22
CA VAL A 127 3.90 33.82 -29.10
C VAL A 127 3.39 34.43 -30.41
N CYS A 128 2.45 33.78 -31.09
CA CYS A 128 2.00 34.37 -32.35
C CYS A 128 1.24 35.63 -32.12
N ASP A 129 0.57 35.74 -30.98
CA ASP A 129 -0.13 36.94 -30.71
C ASP A 129 0.85 38.02 -30.30
N MET A 130 1.97 37.67 -29.64
CA MET A 130 2.93 38.74 -29.33
C MET A 130 3.41 39.40 -30.59
N LEU A 131 3.74 38.59 -31.60
CA LEU A 131 4.31 39.16 -32.81
C LEU A 131 3.30 40.02 -33.57
N VAL A 132 2.05 39.58 -33.64
CA VAL A 132 1.06 40.35 -34.36
C VAL A 132 0.64 41.57 -33.55
N ALA A 133 0.42 41.39 -32.25
CA ALA A 133 0.03 42.47 -31.36
C ALA A 133 1.08 43.56 -31.31
N LEU A 134 2.36 43.21 -31.41
CA LEU A 134 3.37 44.24 -31.41
C LEU A 134 3.22 45.09 -32.65
N ALA A 135 3.01 44.45 -33.81
CA ALA A 135 2.80 45.23 -35.02
C ALA A 135 1.55 46.10 -34.88
N LYS A 136 0.51 45.54 -34.28
CA LYS A 136 -0.73 46.27 -34.08
C LYS A 136 -0.69 47.05 -32.77
N ALA A 137 0.24 47.99 -32.67
CA ALA A 137 0.39 48.80 -31.47
C ALA A 137 1.04 50.13 -31.79
N HIS A 138 0.80 51.12 -30.94
CA HIS A 138 1.38 52.44 -31.14
C HIS A 138 2.81 52.58 -30.62
N GLU A 139 3.75 51.82 -31.21
CA GLU A 139 5.17 51.87 -30.80
C GLU A 139 5.22 51.79 -29.28
N ALA A 140 4.48 50.84 -28.74
CA ALA A 140 4.22 50.73 -27.32
C ALA A 140 5.27 50.02 -26.48
N GLY A 141 6.34 49.52 -27.07
CA GLY A 141 7.36 48.84 -26.26
C GLY A 141 7.16 47.34 -26.17
N ASP A 142 7.68 46.75 -25.09
CA ASP A 142 7.71 45.31 -24.92
C ASP A 142 6.53 44.73 -24.15
N GLN A 143 6.45 45.01 -22.86
CA GLN A 143 5.44 44.43 -22.00
C GLN A 143 4.22 45.32 -22.02
N ILE A 144 3.58 45.32 -23.17
CA ILE A 144 2.46 46.19 -23.46
C ILE A 144 1.36 45.64 -22.56
N ASP A 145 0.93 44.44 -22.89
CA ASP A 145 -0.07 43.65 -22.21
C ASP A 145 0.28 42.17 -22.30
N LEU A 146 1.28 41.94 -23.12
CA LEU A 146 1.81 40.65 -23.47
C LEU A 146 2.37 39.92 -22.27
N ASN A 147 2.87 40.65 -21.29
CA ASN A 147 3.40 40.05 -20.10
C ASN A 147 2.29 39.42 -19.26
N ARG A 148 1.03 39.83 -19.50
CA ARG A 148 -0.11 39.28 -18.78
C ARG A 148 -0.32 37.89 -19.30
N ASP A 149 -0.35 37.78 -20.63
CA ASP A 149 -0.58 36.50 -21.27
C ASP A 149 0.52 35.52 -20.93
N VAL A 150 1.74 36.03 -20.82
CA VAL A 150 2.85 35.19 -20.44
C VAL A 150 2.69 34.68 -19.02
N LYS A 151 2.36 35.55 -18.07
CA LYS A 151 2.21 35.07 -16.71
C LYS A 151 1.06 34.08 -16.58
N GLY A 152 -0.03 34.32 -17.30
CA GLY A 152 -1.17 33.42 -17.25
C GLY A 152 -0.72 32.05 -17.71
N PHE A 153 -0.06 32.00 -18.86
CA PHE A 153 0.41 30.76 -19.40
C PHE A 153 1.29 30.03 -18.41
N LEU A 154 2.23 30.74 -17.79
CA LEU A 154 3.16 30.10 -16.89
C LEU A 154 2.41 29.48 -15.71
N ARG A 155 1.36 30.15 -15.22
CA ARG A 155 0.57 29.62 -14.13
C ARG A 155 -0.13 28.33 -14.54
N TYR A 156 -0.56 28.25 -15.80
CA TYR A 156 -1.26 27.06 -16.27
C TYR A 156 -0.25 25.95 -16.43
N ALA A 157 0.91 26.30 -16.95
CA ALA A 157 1.97 25.34 -17.14
C ALA A 157 2.38 24.73 -15.81
N ASP A 158 2.34 25.55 -14.76
CA ASP A 158 2.62 25.09 -13.41
C ASP A 158 1.46 24.21 -12.91
N ARG A 159 0.22 24.61 -13.20
CA ARG A 159 -0.97 23.85 -12.80
C ARG A 159 -0.94 22.41 -13.28
N PHE A 160 -0.41 22.20 -14.48
CA PHE A 160 -0.37 20.87 -15.06
C PHE A 160 1.00 20.19 -14.89
N ALA A 161 1.88 20.80 -14.13
CA ALA A 161 3.21 20.28 -13.91
C ALA A 161 3.24 19.28 -12.79
N LEU A 162 4.24 18.42 -12.82
CA LEU A 162 4.50 17.52 -11.72
C LEU A 162 5.19 18.39 -10.68
N GLY A 163 4.98 18.14 -9.39
CA GLY A 163 5.69 18.96 -8.42
C GLY A 163 7.17 18.55 -8.41
N PRO A 164 8.06 19.34 -7.78
CA PRO A 164 9.50 19.13 -7.72
C PRO A 164 9.91 17.82 -7.06
N SER A 165 9.06 17.30 -6.20
CA SER A 165 9.38 16.06 -5.55
C SER A 165 9.15 14.90 -6.50
N ALA A 166 8.28 15.10 -7.49
CA ALA A 166 8.03 14.06 -8.46
C ALA A 166 9.03 14.21 -9.58
N LEU A 167 9.42 15.46 -9.87
CA LEU A 167 10.36 15.72 -10.95
C LEU A 167 11.69 15.08 -10.58
N ALA A 168 11.99 15.03 -9.30
CA ALA A 168 13.20 14.38 -8.85
C ALA A 168 13.27 12.93 -9.33
N LEU A 169 12.11 12.24 -9.36
CA LEU A 169 12.06 10.84 -9.76
C LEU A 169 12.01 10.74 -11.26
N VAL A 170 11.43 11.75 -11.90
CA VAL A 170 11.36 11.75 -13.36
C VAL A 170 12.73 11.88 -13.94
N GLN A 171 13.51 12.81 -13.43
CA GLN A 171 14.83 13.00 -13.96
C GLN A 171 15.65 11.76 -13.63
N ALA A 172 15.49 11.23 -12.42
CA ALA A 172 16.22 10.02 -12.10
C ALA A 172 15.83 8.88 -13.04
N ALA A 173 14.55 8.76 -13.42
CA ALA A 173 14.15 7.71 -14.34
C ALA A 173 14.76 7.91 -15.72
N GLU A 174 14.78 9.15 -16.20
CA GLU A 174 15.32 9.43 -17.53
C GLU A 174 16.82 9.14 -17.58
N GLU A 175 17.51 9.41 -16.49
CA GLU A 175 18.96 9.21 -16.42
C GLU A 175 19.35 7.73 -16.32
N ARG A 176 18.37 6.85 -16.17
CA ARG A 176 18.60 5.42 -16.12
C ARG A 176 18.07 4.80 -17.40
N ASN A 177 17.75 5.68 -18.35
CA ASN A 177 17.22 5.37 -19.66
C ASN A 177 15.92 4.59 -19.66
N ILE A 178 15.00 4.93 -18.75
CA ILE A 178 13.72 4.25 -18.77
C ILE A 178 12.59 5.26 -18.96
N PRO A 179 11.52 4.89 -19.69
CA PRO A 179 10.35 5.69 -20.02
C PRO A 179 9.44 5.87 -18.84
N TRP A 180 8.62 6.92 -18.92
CA TRP A 180 7.63 7.16 -17.90
C TRP A 180 6.42 7.88 -18.48
N TYR A 181 5.32 7.84 -17.75
CA TYR A 181 4.08 8.52 -18.13
C TYR A 181 3.49 9.32 -16.99
N ARG A 182 2.73 10.36 -17.29
CA ARG A 182 1.94 10.94 -16.20
C ARG A 182 0.75 9.99 -16.12
N LEU A 183 0.54 9.36 -14.96
CA LEU A 183 -0.48 8.34 -14.87
C LEU A 183 -1.74 8.76 -14.14
N ASN A 184 -1.59 9.47 -13.01
CA ASN A 184 -2.77 9.80 -12.21
C ASN A 184 -3.02 11.28 -12.18
N ASP A 185 -2.52 12.00 -13.17
CA ASP A 185 -2.65 13.44 -13.20
C ASP A 185 -1.87 13.94 -11.98
N ALA A 186 -1.90 15.24 -11.75
CA ALA A 186 -1.20 15.83 -10.62
C ALA A 186 0.26 15.41 -10.65
N SER A 187 0.78 14.85 -9.55
CA SER A 187 2.17 14.45 -9.45
C SER A 187 2.51 12.97 -9.63
N LEU A 188 1.52 12.10 -9.91
CA LEU A 188 1.88 10.67 -9.95
C LEU A 188 2.25 10.22 -11.35
N ILE A 189 3.35 9.48 -11.42
CA ILE A 189 3.84 8.99 -12.68
C ILE A 189 3.98 7.49 -12.68
N GLN A 190 4.02 6.93 -13.87
CA GLN A 190 4.28 5.53 -14.01
C GLN A 190 5.63 5.40 -14.63
N VAL A 191 6.46 4.58 -14.05
CA VAL A 191 7.77 4.37 -14.63
C VAL A 191 7.86 2.97 -15.11
N GLY A 192 8.32 2.82 -16.34
CA GLY A 192 8.43 1.53 -16.97
C GLY A 192 7.12 1.20 -17.66
N GLN A 193 7.08 0.00 -18.20
CA GLN A 193 5.94 -0.48 -18.96
C GLN A 193 5.37 -1.74 -18.32
N GLY A 194 4.28 -2.27 -18.87
CA GLY A 194 3.59 -3.39 -18.30
C GLY A 194 4.54 -4.53 -18.08
N LYS A 195 4.26 -5.28 -17.01
CA LYS A 195 5.02 -6.41 -16.52
C LYS A 195 6.18 -5.95 -15.64
N TYR A 196 6.71 -4.76 -15.90
CA TYR A 196 7.84 -4.26 -15.16
C TYR A 196 7.57 -2.93 -14.40
N GLN A 197 6.50 -2.23 -14.79
CA GLN A 197 6.12 -0.90 -14.31
C GLN A 197 5.66 -0.79 -12.89
N LYS A 198 5.87 0.43 -12.36
CA LYS A 198 5.41 0.79 -11.03
C LYS A 198 4.79 2.18 -11.03
N ARG A 199 3.75 2.34 -10.21
CA ARG A 199 3.13 3.64 -10.02
C ARG A 199 3.79 4.26 -8.81
N ILE A 200 4.43 5.41 -9.02
CA ILE A 200 5.14 6.04 -7.93
C ILE A 200 4.85 7.56 -7.91
N GLU A 201 4.91 8.18 -6.74
CA GLU A 201 4.66 9.61 -6.63
C GLU A 201 5.58 10.25 -5.62
N ALA A 202 6.67 10.82 -6.10
CA ALA A 202 7.67 11.38 -5.20
C ALA A 202 8.01 10.35 -4.12
N ALA A 203 7.90 10.72 -2.85
CA ALA A 203 8.25 9.81 -1.75
C ALA A 203 7.08 8.88 -1.42
N LEU A 204 6.65 8.12 -2.40
CA LEU A 204 5.56 7.15 -2.30
C LEU A 204 5.69 6.14 -3.41
N THR A 205 5.70 4.88 -3.07
CA THR A 205 5.86 3.88 -4.08
C THR A 205 4.79 2.83 -4.01
N SER A 206 4.74 1.99 -5.04
CA SER A 206 3.81 0.89 -5.14
C SER A 206 4.09 -0.20 -4.11
N GLY A 207 5.28 -0.15 -3.52
CA GLY A 207 5.68 -1.11 -2.51
C GLY A 207 5.15 -0.77 -1.12
N THR A 208 4.60 0.43 -0.94
CA THR A 208 4.09 0.84 0.35
C THR A 208 2.60 0.76 0.36
N SER A 209 2.10 0.00 1.31
CA SER A 209 0.71 -0.28 1.44
C SER A 209 -0.13 0.77 2.06
N HIS A 210 -1.42 0.61 1.85
CA HIS A 210 -2.42 1.49 2.39
C HIS A 210 -2.40 1.43 3.88
N ILE A 211 -2.22 0.23 4.41
CA ILE A 211 -2.20 0.09 5.82
C ILE A 211 -1.01 0.82 6.40
N ALA A 212 0.19 0.66 5.81
CA ALA A 212 1.33 1.37 6.36
C ALA A 212 1.14 2.88 6.33
N VAL A 213 0.53 3.41 5.27
CA VAL A 213 0.33 4.85 5.20
C VAL A 213 -0.70 5.32 6.21
N GLU A 214 -1.82 4.60 6.35
CA GLU A 214 -2.82 5.02 7.31
C GLU A 214 -2.24 4.97 8.71
N ILE A 215 -1.40 3.96 8.98
CA ILE A 215 -0.78 3.91 10.27
C ILE A 215 0.08 5.13 10.44
N ALA A 216 0.87 5.48 9.43
CA ALA A 216 1.75 6.63 9.53
C ALA A 216 0.99 7.91 9.85
N GLY A 217 -0.20 8.07 9.27
CA GLY A 217 -1.01 9.24 9.56
C GLY A 217 -1.62 9.16 10.96
N ASP A 218 -1.81 7.95 11.49
CA ASP A 218 -2.41 7.80 12.78
C ASP A 218 -1.35 7.89 13.88
N LYS A 219 -1.24 9.12 14.39
CA LYS A 219 -0.26 9.47 15.40
C LYS A 219 -0.39 8.64 16.69
N ASN A 220 -1.61 8.24 17.06
CA ASN A 220 -1.79 7.52 18.31
C ASN A 220 -1.28 6.10 18.15
N VAL A 221 -1.56 5.55 16.98
CA VAL A 221 -1.10 4.21 16.67
C VAL A 221 0.39 4.21 16.52
N CYS A 222 0.95 5.20 15.82
CA CYS A 222 2.38 5.21 15.68
C CYS A 222 3.03 5.31 17.02
N ASN A 223 2.56 6.17 17.91
CA ASN A 223 3.28 6.19 19.15
C ASN A 223 3.24 4.86 19.86
N GLN A 224 2.12 4.14 19.82
CA GLN A 224 2.18 2.85 20.49
C GLN A 224 3.10 1.86 19.78
N LEU A 225 3.09 1.85 18.43
CA LEU A 225 3.94 0.91 17.72
C LEU A 225 5.40 1.22 17.92
N LEU A 226 5.72 2.50 18.00
CA LEU A 226 7.08 2.95 18.18
C LEU A 226 7.56 2.56 19.60
N GLN A 227 6.67 2.69 20.59
CA GLN A 227 7.00 2.29 21.95
C GLN A 227 7.27 0.80 22.03
N ASP A 228 6.54 0.00 21.25
CA ASP A 228 6.66 -1.46 21.25
C ASP A 228 8.00 -1.95 20.67
N LEU A 229 8.76 -1.05 20.05
CA LEU A 229 10.09 -1.36 19.54
C LEU A 229 11.16 -0.99 20.55
N GLY A 230 10.76 -0.24 21.57
CA GLY A 230 11.69 0.35 22.49
C GLY A 230 12.31 1.64 21.95
N LEU A 231 11.61 2.37 21.07
CA LEU A 231 12.22 3.59 20.54
C LEU A 231 12.18 4.71 21.55
N PRO A 232 13.11 5.67 21.44
CA PRO A 232 13.22 6.86 22.24
C PRO A 232 12.17 7.86 21.83
N VAL A 233 10.94 7.61 22.27
CA VAL A 233 9.79 8.45 21.89
C VAL A 233 9.20 9.08 23.14
N PRO A 234 8.52 10.23 23.05
CA PRO A 234 7.85 10.88 24.15
C PRO A 234 6.60 10.17 24.58
N LYS A 235 6.08 9.29 23.72
CA LYS A 235 4.83 8.61 23.96
C LYS A 235 3.79 9.61 24.43
N GLN A 236 3.09 9.35 25.54
CA GLN A 236 2.14 10.33 26.07
C GLN A 236 1.14 10.86 25.08
N ARG A 237 0.41 9.97 24.42
CA ARG A 237 -0.59 10.36 23.42
C ARG A 237 -1.98 10.11 23.98
N VAL A 238 -2.00 10.05 25.30
CA VAL A 238 -3.13 9.74 26.13
C VAL A 238 -4.19 10.85 26.27
N VAL A 239 -3.85 12.08 25.90
CA VAL A 239 -4.80 13.17 26.03
C VAL A 239 -5.52 13.60 24.77
N TYR A 240 -6.83 13.43 24.84
CA TYR A 240 -7.79 13.82 23.83
C TYR A 240 -8.21 15.26 24.11
N ASP A 241 -8.22 16.08 23.07
CA ASP A 241 -8.53 17.49 23.22
C ASP A 241 -7.63 18.06 24.30
N ILE A 242 -8.23 18.63 25.34
CA ILE A 242 -7.47 19.24 26.41
C ILE A 242 -7.83 18.64 27.76
N ASP A 243 -8.55 17.51 27.75
CA ASP A 243 -9.02 16.79 28.95
C ASP A 243 -9.65 17.74 29.98
N ASP A 244 -10.54 18.60 29.50
CA ASP A 244 -11.27 19.61 30.28
C ASP A 244 -10.42 20.72 30.91
N ALA A 245 -9.14 20.81 30.53
CA ALA A 245 -8.14 21.79 30.94
C ALA A 245 -7.49 21.41 32.28
N VAL A 246 -6.20 21.76 32.37
CA VAL A 246 -5.29 21.55 33.50
C VAL A 246 -4.94 20.09 33.73
N ARG A 247 -5.95 19.24 33.91
CA ARG A 247 -5.76 17.82 34.15
C ARG A 247 -4.93 17.21 33.03
N ALA A 248 -5.15 17.66 31.80
CA ALA A 248 -4.40 17.14 30.68
C ALA A 248 -2.91 17.29 30.84
N ALA A 249 -2.46 18.39 31.45
CA ALA A 249 -1.04 18.56 31.61
C ALA A 249 -0.60 17.78 32.84
N ARG A 250 -1.44 17.75 33.86
CA ARG A 250 -1.08 17.06 35.09
C ARG A 250 -0.77 15.60 34.80
N ARG A 251 -1.53 15.01 33.88
CA ARG A 251 -1.40 13.62 33.45
C ARG A 251 -0.13 13.28 32.67
N VAL A 252 0.54 14.27 32.08
CA VAL A 252 1.74 14.00 31.30
C VAL A 252 2.95 14.71 31.91
N GLY A 253 2.67 15.57 32.87
CA GLY A 253 3.63 16.40 33.55
C GLY A 253 3.31 17.81 33.11
N PHE A 254 3.34 18.75 34.03
CA PHE A 254 2.97 20.10 33.65
C PHE A 254 3.73 20.79 32.54
N PRO A 255 5.05 20.66 32.41
CA PRO A 255 5.81 21.29 31.35
C PRO A 255 5.42 20.65 30.03
N VAL A 256 4.42 21.25 29.38
CA VAL A 256 3.84 20.72 28.15
C VAL A 256 3.88 21.63 26.94
N VAL A 257 3.63 20.95 25.84
CA VAL A 257 3.50 21.48 24.51
C VAL A 257 2.13 21.08 23.98
N LEU A 258 1.41 22.02 23.42
CA LEU A 258 0.10 21.67 22.91
C LEU A 258 0.19 21.56 21.43
N LYS A 259 0.13 20.35 20.91
CA LYS A 259 0.36 20.15 19.50
C LYS A 259 -0.95 20.20 18.71
N PRO A 260 -1.07 21.04 17.68
CA PRO A 260 -2.23 21.17 16.83
C PRO A 260 -2.39 19.93 15.98
N LEU A 261 -3.61 19.59 15.69
CA LEU A 261 -3.96 18.45 14.85
C LEU A 261 -4.77 18.83 13.63
N ASP A 262 -5.20 17.80 12.91
CA ASP A 262 -6.10 17.94 11.79
C ASP A 262 -5.60 18.90 10.70
N GLY A 263 -6.44 19.85 10.30
CA GLY A 263 -6.11 20.77 9.21
C GLY A 263 -5.39 22.03 9.65
N ASN A 264 -4.94 22.11 10.90
CA ASN A 264 -4.29 23.35 11.26
C ASN A 264 -2.99 23.41 10.45
N HIS A 265 -3.01 24.31 9.46
CA HIS A 265 -1.95 24.53 8.47
C HIS A 265 -0.71 25.15 9.07
N GLY A 266 -0.93 26.16 9.89
CA GLY A 266 0.13 26.90 10.50
C GLY A 266 0.44 26.14 11.75
N ARG A 267 1.16 26.73 12.69
CA ARG A 267 1.48 25.96 13.86
C ARG A 267 0.83 26.54 15.10
N GLY A 268 -0.40 26.12 15.37
CA GLY A 268 -1.12 26.56 16.56
C GLY A 268 -0.59 25.77 17.75
N VAL A 269 0.68 26.01 18.07
CA VAL A 269 1.33 25.25 19.12
C VAL A 269 1.67 26.16 20.28
N SER A 270 1.32 25.70 21.45
CA SER A 270 1.67 26.46 22.64
C SER A 270 2.85 25.75 23.24
N VAL A 271 3.81 26.51 23.74
CA VAL A 271 5.01 25.89 24.28
C VAL A 271 5.39 26.38 25.67
N ASN A 272 6.20 25.57 26.34
CA ASN A 272 6.81 25.87 27.63
C ASN A 272 5.78 26.27 28.67
N LEU A 273 4.70 25.52 28.74
CA LEU A 273 3.64 25.81 29.68
C LEU A 273 3.85 24.95 30.89
N THR A 274 4.17 25.53 32.05
CA THR A 274 4.51 24.73 33.23
C THR A 274 3.57 24.80 34.44
N THR A 275 2.50 25.59 34.37
CA THR A 275 1.60 25.77 35.51
C THR A 275 0.16 25.52 35.11
N ASP A 276 -0.75 25.45 36.09
CA ASP A 276 -2.17 25.23 35.80
C ASP A 276 -2.73 26.37 34.96
N GLU A 277 -2.34 27.59 35.27
CA GLU A 277 -2.82 28.75 34.56
C GLU A 277 -2.27 28.80 33.14
N ALA A 278 -0.99 28.47 32.99
CA ALA A 278 -0.36 28.52 31.68
C ALA A 278 -1.02 27.54 30.74
N VAL A 279 -1.35 26.36 31.25
CA VAL A 279 -1.94 25.38 30.39
C VAL A 279 -3.40 25.69 30.21
N GLU A 280 -4.13 26.10 31.26
CA GLU A 280 -5.54 26.38 31.06
C GLU A 280 -5.72 27.45 30.02
N ALA A 281 -4.91 28.51 30.07
CA ALA A 281 -5.06 29.54 29.07
C ALA A 281 -4.67 29.03 27.70
N ALA A 282 -3.56 28.29 27.62
CA ALA A 282 -3.10 27.80 26.35
C ALA A 282 -4.03 26.79 25.69
N PHE A 283 -4.70 25.99 26.47
CA PHE A 283 -5.52 24.94 25.92
C PHE A 283 -6.58 25.46 24.96
N ASP A 284 -7.23 26.57 25.29
CA ASP A 284 -8.29 27.10 24.43
C ASP A 284 -7.76 28.10 23.39
N ILE A 285 -6.45 28.28 23.36
CA ILE A 285 -5.80 29.14 22.39
C ILE A 285 -5.21 28.25 21.32
N ALA A 286 -4.46 27.24 21.76
CA ALA A 286 -3.86 26.30 20.83
C ALA A 286 -4.93 25.53 20.09
N MET A 287 -6.01 25.14 20.79
CA MET A 287 -7.06 24.41 20.12
C MET A 287 -8.03 25.38 19.49
N SER A 288 -7.52 26.12 18.51
CA SER A 288 -8.23 27.19 17.82
C SER A 288 -9.27 26.64 16.87
N GLU A 289 -9.15 25.36 16.56
CA GLU A 289 -10.05 24.67 15.65
C GLU A 289 -11.26 24.13 16.43
N GLY A 290 -11.15 24.12 17.76
CA GLY A 290 -12.19 23.63 18.67
C GLY A 290 -12.10 22.13 19.01
N SER A 291 -11.37 21.38 18.20
CA SER A 291 -11.21 19.94 18.37
C SER A 291 -9.95 19.40 17.68
N ALA A 292 -8.84 20.13 17.75
CA ALA A 292 -7.63 19.68 17.09
C ALA A 292 -6.36 19.89 17.89
N VAL A 293 -6.29 19.32 19.10
CA VAL A 293 -5.10 19.34 19.97
C VAL A 293 -4.82 18.01 20.65
N ILE A 294 -3.54 17.70 20.77
CA ILE A 294 -3.11 16.55 21.56
C ILE A 294 -2.14 17.12 22.60
N VAL A 295 -2.22 16.65 23.82
CA VAL A 295 -1.32 17.22 24.84
C VAL A 295 -0.16 16.28 25.14
N GLU A 296 1.07 16.79 25.01
CA GLU A 296 2.28 15.99 25.25
C GLU A 296 3.22 16.75 26.14
N SER A 297 4.09 16.07 26.89
CA SER A 297 5.08 16.83 27.63
C SER A 297 6.08 17.40 26.65
N MET A 298 6.78 18.44 27.09
CA MET A 298 7.80 19.12 26.32
C MET A 298 9.17 18.45 26.43
N LEU A 299 9.80 18.22 25.29
CA LEU A 299 11.16 17.69 25.29
C LEU A 299 12.00 18.72 24.57
N TYR A 300 13.29 18.79 24.83
CA TYR A 300 14.05 19.79 24.12
C TYR A 300 15.02 19.22 23.12
N GLY A 301 15.16 19.95 22.02
CA GLY A 301 16.05 19.62 20.93
C GLY A 301 15.66 20.40 19.69
N ASP A 302 16.48 20.32 18.65
CA ASP A 302 16.19 21.01 17.40
C ASP A 302 15.36 20.11 16.51
N ASP A 303 14.99 20.58 15.33
CA ASP A 303 14.17 19.82 14.39
C ASP A 303 14.92 19.06 13.31
N HIS A 304 15.15 17.77 13.50
CA HIS A 304 15.91 16.99 12.52
C HIS A 304 14.98 16.07 11.74
N ARG A 305 15.36 15.80 10.51
CA ARG A 305 14.66 14.84 9.70
C ARG A 305 15.61 13.85 9.13
N LEU A 306 15.32 12.58 9.38
CA LEU A 306 16.16 11.52 8.85
C LEU A 306 15.44 10.73 7.78
N LEU A 307 15.80 10.99 6.51
CA LEU A 307 15.11 10.39 5.38
C LEU A 307 15.73 9.09 5.01
N VAL A 308 14.93 8.08 5.17
CA VAL A 308 15.30 6.71 4.94
C VAL A 308 14.47 6.13 3.84
N VAL A 309 15.16 5.45 2.94
CA VAL A 309 14.48 4.83 1.82
C VAL A 309 14.68 3.33 1.90
N ASN A 310 15.70 2.76 1.28
CA ASN A 310 15.82 1.32 1.38
C ASN A 310 16.66 0.96 2.61
N GLY A 311 16.15 1.25 3.80
CA GLY A 311 16.88 1.02 5.07
C GLY A 311 17.89 2.16 5.35
N GLU A 312 18.66 2.45 4.32
CA GLU A 312 19.68 3.47 4.25
C GLU A 312 19.17 4.89 4.48
N LEU A 313 19.94 5.66 5.26
CA LEU A 313 19.65 7.07 5.44
C LEU A 313 20.24 7.75 4.23
N VAL A 314 19.41 8.43 3.46
CA VAL A 314 19.87 9.02 2.22
C VAL A 314 19.97 10.52 2.29
N ALA A 315 19.25 11.11 3.21
CA ALA A 315 19.28 12.54 3.36
C ALA A 315 18.89 12.91 4.75
N ALA A 316 19.33 14.06 5.19
CA ALA A 316 18.91 14.53 6.47
C ALA A 316 18.78 16.02 6.40
N ALA A 317 17.92 16.56 7.23
CA ALA A 317 17.74 17.99 7.29
C ALA A 317 17.58 18.43 8.71
N ARG A 318 18.02 19.65 8.95
CA ARG A 318 17.88 20.29 10.23
C ARG A 318 17.17 21.55 9.88
N ARG A 319 15.89 21.57 10.19
CA ARG A 319 15.02 22.62 9.72
C ARG A 319 14.99 23.77 10.68
N VAL A 320 16.13 24.43 10.77
CA VAL A 320 16.29 25.49 11.74
C VAL A 320 15.48 26.69 11.29
N PRO A 321 14.59 27.21 12.12
CA PRO A 321 13.76 28.34 11.81
C PRO A 321 14.63 29.56 11.56
N GLY A 322 14.17 30.44 10.68
CA GLY A 322 14.91 31.65 10.39
C GLY A 322 15.13 32.42 11.68
N HIS A 323 16.32 32.97 11.78
CA HIS A 323 16.78 33.67 12.95
C HIS A 323 17.89 34.63 12.62
N ILE A 324 18.23 35.44 13.59
CA ILE A 324 19.35 36.31 13.47
C ILE A 324 20.35 36.08 14.57
N VAL A 325 21.61 36.26 14.21
CA VAL A 325 22.69 36.15 15.17
C VAL A 325 23.40 37.48 15.18
N GLY A 326 23.63 38.03 16.37
CA GLY A 326 24.29 39.33 16.46
C GLY A 326 25.76 39.30 16.06
N ASP A 327 26.22 40.39 15.43
CA ASP A 327 27.60 40.56 15.05
C ASP A 327 28.32 41.54 15.94
N GLY A 328 27.63 41.98 16.97
CA GLY A 328 28.19 42.93 17.91
C GLY A 328 27.95 44.38 17.51
N LYS A 329 27.41 44.62 16.33
CA LYS A 329 27.17 45.99 15.89
C LYS A 329 25.77 46.33 15.39
N HIS A 330 25.06 45.39 14.76
CA HIS A 330 23.78 45.75 14.16
C HIS A 330 22.59 45.35 14.99
N ASN A 331 21.53 46.13 14.90
CA ASN A 331 20.32 45.80 15.62
C ASN A 331 19.46 44.77 14.95
N VAL A 332 18.36 44.41 15.61
CA VAL A 332 17.52 43.36 15.06
C VAL A 332 16.97 43.75 13.71
N GLU A 333 16.42 44.96 13.58
CA GLU A 333 15.87 45.35 12.29
C GLU A 333 16.92 45.41 11.17
N ALA A 334 18.11 45.96 11.46
CA ALA A 334 19.18 46.06 10.47
C ALA A 334 19.63 44.69 10.02
N LEU A 335 19.65 43.74 10.95
CA LEU A 335 20.07 42.38 10.65
C LEU A 335 19.10 41.75 9.68
N ILE A 336 17.83 42.13 9.73
CA ILE A 336 16.85 41.53 8.83
C ILE A 336 17.16 42.00 7.41
N GLU A 337 17.46 43.29 7.27
CA GLU A 337 17.80 43.84 5.97
C GLU A 337 19.05 43.17 5.41
N ILE A 338 20.01 42.87 6.30
CA ILE A 338 21.26 42.20 5.96
C ILE A 338 21.03 40.74 5.53
N VAL A 339 20.20 40.00 6.28
CA VAL A 339 19.89 38.61 5.97
C VAL A 339 19.27 38.49 4.59
N ASN A 340 18.41 39.42 4.27
CA ASN A 340 17.70 39.42 3.00
C ASN A 340 18.59 39.75 1.80
N GLN A 341 19.89 40.04 2.02
CA GLN A 341 20.78 40.29 0.90
C GLN A 341 21.40 38.99 0.41
N ASP A 342 21.12 37.88 1.10
CA ASP A 342 21.63 36.57 0.71
C ASP A 342 21.06 36.29 -0.69
N PRO A 343 21.89 36.08 -1.72
CA PRO A 343 21.52 35.94 -3.12
C PRO A 343 20.63 34.75 -3.39
N ARG A 344 20.54 33.81 -2.44
CA ARG A 344 19.70 32.65 -2.63
C ARG A 344 18.25 32.88 -2.18
N ARG A 345 17.97 34.04 -1.58
CA ARG A 345 16.63 34.34 -1.07
C ARG A 345 15.79 35.10 -2.07
N GLY A 346 14.49 34.82 -2.09
CA GLY A 346 13.59 35.53 -2.99
C GLY A 346 12.54 34.59 -3.55
N VAL A 347 12.03 34.93 -4.72
CA VAL A 347 11.00 34.14 -5.38
C VAL A 347 11.42 33.78 -6.80
N GLY A 348 10.78 32.78 -7.39
CA GLY A 348 11.09 32.38 -8.77
C GLY A 348 12.22 31.36 -8.80
N HIS A 349 12.88 31.26 -9.95
CA HIS A 349 13.92 30.26 -10.18
C HIS A 349 15.17 30.71 -9.42
N GLU A 350 16.02 29.75 -9.01
CA GLU A 350 17.28 30.01 -8.28
C GLU A 350 17.09 30.41 -6.81
N ASN A 351 16.15 31.31 -6.57
CA ASN A 351 15.92 31.81 -5.24
C ASN A 351 15.10 30.82 -4.43
N MET A 352 15.78 29.87 -3.81
CA MET A 352 15.10 28.78 -3.12
C MET A 352 14.86 29.02 -1.63
N LEU A 353 15.37 30.12 -1.08
CA LEU A 353 15.22 30.43 0.34
C LEU A 353 14.21 31.56 0.58
N THR A 354 13.61 31.59 1.76
CA THR A 354 12.64 32.63 2.08
C THR A 354 13.28 33.93 2.52
N LYS A 355 12.44 34.93 2.76
CA LYS A 355 12.92 36.22 3.26
C LYS A 355 12.41 36.44 4.66
N ILE A 356 13.12 37.25 5.42
CA ILE A 356 12.72 37.52 6.78
C ILE A 356 12.13 38.93 6.89
N GLU A 357 10.98 39.02 7.54
CA GLU A 357 10.31 40.28 7.75
C GLU A 357 9.89 40.28 9.20
N LEU A 358 9.76 41.45 9.82
CA LEU A 358 9.33 41.44 11.21
C LEU A 358 7.82 41.51 11.33
N ASP A 359 7.21 40.39 10.95
CA ASP A 359 5.79 40.13 10.95
C ASP A 359 5.38 39.67 12.34
N GLU A 360 4.11 39.28 12.51
CA GLU A 360 3.62 38.93 13.84
C GLU A 360 4.34 37.74 14.49
N GLN A 361 4.68 36.72 13.71
CA GLN A 361 5.37 35.57 14.30
C GLN A 361 6.74 36.02 14.78
N ALA A 362 7.45 36.77 13.93
CA ALA A 362 8.77 37.23 14.29
C ALA A 362 8.71 38.19 15.46
N LEU A 363 7.69 39.03 15.48
CA LEU A 363 7.54 40.03 16.49
C LEU A 363 7.28 39.40 17.84
N LYS A 364 6.42 38.38 17.90
CA LYS A 364 6.18 37.75 19.18
C LYS A 364 7.47 37.15 19.69
N LEU A 365 8.25 36.52 18.81
CA LEU A 365 9.49 35.92 19.25
C LEU A 365 10.54 36.93 19.70
N LEU A 366 10.67 38.06 18.99
CA LEU A 366 11.69 39.00 19.42
C LEU A 366 11.22 39.68 20.70
N ALA A 367 9.90 39.86 20.86
CA ALA A 367 9.35 40.45 22.08
C ALA A 367 9.61 39.52 23.29
N GLU A 368 9.49 38.20 23.09
CA GLU A 368 9.72 37.20 24.15
C GLU A 368 11.16 37.27 24.64
N LYS A 369 12.07 37.60 23.74
CA LYS A 369 13.48 37.74 24.05
C LYS A 369 13.86 39.14 24.60
N GLY A 370 12.89 40.05 24.74
CA GLY A 370 13.19 41.38 25.26
C GLY A 370 13.63 42.45 24.26
N TYR A 371 13.28 42.29 22.97
CA TYR A 371 13.67 43.29 21.97
C TYR A 371 12.52 44.19 21.46
N ASP A 372 12.88 45.44 21.17
CA ASP A 372 11.99 46.44 20.54
C ASP A 372 12.41 46.72 19.10
N LYS A 373 13.22 45.82 18.55
CA LYS A 373 13.78 45.84 17.18
C LYS A 373 15.03 46.72 16.98
N ASP A 374 15.13 47.87 17.65
CA ASP A 374 16.28 48.72 17.36
C ASP A 374 17.48 48.51 18.25
N SER A 375 17.40 47.56 19.17
CA SER A 375 18.52 47.29 20.05
C SER A 375 19.45 46.26 19.44
N ILE A 376 20.67 46.20 19.98
CA ILE A 376 21.70 45.34 19.46
C ILE A 376 21.96 44.11 20.30
N PRO A 377 21.73 42.88 19.77
CA PRO A 377 21.97 41.62 20.43
C PRO A 377 23.44 41.50 20.74
N ALA A 378 23.79 40.80 21.79
CA ALA A 378 25.19 40.60 22.09
C ALA A 378 25.81 39.75 21.01
N LYS A 379 27.08 39.95 20.72
CA LYS A 379 27.68 39.13 19.69
C LYS A 379 27.43 37.65 19.97
N ASP A 380 26.99 36.95 18.92
CA ASP A 380 26.65 35.52 18.88
C ASP A 380 25.37 35.15 19.64
N GLU A 381 24.60 36.15 20.08
CA GLU A 381 23.30 35.95 20.69
C GLU A 381 22.30 35.61 19.60
N VAL A 382 21.40 34.65 19.85
CA VAL A 382 20.42 34.29 18.82
C VAL A 382 18.96 34.50 19.22
N VAL A 383 18.27 35.20 18.33
CA VAL A 383 16.84 35.50 18.42
C VAL A 383 16.16 34.84 17.22
N TYR A 384 15.15 34.02 17.49
CA TYR A 384 14.46 33.33 16.40
C TYR A 384 13.33 34.16 15.91
N LEU A 385 13.13 34.19 14.59
CA LEU A 385 12.06 34.97 14.00
C LEU A 385 11.00 34.09 13.33
N ARG A 386 11.12 32.79 13.57
CA ARG A 386 10.23 31.74 13.09
C ARG A 386 10.10 30.67 14.15
N ARG A 387 8.94 30.02 14.24
CA ARG A 387 8.82 28.91 15.18
C ARG A 387 9.47 27.62 14.69
N THR A 388 9.35 27.26 13.40
CA THR A 388 9.96 26.03 12.89
C THR A 388 9.89 25.86 11.36
N ALA A 389 10.89 25.20 10.77
CA ALA A 389 10.90 24.70 9.39
C ALA A 389 10.36 25.63 8.30
N ASN A 390 9.41 25.07 7.49
CA ASN A 390 8.73 25.63 6.31
C ASN A 390 9.55 25.62 5.03
N ILE A 391 8.85 25.67 3.89
CA ILE A 391 9.52 25.78 2.60
C ILE A 391 9.46 27.21 2.06
N SER A 392 8.28 27.86 2.14
CA SER A 392 8.11 29.19 1.57
C SER A 392 8.47 30.32 2.53
N THR A 393 8.36 30.00 3.81
CA THR A 393 8.66 30.91 4.92
C THR A 393 9.85 30.35 5.67
N GLY A 394 10.47 29.35 5.06
CA GLY A 394 11.62 28.64 5.57
C GLY A 394 12.65 28.40 4.47
N GLY A 395 12.87 27.12 4.19
CA GLY A 395 13.83 26.64 3.20
C GLY A 395 15.15 26.19 3.84
N THR A 396 15.22 26.22 5.17
CA THR A 396 16.43 25.79 5.86
C THR A 396 16.55 24.28 5.84
N ALA A 397 17.73 23.79 5.49
CA ALA A 397 18.04 22.38 5.51
C ALA A 397 19.55 22.26 5.66
N ILE A 398 20.02 22.19 6.92
CA ILE A 398 21.47 22.25 7.14
C ILE A 398 22.11 21.01 7.82
N ASP A 399 21.50 19.83 7.72
CA ASP A 399 22.08 18.66 8.38
C ASP A 399 22.91 17.83 7.42
N VAL A 400 23.47 16.76 7.96
CA VAL A 400 24.28 15.80 7.24
C VAL A 400 23.80 14.39 7.53
N THR A 401 24.26 13.39 6.80
CA THR A 401 23.86 12.01 7.08
C THR A 401 25.06 11.26 7.57
N ASP A 402 26.19 11.82 7.24
CA ASP A 402 27.50 11.27 7.48
C ASP A 402 28.08 11.39 8.89
N THR A 403 27.61 12.32 9.72
CA THR A 403 28.15 12.42 11.08
C THR A 403 27.16 11.93 12.12
N ILE A 404 25.97 11.51 11.68
CA ILE A 404 24.93 11.11 12.62
C ILE A 404 25.29 9.80 13.28
N HIS A 405 25.14 9.77 14.59
CA HIS A 405 25.50 8.57 15.33
C HIS A 405 24.72 7.38 14.76
N PRO A 406 25.36 6.22 14.49
CA PRO A 406 24.75 5.01 13.94
C PRO A 406 23.51 4.55 14.66
N GLU A 407 23.41 4.78 15.97
CA GLU A 407 22.24 4.33 16.66
C GLU A 407 21.04 5.23 16.46
N ASN A 408 21.24 6.49 16.09
CA ASN A 408 20.09 7.35 15.89
C ASN A 408 19.53 6.97 14.54
N LYS A 409 20.45 6.60 13.64
CA LYS A 409 20.06 6.19 12.29
C LYS A 409 19.26 4.91 12.39
N LEU A 410 19.69 4.01 13.28
CA LEU A 410 18.99 2.75 13.50
C LEU A 410 17.62 2.98 14.09
N MET A 411 17.50 3.88 15.07
CA MET A 411 16.18 4.09 15.63
C MET A 411 15.22 4.66 14.58
N ALA A 412 15.71 5.54 13.69
CA ALA A 412 14.83 6.06 12.65
C ALA A 412 14.38 4.93 11.71
N GLU A 413 15.31 4.02 11.36
CA GLU A 413 14.95 2.92 10.47
C GLU A 413 13.89 2.04 11.10
N ARG A 414 14.06 1.77 12.39
CA ARG A 414 13.13 0.92 13.10
C ARG A 414 11.73 1.55 13.16
N ALA A 415 11.65 2.88 13.33
CA ALA A 415 10.36 3.56 13.36
C ALA A 415 9.60 3.38 12.06
N ILE A 416 10.33 3.47 10.95
CA ILE A 416 9.74 3.34 9.64
C ILE A 416 9.26 1.91 9.43
N ARG A 417 10.08 0.93 9.80
CA ARG A 417 9.70 -0.47 9.67
C ARG A 417 8.48 -0.86 10.49
N ALA A 418 8.34 -0.34 11.72
CA ALA A 418 7.17 -0.69 12.54
C ALA A 418 5.89 -0.28 11.87
N VAL A 419 5.93 0.85 11.18
CA VAL A 419 4.75 1.29 10.46
C VAL A 419 4.60 0.38 9.24
N GLY A 420 5.71 0.10 8.55
CA GLY A 420 5.70 -0.76 7.37
C GLY A 420 5.85 0.03 6.08
N LEU A 421 6.41 1.22 6.19
CA LEU A 421 6.61 2.12 5.06
C LEU A 421 7.92 1.86 4.35
N ASP A 422 8.01 2.19 3.07
CA ASP A 422 9.33 2.15 2.47
C ASP A 422 10.02 3.49 2.65
N ILE A 423 9.26 4.57 2.56
CA ILE A 423 9.89 5.89 2.59
C ILE A 423 9.30 6.83 3.61
N GLY A 424 10.17 7.44 4.40
CA GLY A 424 9.72 8.43 5.38
C GLY A 424 10.90 9.15 5.99
N ALA A 425 10.63 10.31 6.59
CA ALA A 425 11.72 11.06 7.21
C ALA A 425 11.42 11.25 8.66
N VAL A 426 12.05 10.48 9.51
CA VAL A 426 11.65 10.52 10.89
C VAL A 426 11.88 11.87 11.48
N ASP A 427 10.86 12.33 12.18
CA ASP A 427 10.82 13.63 12.82
C ASP A 427 11.46 13.41 14.17
N PHE A 428 12.71 13.84 14.25
CA PHE A 428 13.56 13.57 15.38
C PHE A 428 14.08 14.82 16.08
N LEU A 429 13.84 14.91 17.36
CA LEU A 429 14.28 16.04 18.11
C LEU A 429 15.50 15.75 18.95
N THR A 430 16.49 16.61 18.82
CA THR A 430 17.72 16.46 19.61
C THR A 430 18.56 17.69 19.74
N THR A 431 19.31 17.73 20.82
CA THR A 431 20.26 18.80 21.05
C THR A 431 21.60 18.46 20.40
N ASP A 432 21.85 17.18 20.16
CA ASP A 432 23.10 16.74 19.53
C ASP A 432 22.96 15.42 18.78
N ILE A 433 22.88 15.51 17.47
CA ILE A 433 22.62 14.39 16.57
C ILE A 433 23.82 13.46 16.42
N THR A 434 24.98 13.86 16.94
CA THR A 434 26.18 13.05 16.82
C THR A 434 26.36 12.16 18.05
N LYS A 435 25.46 12.29 19.03
CA LYS A 435 25.48 11.47 20.23
C LYS A 435 24.38 10.44 20.08
N SER A 436 24.44 9.34 20.83
CA SER A 436 23.40 8.34 20.74
C SER A 436 22.13 8.81 21.42
N TYR A 437 21.05 8.09 21.11
CA TYR A 437 19.70 8.32 21.59
C TYR A 437 19.55 8.22 23.08
N ARG A 438 20.51 7.60 23.74
CA ARG A 438 20.44 7.44 25.18
C ARG A 438 20.34 8.79 25.86
N ASP A 439 20.92 9.84 25.26
CA ASP A 439 20.88 11.17 25.84
C ASP A 439 19.85 12.08 25.17
N ILE A 440 18.97 11.50 24.34
CA ILE A 440 17.98 12.31 23.63
C ILE A 440 16.58 12.00 24.15
N GLY A 441 16.03 12.96 24.90
CA GLY A 441 14.80 12.80 25.66
C GLY A 441 13.50 12.65 24.89
N GLY A 442 13.33 11.52 24.22
CA GLY A 442 12.12 11.29 23.44
C GLY A 442 12.29 11.89 22.07
N GLY A 443 13.47 11.76 21.52
CA GLY A 443 13.71 12.35 20.20
C GLY A 443 12.77 11.90 19.07
N ILE A 444 12.31 10.65 19.00
CA ILE A 444 11.43 10.35 17.86
C ILE A 444 10.02 10.75 18.17
N CYS A 445 9.48 11.63 17.35
CA CYS A 445 8.15 12.14 17.60
C CYS A 445 7.15 11.67 16.56
N GLU A 446 7.56 11.69 15.28
CA GLU A 446 6.65 11.28 14.21
C GLU A 446 7.38 10.48 13.13
N VAL A 447 6.68 9.56 12.46
CA VAL A 447 7.29 8.80 11.37
C VAL A 447 7.39 9.66 10.09
N ASN A 448 6.43 10.58 9.89
CA ASN A 448 6.46 11.47 8.74
C ASN A 448 6.56 10.74 7.40
N ALA A 449 5.59 9.89 7.12
CA ALA A 449 5.65 9.11 5.90
C ALA A 449 5.57 9.98 4.68
N GLY A 450 6.31 9.61 3.65
CA GLY A 450 6.23 10.28 2.36
C GLY A 450 6.39 11.82 2.39
N PRO A 451 7.52 12.35 2.88
CA PRO A 451 7.78 13.77 3.04
C PRO A 451 7.98 14.43 1.70
N GLY A 452 7.74 15.74 1.64
CA GLY A 452 8.07 16.42 0.41
C GLY A 452 9.58 16.39 0.32
N LEU A 453 10.11 16.22 -0.88
CA LEU A 453 11.56 16.15 -1.06
C LEU A 453 12.09 17.53 -1.23
N ARG A 454 11.18 18.48 -1.28
CA ARG A 454 11.48 19.89 -1.41
C ARG A 454 12.24 20.35 -0.17
N MET A 455 12.09 19.59 0.92
CA MET A 455 12.75 19.90 2.16
C MET A 455 14.13 19.18 2.33
N HIS A 456 14.52 18.34 1.36
CA HIS A 456 15.79 17.57 1.43
C HIS A 456 16.72 17.73 0.22
N ILE A 457 16.14 17.84 -0.96
CA ILE A 457 16.89 17.93 -2.19
C ILE A 457 17.48 19.32 -2.24
N SER A 458 18.73 19.44 -2.70
CA SER A 458 19.35 20.77 -2.79
C SER A 458 19.26 21.58 -1.48
N PRO A 459 19.92 21.12 -0.41
CA PRO A 459 19.89 21.66 0.94
C PRO A 459 20.57 23.03 1.01
N SER A 460 20.29 23.77 2.08
CA SER A 460 20.86 25.10 2.24
C SER A 460 22.33 25.06 2.69
N GLU A 461 22.75 23.94 3.29
CA GLU A 461 24.15 23.76 3.68
C GLU A 461 24.55 22.29 3.57
N GLY A 462 25.84 22.05 3.40
CA GLY A 462 26.36 20.71 3.33
C GLY A 462 26.20 20.19 1.91
N PRO A 463 26.65 18.96 1.65
CA PRO A 463 26.58 18.32 0.36
C PRO A 463 25.15 17.93 0.04
N SER A 464 24.82 17.88 -1.23
CA SER A 464 23.50 17.42 -1.62
C SER A 464 23.49 15.90 -1.69
N ARG A 465 22.30 15.32 -1.69
CA ARG A 465 22.18 13.89 -1.83
C ARG A 465 21.15 13.59 -2.91
N ASP A 466 21.38 12.54 -3.67
CA ASP A 466 20.47 12.22 -4.75
C ASP A 466 19.29 11.43 -4.25
N VAL A 467 18.33 12.15 -3.68
CA VAL A 467 17.17 11.49 -3.09
C VAL A 467 16.34 10.85 -4.20
N GLY A 468 16.31 11.49 -5.38
CA GLY A 468 15.56 10.96 -6.51
C GLY A 468 16.15 9.61 -6.90
N GLY A 469 17.46 9.59 -7.11
CA GLY A 469 18.15 8.37 -7.51
C GLY A 469 18.03 7.27 -6.47
N LYS A 470 18.12 7.62 -5.18
CA LYS A 470 18.05 6.61 -4.13
C LYS A 470 16.68 5.94 -4.11
N ILE A 471 15.64 6.69 -4.45
CA ILE A 471 14.33 6.10 -4.54
C ILE A 471 14.26 5.21 -5.78
N MET A 472 14.76 5.68 -6.91
CA MET A 472 14.67 4.87 -8.12
C MET A 472 15.49 3.58 -8.00
N ASP A 473 16.57 3.61 -7.22
CA ASP A 473 17.45 2.46 -7.04
C ASP A 473 16.74 1.26 -6.44
N MET A 474 15.65 1.48 -5.70
CA MET A 474 14.95 0.35 -5.08
C MET A 474 13.64 0.03 -5.79
N LEU A 475 13.43 0.67 -6.94
CA LEU A 475 12.25 0.45 -7.76
C LEU A 475 12.64 -0.22 -9.04
N PHE A 476 13.67 0.32 -9.66
CA PHE A 476 14.21 -0.15 -10.90
C PHE A 476 15.72 -0.29 -10.74
N PRO A 477 16.18 -1.29 -9.95
CA PRO A 477 17.56 -1.53 -9.57
C PRO A 477 18.32 -2.05 -10.77
N GLN A 478 19.63 -1.98 -10.76
CA GLN A 478 20.42 -2.54 -11.85
C GLN A 478 20.33 -4.07 -11.87
N GLY A 479 19.86 -4.64 -10.77
CA GLY A 479 19.66 -6.07 -10.62
C GLY A 479 18.50 -6.60 -11.48
N SER A 480 17.66 -5.70 -12.01
CA SER A 480 16.55 -6.11 -12.85
C SER A 480 16.54 -5.24 -14.10
N GLN A 481 17.04 -5.81 -15.20
CA GLN A 481 17.22 -5.10 -16.46
C GLN A 481 15.98 -4.88 -17.31
N SER A 482 14.95 -5.69 -17.15
CA SER A 482 13.78 -5.48 -17.98
C SER A 482 12.87 -4.47 -17.31
N ARG A 483 12.65 -3.34 -17.98
CA ARG A 483 11.83 -2.27 -17.45
C ARG A 483 10.73 -2.06 -18.45
N VAL A 484 11.05 -2.53 -19.64
CA VAL A 484 10.22 -2.37 -20.82
C VAL A 484 10.08 -3.71 -21.55
N PRO A 485 9.04 -3.92 -22.36
CA PRO A 485 8.85 -5.02 -23.25
C PRO A 485 9.78 -4.80 -24.40
N ILE A 486 10.08 -5.84 -25.14
CA ILE A 486 10.84 -5.60 -26.35
C ILE A 486 9.86 -4.98 -27.32
N ALA A 487 10.26 -3.90 -27.96
CA ALA A 487 9.40 -3.27 -28.94
C ALA A 487 9.75 -3.88 -30.28
N ALA A 488 8.78 -4.57 -30.89
CA ALA A 488 8.99 -5.34 -32.11
C ALA A 488 7.90 -5.11 -33.14
N ILE A 489 7.91 -3.95 -33.77
CA ILE A 489 6.77 -3.49 -34.54
C ILE A 489 6.94 -3.43 -36.06
N THR A 490 6.04 -4.10 -36.73
CA THR A 490 5.98 -4.16 -38.17
C THR A 490 5.28 -2.93 -38.72
N GLY A 491 5.43 -2.71 -40.01
CA GLY A 491 4.83 -1.60 -40.71
C GLY A 491 3.40 -1.84 -41.12
N THR A 492 2.94 -1.00 -42.02
CA THR A 492 1.56 -0.96 -42.46
C THR A 492 1.35 -2.08 -43.49
N ASN A 493 1.48 -3.32 -43.02
CA ASN A 493 1.53 -4.50 -43.87
C ASN A 493 0.52 -5.62 -43.53
N GLY A 494 0.99 -6.89 -43.58
CA GLY A 494 0.18 -8.11 -43.38
C GLY A 494 -0.15 -8.37 -41.91
N LYS A 495 -0.85 -7.40 -41.35
CA LYS A 495 -1.27 -7.32 -39.95
C LYS A 495 -2.26 -8.42 -39.57
N THR A 496 -2.81 -9.12 -40.57
CA THR A 496 -3.75 -10.18 -40.33
C THR A 496 -3.15 -11.58 -40.55
N THR A 497 -1.90 -11.67 -41.03
CA THR A 497 -1.27 -12.98 -41.29
C THR A 497 0.15 -13.07 -40.74
N CYS A 498 0.99 -12.08 -41.10
CA CYS A 498 2.39 -12.06 -40.64
C CYS A 498 2.34 -11.95 -39.14
N SER A 499 1.41 -11.11 -38.69
CA SER A 499 1.18 -10.82 -37.30
C SER A 499 0.74 -12.01 -36.50
N ARG A 500 0.03 -12.93 -37.14
CA ARG A 500 -0.44 -14.08 -36.43
C ARG A 500 0.73 -15.00 -36.26
N MET A 501 1.53 -15.11 -37.31
CA MET A 501 2.69 -15.98 -37.25
C MET A 501 3.65 -15.47 -36.21
N LEU A 502 3.86 -14.16 -36.12
CA LEU A 502 4.79 -13.69 -35.11
C LEU A 502 4.22 -13.86 -33.72
N ALA A 503 2.93 -13.59 -33.53
CA ALA A 503 2.35 -13.75 -32.22
C ALA A 503 2.44 -15.22 -31.78
N HIS A 504 2.28 -16.15 -32.73
CA HIS A 504 2.37 -17.56 -32.40
C HIS A 504 3.80 -17.89 -32.06
N ILE A 505 4.76 -17.31 -32.75
CA ILE A 505 6.14 -17.59 -32.42
C ILE A 505 6.46 -17.15 -31.03
N LEU A 506 6.05 -15.96 -30.67
CA LEU A 506 6.42 -15.49 -29.37
C LEU A 506 5.66 -16.22 -28.27
N LYS A 507 4.38 -16.55 -28.50
CA LYS A 507 3.65 -17.28 -27.48
C LYS A 507 4.18 -18.71 -27.33
N MET A 508 4.54 -19.36 -28.43
CA MET A 508 5.07 -20.72 -28.39
C MET A 508 6.47 -20.71 -27.78
N ALA A 509 7.21 -19.60 -27.99
CA ALA A 509 8.51 -19.36 -27.39
C ALA A 509 8.36 -19.29 -25.87
N GLY A 510 7.22 -18.73 -25.42
CA GLY A 510 6.88 -18.58 -24.01
C GLY A 510 6.74 -17.14 -23.51
N HIS A 511 6.77 -16.16 -24.43
CA HIS A 511 6.63 -14.75 -24.06
C HIS A 511 5.18 -14.33 -24.07
N VAL A 512 4.82 -13.35 -23.25
CA VAL A 512 3.50 -12.77 -23.40
C VAL A 512 3.62 -11.66 -24.41
N VAL A 513 2.87 -11.79 -25.49
CA VAL A 513 2.92 -10.85 -26.58
C VAL A 513 1.58 -10.20 -26.85
N GLY A 514 1.61 -8.89 -27.14
CA GLY A 514 0.38 -8.21 -27.48
C GLY A 514 0.46 -7.42 -28.81
N GLN A 515 -0.71 -7.29 -29.44
CA GLN A 515 -0.87 -6.59 -30.71
C GLN A 515 -2.31 -6.14 -30.96
N THR A 516 -2.50 -5.13 -31.83
CA THR A 516 -3.85 -4.71 -32.16
C THR A 516 -4.02 -4.41 -33.65
N SER A 517 -4.38 -5.39 -34.47
CA SER A 517 -4.45 -5.12 -35.91
C SER A 517 -5.80 -4.50 -36.27
N THR A 518 -6.08 -3.31 -35.70
CA THR A 518 -7.33 -2.52 -35.78
C THR A 518 -8.53 -3.19 -35.07
N ASP A 519 -8.38 -4.49 -34.84
CA ASP A 519 -9.29 -5.41 -34.21
C ASP A 519 -9.16 -5.20 -32.74
N ALA A 520 -9.91 -5.94 -31.97
CA ALA A 520 -9.82 -5.75 -30.56
C ALA A 520 -8.41 -6.06 -30.12
N VAL A 521 -7.91 -5.29 -29.16
CA VAL A 521 -6.55 -5.48 -28.70
C VAL A 521 -6.36 -6.86 -28.14
N TYR A 522 -5.33 -7.56 -28.63
CA TYR A 522 -5.01 -8.91 -28.20
C TYR A 522 -3.85 -8.99 -27.27
N ILE A 523 -4.12 -9.58 -26.11
CA ILE A 523 -3.09 -9.82 -25.13
C ILE A 523 -3.10 -11.32 -24.91
N ASP A 524 -2.03 -12.00 -25.28
CA ASP A 524 -2.06 -13.45 -25.13
C ASP A 524 -3.29 -14.04 -25.86
N GLY A 525 -4.12 -14.83 -25.17
CA GLY A 525 -5.26 -15.49 -25.79
C GLY A 525 -6.59 -14.76 -25.90
N ASN A 526 -6.71 -13.48 -25.49
CA ASN A 526 -8.03 -12.86 -25.62
C ASN A 526 -7.96 -11.35 -25.92
N VAL A 527 -9.13 -10.73 -26.08
CA VAL A 527 -9.23 -9.33 -26.44
C VAL A 527 -10.21 -8.45 -25.68
N THR A 528 -10.01 -7.12 -25.80
CA THR A 528 -11.02 -6.19 -25.29
C THR A 528 -11.54 -5.22 -26.35
N VAL A 529 -10.91 -4.05 -26.47
CA VAL A 529 -11.43 -2.98 -27.33
C VAL A 529 -10.85 -2.89 -28.73
N LYS A 530 -11.75 -2.73 -29.71
CA LYS A 530 -11.46 -2.57 -31.15
C LYS A 530 -11.79 -1.15 -31.55
N GLY A 531 -11.26 -0.67 -32.69
CA GLY A 531 -11.65 0.69 -33.05
C GLY A 531 -10.65 1.43 -33.92
N ASP A 532 -10.72 2.76 -33.89
CA ASP A 532 -9.85 3.54 -34.75
C ASP A 532 -8.51 3.63 -34.04
N MET A 533 -7.74 2.58 -34.24
CA MET A 533 -6.46 2.42 -33.59
C MET A 533 -5.42 3.24 -34.32
N THR A 534 -5.44 4.54 -34.04
CA THR A 534 -4.64 5.56 -34.71
C THR A 534 -3.18 5.57 -34.29
N GLY A 535 -2.86 4.86 -33.22
CA GLY A 535 -1.51 4.84 -32.70
C GLY A 535 -1.46 4.74 -31.18
N PRO A 536 -1.73 5.83 -30.44
CA PRO A 536 -1.63 5.85 -28.99
C PRO A 536 -2.56 4.93 -28.25
N VAL A 537 -3.69 4.56 -28.86
CA VAL A 537 -4.59 3.69 -28.13
C VAL A 537 -4.08 2.28 -28.17
N SER A 538 -3.74 1.79 -29.35
CA SER A 538 -3.25 0.43 -29.39
C SER A 538 -1.95 0.33 -28.64
N ALA A 539 -1.15 1.38 -28.63
CA ALA A 539 0.08 1.25 -27.90
C ALA A 539 -0.15 1.23 -26.41
N LYS A 540 -1.01 2.08 -25.86
CA LYS A 540 -1.10 2.07 -24.41
C LYS A 540 -1.82 0.82 -23.92
N MET A 541 -2.70 0.28 -24.76
CA MET A 541 -3.47 -0.92 -24.46
C MET A 541 -2.62 -2.16 -24.35
N VAL A 542 -1.42 -2.12 -24.93
CA VAL A 542 -0.51 -3.24 -24.89
C VAL A 542 0.62 -2.90 -23.93
N LEU A 543 1.21 -1.74 -24.11
CA LEU A 543 2.37 -1.33 -23.35
C LEU A 543 2.10 -1.18 -21.87
N ARG A 544 0.91 -0.72 -21.46
CA ARG A 544 0.65 -0.54 -20.05
C ARG A 544 -0.06 -1.77 -19.44
N ASP A 545 -0.27 -2.82 -20.25
CA ASP A 545 -0.98 -4.00 -19.78
C ASP A 545 0.02 -4.87 -19.01
N PRO A 546 -0.15 -5.07 -17.68
CA PRO A 546 0.82 -5.68 -16.80
C PRO A 546 0.96 -7.19 -16.94
N SER A 547 1.32 -7.60 -18.14
CA SER A 547 1.53 -8.97 -18.49
C SER A 547 2.52 -9.09 -19.63
N VAL A 548 2.56 -8.06 -20.48
CA VAL A 548 3.29 -8.14 -21.76
C VAL A 548 4.81 -8.03 -21.70
N ASP A 549 5.50 -9.00 -22.33
CA ASP A 549 6.96 -9.02 -22.45
C ASP A 549 7.40 -8.43 -23.78
N ILE A 550 6.59 -8.64 -24.83
CA ILE A 550 6.89 -8.13 -26.16
C ILE A 550 5.69 -7.37 -26.76
N ALA A 551 5.96 -6.18 -27.25
CA ALA A 551 4.93 -5.35 -27.85
C ALA A 551 5.11 -5.32 -29.37
N VAL A 552 4.20 -5.95 -30.08
CA VAL A 552 4.29 -6.02 -31.53
C VAL A 552 3.45 -4.95 -32.15
N LEU A 553 2.27 -4.78 -31.61
CA LEU A 553 1.29 -3.77 -32.02
C LEU A 553 0.73 -3.91 -33.43
N GLU A 554 1.59 -3.83 -34.46
CA GLU A 554 1.22 -3.86 -35.89
C GLU A 554 0.62 -2.50 -36.26
N THR A 555 1.31 -1.70 -37.04
CA THR A 555 0.75 -0.38 -37.33
C THR A 555 -0.06 -0.29 -38.62
N ALA A 556 -0.56 0.91 -38.91
CA ALA A 556 -1.38 1.15 -40.09
C ALA A 556 -1.11 2.55 -40.62
N ARG A 557 -1.18 2.69 -41.95
CA ARG A 557 -0.85 3.96 -42.56
C ARG A 557 -1.80 5.10 -42.24
N GLY A 558 -3.08 4.80 -42.02
CA GLY A 558 -4.03 5.85 -41.71
C GLY A 558 -3.69 6.45 -40.35
N GLY A 559 -3.39 5.57 -39.41
CA GLY A 559 -3.05 5.98 -38.06
C GLY A 559 -1.79 6.80 -38.08
N ILE A 560 -0.75 6.32 -38.78
CA ILE A 560 0.49 7.07 -38.77
C ILE A 560 0.41 8.43 -39.42
N VAL A 561 -0.23 8.56 -40.58
CA VAL A 561 -0.23 9.88 -41.19
C VAL A 561 -0.96 10.91 -40.30
N ARG A 562 -1.93 10.47 -39.50
CA ARG A 562 -2.62 11.39 -38.63
C ARG A 562 -1.98 11.61 -37.24
N SER A 563 -1.47 10.55 -36.60
CA SER A 563 -0.94 10.61 -35.23
C SER A 563 0.50 10.13 -35.02
N GLY A 564 1.14 9.53 -36.03
CA GLY A 564 2.42 8.90 -35.82
C GLY A 564 2.19 7.55 -35.15
N LEU A 565 3.19 7.06 -34.45
CA LEU A 565 3.17 5.76 -33.79
C LEU A 565 2.71 5.97 -32.37
N GLY A 566 2.25 4.95 -31.69
CA GLY A 566 1.85 5.15 -30.30
C GLY A 566 3.02 4.98 -29.31
N TYR A 567 4.20 4.78 -29.86
CA TYR A 567 5.43 4.55 -29.14
C TYR A 567 6.51 5.39 -29.81
N GLN A 568 7.61 5.70 -29.11
CA GLN A 568 8.62 6.55 -29.75
C GLN A 568 9.71 5.84 -30.54
N PHE A 569 10.03 4.61 -30.16
CA PHE A 569 11.09 3.90 -30.85
C PHE A 569 10.90 2.43 -30.67
N CYS A 570 11.62 1.64 -31.43
CA CYS A 570 11.55 0.22 -31.20
C CYS A 570 12.90 -0.44 -31.40
N ASP A 571 12.99 -1.70 -30.99
CA ASP A 571 14.23 -2.42 -31.08
C ASP A 571 14.25 -3.21 -32.36
N VAL A 572 13.07 -3.74 -32.67
CA VAL A 572 12.83 -4.59 -33.79
C VAL A 572 11.63 -4.07 -34.57
N GLY A 573 11.67 -4.22 -35.89
CA GLY A 573 10.53 -3.84 -36.71
C GLY A 573 10.67 -4.31 -38.12
N ALA A 574 9.67 -4.01 -38.95
CA ALA A 574 9.72 -4.49 -40.35
C ALA A 574 8.93 -3.69 -41.35
N VAL A 575 9.41 -3.67 -42.58
CA VAL A 575 8.67 -3.04 -43.66
C VAL A 575 8.49 -3.96 -44.87
N LEU A 576 7.23 -4.21 -45.22
CA LEU A 576 6.88 -5.05 -46.35
C LEU A 576 6.29 -4.08 -47.37
N ASN A 577 6.05 -4.51 -48.60
CA ASN A 577 5.51 -3.56 -49.57
C ASN A 577 4.19 -2.98 -49.11
N VAL A 578 4.07 -1.67 -49.25
CA VAL A 578 2.90 -0.89 -48.85
C VAL A 578 2.12 -0.31 -50.03
N SER A 579 2.69 -0.42 -51.23
CA SER A 579 2.10 0.18 -52.41
C SER A 579 1.45 -0.83 -53.32
N SER A 580 0.36 -0.41 -53.93
CA SER A 580 -0.40 -1.19 -54.88
C SER A 580 -1.14 -0.20 -55.77
N ASP A 581 -1.72 -0.67 -56.87
CA ASP A 581 -2.42 0.27 -57.76
C ASP A 581 -3.84 0.52 -57.24
N HIS A 582 -3.92 1.26 -56.13
CA HIS A 582 -5.16 1.55 -55.42
C HIS A 582 -4.91 2.73 -54.47
N LEU A 583 -5.92 3.14 -53.73
CA LEU A 583 -5.76 4.23 -52.79
C LEU A 583 -4.94 3.81 -51.58
N GLY A 584 -3.96 4.63 -51.24
CA GLY A 584 -3.10 4.44 -50.08
C GLY A 584 -3.46 5.53 -49.08
N LEU A 585 -2.67 6.60 -49.08
CA LEU A 585 -2.93 7.76 -48.24
C LEU A 585 -3.48 8.95 -49.03
N GLY A 586 -3.67 8.81 -50.33
CA GLY A 586 -4.08 9.93 -51.14
C GLY A 586 -2.80 10.66 -51.52
N GLY A 587 -2.90 11.88 -51.97
CA GLY A 587 -1.67 12.49 -52.44
C GLY A 587 -1.17 11.74 -53.66
N VAL A 588 0.06 11.21 -53.58
CA VAL A 588 0.65 10.50 -54.71
C VAL A 588 0.35 8.98 -54.79
N ASP A 589 0.50 8.24 -53.69
CA ASP A 589 0.31 6.78 -53.68
C ASP A 589 1.07 5.98 -54.73
N THR A 590 2.35 6.24 -54.89
CA THR A 590 3.10 5.47 -55.87
C THR A 590 4.24 4.88 -55.11
N LEU A 591 5.31 5.64 -55.10
CA LEU A 591 6.48 5.29 -54.38
C LEU A 591 6.49 6.38 -53.36
N ASP A 592 6.02 7.54 -53.83
CA ASP A 592 6.06 8.65 -52.90
C ASP A 592 4.82 8.56 -52.05
N GLY A 593 4.67 9.46 -51.08
CA GLY A 593 3.54 9.41 -50.16
C GLY A 593 3.77 8.28 -49.13
N LEU A 594 3.76 7.08 -49.67
CA LEU A 594 3.96 5.84 -48.98
C LEU A 594 5.39 5.69 -48.48
N ALA A 595 6.37 6.24 -49.20
CA ALA A 595 7.74 6.19 -48.70
C ALA A 595 7.83 6.89 -47.35
N GLU A 596 7.08 7.98 -47.20
CA GLU A 596 7.12 8.72 -45.96
C GLU A 596 6.43 7.99 -44.83
N VAL A 597 5.37 7.26 -45.11
CA VAL A 597 4.77 6.56 -43.99
C VAL A 597 5.62 5.34 -43.60
N LYS A 598 6.20 4.60 -44.57
CA LYS A 598 6.95 3.40 -44.17
C LYS A 598 8.24 3.72 -43.37
N ARG A 599 8.86 4.88 -43.64
CA ARG A 599 10.11 5.25 -42.99
C ARG A 599 9.88 5.54 -41.53
N VAL A 600 8.64 5.72 -41.13
CA VAL A 600 8.35 5.99 -39.75
C VAL A 600 8.82 4.80 -38.91
N ILE A 601 8.64 3.57 -39.39
CA ILE A 601 9.10 2.42 -38.64
C ILE A 601 10.59 2.21 -38.85
N ALA A 602 11.04 2.27 -40.10
CA ALA A 602 12.43 1.95 -40.30
C ALA A 602 13.37 2.89 -39.54
N GLU A 603 13.03 4.16 -39.47
CA GLU A 603 13.93 5.11 -38.86
C GLU A 603 13.88 5.17 -37.36
N VAL A 604 13.01 4.38 -36.75
CA VAL A 604 12.94 4.42 -35.32
C VAL A 604 13.34 3.07 -34.76
N THR A 605 13.79 2.17 -35.64
CA THR A 605 14.16 0.83 -35.21
C THR A 605 15.64 0.87 -34.91
N LYS A 606 16.04 0.48 -33.69
CA LYS A 606 17.44 0.58 -33.31
C LYS A 606 18.34 -0.63 -33.56
N ASP A 607 17.80 -1.85 -33.64
CA ASP A 607 18.67 -3.00 -33.81
C ASP A 607 18.48 -3.70 -35.15
N THR A 608 17.31 -4.33 -35.30
CA THR A 608 17.02 -5.04 -36.52
C THR A 608 15.70 -4.60 -37.12
N VAL A 609 15.77 -4.15 -38.35
CA VAL A 609 14.59 -3.78 -39.08
C VAL A 609 14.61 -4.77 -40.17
N VAL A 610 13.50 -5.36 -40.48
CA VAL A 610 13.48 -6.32 -41.53
C VAL A 610 12.92 -5.66 -42.78
N LEU A 611 13.72 -5.55 -43.83
CA LEU A 611 13.23 -4.89 -45.04
C LEU A 611 12.97 -5.85 -46.20
N ASN A 612 11.96 -5.54 -47.02
CA ASN A 612 11.64 -6.32 -48.22
C ASN A 612 12.64 -6.01 -49.34
N ALA A 613 13.42 -7.02 -49.71
CA ALA A 613 14.53 -6.90 -50.65
C ALA A 613 14.13 -6.94 -52.10
N ASP A 614 12.85 -7.19 -52.34
CA ASP A 614 12.34 -7.26 -53.69
C ASP A 614 11.71 -5.93 -54.04
N ASN A 615 11.71 -5.00 -53.09
CA ASN A 615 11.12 -3.71 -53.33
C ASN A 615 12.21 -2.66 -53.36
N ALA A 616 12.52 -2.19 -54.55
CA ALA A 616 13.62 -1.27 -54.78
C ALA A 616 13.42 0.04 -54.04
N TYR A 617 12.17 0.30 -53.67
CA TYR A 617 11.79 1.53 -53.06
C TYR A 617 11.55 1.37 -51.55
N THR A 618 11.96 0.21 -51.02
CA THR A 618 11.97 -0.10 -49.60
C THR A 618 13.42 -0.31 -49.23
N LEU A 619 14.24 -0.67 -50.22
CA LEU A 619 15.65 -0.96 -49.95
C LEU A 619 16.33 0.24 -49.37
N LYS A 620 15.90 1.41 -49.81
CA LYS A 620 16.42 2.71 -49.43
C LYS A 620 16.28 3.00 -47.93
N MET A 621 15.41 2.27 -47.25
CA MET A 621 15.21 2.44 -45.82
C MET A 621 16.48 2.04 -45.07
N ALA A 622 17.29 1.17 -45.67
CA ALA A 622 18.51 0.69 -45.07
C ALA A 622 19.52 1.82 -44.95
N GLY A 623 19.37 2.89 -45.73
CA GLY A 623 20.30 3.99 -45.68
C GLY A 623 19.89 5.02 -44.66
N HIS A 624 18.77 4.80 -43.99
CA HIS A 624 18.30 5.76 -43.02
C HIS A 624 18.13 5.15 -41.63
N SER A 625 17.80 3.86 -41.58
CA SER A 625 17.51 3.23 -40.31
C SER A 625 18.74 3.08 -39.41
N PRO A 626 18.62 3.37 -38.09
CA PRO A 626 19.61 3.11 -37.05
C PRO A 626 19.84 1.60 -36.86
N ALA A 627 18.89 0.78 -37.31
CA ALA A 627 19.00 -0.67 -37.22
C ALA A 627 20.05 -1.10 -38.21
N LYS A 628 20.87 -2.09 -37.87
CA LYS A 628 21.92 -2.45 -38.82
C LYS A 628 21.85 -3.85 -39.41
N HIS A 629 21.07 -4.76 -38.83
CA HIS A 629 21.06 -6.09 -39.42
C HIS A 629 20.36 -6.15 -40.78
N ILE A 630 19.32 -5.32 -40.95
CA ILE A 630 18.48 -5.18 -42.17
C ILE A 630 17.61 -6.40 -42.51
N MET A 631 18.18 -7.59 -42.41
CA MET A 631 17.44 -8.82 -42.62
C MET A 631 16.69 -8.76 -43.93
N TYR A 632 17.41 -8.50 -45.00
CA TYR A 632 16.68 -8.37 -46.26
C TYR A 632 15.90 -9.62 -46.57
N VAL A 633 14.64 -9.46 -46.93
CA VAL A 633 13.81 -10.60 -47.26
C VAL A 633 13.51 -10.67 -48.74
N THR A 634 13.88 -11.76 -49.39
CA THR A 634 13.65 -11.89 -50.82
C THR A 634 13.01 -13.19 -51.24
N ARG A 635 12.10 -13.11 -52.21
CA ARG A 635 11.50 -14.33 -52.72
C ARG A 635 12.23 -14.81 -53.96
N ASP A 636 13.27 -14.10 -54.36
CA ASP A 636 14.06 -14.43 -55.52
C ASP A 636 15.44 -14.90 -55.11
N ALA A 637 15.71 -16.19 -55.34
CA ALA A 637 17.01 -16.74 -54.93
C ALA A 637 18.14 -15.96 -55.62
N GLU A 638 17.89 -15.48 -56.85
CA GLU A 638 18.89 -14.67 -57.55
C GLU A 638 18.62 -13.19 -57.32
N ASN A 639 19.51 -12.59 -56.55
CA ASN A 639 19.48 -11.19 -56.12
C ASN A 639 20.95 -10.80 -55.92
N LYS A 640 21.19 -9.57 -55.54
CA LYS A 640 22.54 -9.11 -55.24
C LYS A 640 22.67 -8.87 -53.76
N LEU A 641 21.53 -8.69 -53.10
CA LEU A 641 21.49 -8.33 -51.69
C LEU A 641 21.55 -9.54 -50.78
N VAL A 642 22.29 -10.53 -51.21
CA VAL A 642 22.57 -11.72 -50.44
C VAL A 642 24.11 -11.83 -50.44
N ARG A 643 24.64 -11.96 -51.64
CA ARG A 643 26.07 -12.17 -51.79
C ARG A 643 26.86 -10.91 -51.49
N GLU A 644 26.25 -9.74 -51.71
CA GLU A 644 26.90 -8.46 -51.42
C GLU A 644 26.38 -7.91 -50.09
N HIS A 645 25.68 -8.76 -49.33
CA HIS A 645 25.06 -8.37 -48.08
C HIS A 645 25.49 -9.31 -46.93
N ILE A 646 25.17 -10.59 -47.04
CA ILE A 646 25.48 -11.59 -46.04
C ILE A 646 26.97 -11.73 -45.96
N ARG A 647 27.59 -11.70 -47.13
CA ARG A 647 29.04 -11.83 -47.23
C ARG A 647 29.76 -10.73 -46.45
N LEU A 648 29.09 -9.61 -46.18
CA LEU A 648 29.68 -8.48 -45.49
C LEU A 648 29.25 -8.41 -44.02
N GLY A 649 28.61 -9.48 -43.52
CA GLY A 649 28.19 -9.53 -42.12
C GLY A 649 26.74 -9.15 -41.84
N LYS A 650 25.92 -8.98 -42.87
CA LYS A 650 24.54 -8.60 -42.66
C LYS A 650 23.63 -9.82 -42.69
N ARG A 651 22.33 -9.60 -42.42
CA ARG A 651 21.37 -10.70 -42.38
C ARG A 651 20.33 -10.63 -43.51
N ALA A 652 19.76 -11.79 -43.88
CA ALA A 652 18.69 -11.88 -44.90
C ALA A 652 17.87 -13.15 -44.78
N VAL A 653 16.65 -13.11 -45.32
CA VAL A 653 15.84 -14.30 -45.36
C VAL A 653 15.64 -14.59 -46.86
N VAL A 654 16.07 -15.75 -47.30
CA VAL A 654 16.01 -16.03 -48.73
C VAL A 654 15.15 -17.24 -49.05
N LEU A 655 14.23 -17.05 -50.00
CA LEU A 655 13.40 -18.15 -50.44
C LEU A 655 14.17 -18.84 -51.56
N GLU A 656 14.29 -20.15 -51.45
CA GLU A 656 15.03 -20.92 -52.43
C GLU A 656 14.45 -22.31 -52.64
N LYS A 657 14.74 -22.91 -53.79
CA LYS A 657 14.23 -24.24 -54.05
C LYS A 657 15.30 -25.29 -54.00
N GLY A 658 14.94 -26.45 -53.46
CA GLY A 658 15.88 -27.56 -53.40
C GLY A 658 15.38 -28.85 -52.70
N LEU A 659 16.27 -29.46 -51.91
CA LEU A 659 16.05 -30.73 -51.20
C LEU A 659 14.96 -30.63 -50.17
N ASN A 660 14.73 -29.42 -49.71
CA ASN A 660 13.72 -29.10 -48.74
C ASN A 660 12.52 -28.42 -49.39
N GLY A 661 12.30 -28.62 -50.70
CA GLY A 661 11.16 -28.05 -51.42
C GLY A 661 11.27 -26.53 -51.46
N ASP A 662 10.20 -25.84 -51.09
CA ASP A 662 10.26 -24.38 -51.10
C ASP A 662 10.72 -24.00 -49.72
N GLN A 663 11.92 -23.49 -49.57
CA GLN A 663 12.31 -23.22 -48.20
C GLN A 663 12.74 -21.82 -47.94
N ILE A 664 12.51 -21.45 -46.70
CA ILE A 664 12.89 -20.18 -46.16
C ILE A 664 14.08 -20.36 -45.24
N VAL A 665 15.19 -19.75 -45.67
CA VAL A 665 16.48 -19.86 -45.01
C VAL A 665 16.95 -18.55 -44.47
N ILE A 666 17.41 -18.54 -43.21
CA ILE A 666 17.92 -17.29 -42.70
C ILE A 666 19.44 -17.33 -42.81
N TYR A 667 19.95 -16.34 -43.49
CA TYR A 667 21.37 -16.15 -43.72
C TYR A 667 21.87 -15.14 -42.73
N GLU A 668 23.06 -15.38 -42.18
CA GLU A 668 23.65 -14.43 -41.24
C GLU A 668 25.16 -14.53 -41.24
N ASN A 669 25.80 -13.42 -41.59
CA ASN A 669 27.25 -13.38 -41.59
C ASN A 669 27.90 -14.60 -42.27
N GLY A 670 28.55 -15.47 -41.50
CA GLY A 670 29.28 -16.59 -42.10
C GLY A 670 28.48 -17.87 -42.29
N THR A 671 27.21 -17.89 -41.91
CA THR A 671 26.43 -19.12 -42.05
C THR A 671 25.01 -18.94 -42.58
N GLN A 672 24.32 -20.06 -42.76
CA GLN A 672 22.92 -20.03 -43.15
C GLN A 672 22.25 -21.27 -42.58
N ILE A 673 21.07 -21.08 -42.02
CA ILE A 673 20.30 -22.18 -41.45
C ILE A 673 18.86 -22.21 -41.94
N PRO A 674 18.44 -23.22 -42.71
CA PRO A 674 17.08 -23.42 -43.16
C PRO A 674 16.16 -23.51 -41.97
N LEU A 675 15.02 -22.82 -42.02
CA LEU A 675 14.11 -22.87 -40.90
C LEU A 675 12.82 -23.58 -41.27
N ILE A 676 12.10 -23.08 -42.27
CA ILE A 676 10.81 -23.69 -42.65
C ILE A 676 10.59 -23.98 -44.12
N TRP A 677 9.60 -24.85 -44.35
CA TRP A 677 9.13 -25.19 -45.69
C TRP A 677 7.84 -24.41 -45.92
N THR A 678 7.59 -23.88 -47.13
CA THR A 678 6.31 -23.16 -47.38
C THR A 678 5.22 -24.21 -47.44
N HIS A 679 5.65 -25.41 -47.77
CA HIS A 679 4.85 -26.59 -47.89
C HIS A 679 4.27 -27.02 -46.54
N LEU A 680 4.88 -26.58 -45.43
CA LEU A 680 4.41 -26.96 -44.09
C LEU A 680 3.73 -25.82 -43.31
N ILE A 681 3.50 -24.67 -43.94
CA ILE A 681 2.89 -23.55 -43.22
C ILE A 681 1.46 -23.34 -43.71
N PRO A 682 0.41 -23.50 -42.89
CA PRO A 682 -0.98 -23.37 -43.31
C PRO A 682 -1.28 -22.04 -44.03
N ALA A 683 -0.56 -20.99 -43.66
CA ALA A 683 -0.72 -19.67 -44.23
C ALA A 683 -0.42 -19.64 -45.72
N THR A 684 0.41 -20.59 -46.16
CA THR A 684 0.91 -20.68 -47.52
C THR A 684 0.39 -21.94 -48.21
N LEU A 685 -0.74 -22.46 -47.70
CA LEU A 685 -1.41 -23.61 -48.26
C LEU A 685 -0.53 -24.85 -48.27
N GLU A 686 -0.21 -25.36 -49.46
CA GLU A 686 0.60 -26.57 -49.60
C GLU A 686 1.92 -26.27 -50.29
N GLY A 687 2.29 -24.99 -50.32
CA GLY A 687 3.51 -24.56 -51.01
C GLY A 687 3.07 -24.24 -52.42
N LYS A 688 4.00 -23.85 -53.30
CA LYS A 688 3.59 -23.47 -54.66
C LYS A 688 2.49 -22.41 -54.62
N ALA A 689 2.68 -21.42 -53.76
CA ALA A 689 1.72 -20.34 -53.58
C ALA A 689 2.49 -19.07 -53.26
N ILE A 690 1.89 -17.92 -53.56
CA ILE A 690 2.53 -16.66 -53.26
C ILE A 690 2.05 -16.04 -51.98
N HIS A 691 0.74 -16.03 -51.80
CA HIS A 691 0.18 -15.32 -50.67
C HIS A 691 0.73 -15.88 -49.38
N ASN A 692 1.14 -14.95 -48.53
CA ASN A 692 1.72 -15.14 -47.20
C ASN A 692 3.08 -15.82 -47.18
N VAL A 693 3.75 -15.94 -48.32
CA VAL A 693 5.07 -16.51 -48.21
C VAL A 693 5.96 -15.49 -47.57
N GLU A 694 5.90 -14.23 -48.03
CA GLU A 694 6.74 -13.22 -47.42
C GLU A 694 6.28 -12.95 -46.00
N ASN A 695 5.01 -13.18 -45.69
CA ASN A 695 4.58 -12.92 -44.34
C ASN A 695 5.24 -13.94 -43.41
N ALA A 696 5.38 -15.18 -43.87
CA ALA A 696 6.07 -16.19 -43.09
C ALA A 696 7.55 -15.86 -42.97
N MET A 697 8.15 -15.34 -44.04
CA MET A 697 9.57 -15.02 -44.04
C MET A 697 9.87 -13.88 -43.10
N PHE A 698 8.99 -12.89 -43.08
CA PHE A 698 9.11 -11.76 -42.18
C PHE A 698 8.85 -12.18 -40.75
N ALA A 699 7.87 -13.06 -40.50
CA ALA A 699 7.67 -13.48 -39.13
C ALA A 699 8.96 -14.16 -38.63
N ALA A 700 9.61 -14.95 -39.50
CA ALA A 700 10.87 -15.59 -39.15
C ALA A 700 11.98 -14.55 -38.93
N GLY A 701 12.01 -13.49 -39.75
CA GLY A 701 13.01 -12.43 -39.61
C GLY A 701 12.84 -11.71 -38.28
N MET A 702 11.59 -11.44 -37.91
CA MET A 702 11.28 -10.79 -36.64
C MET A 702 11.71 -11.70 -35.49
N ALA A 703 11.45 -13.00 -35.64
CA ALA A 703 11.80 -13.97 -34.63
C ALA A 703 13.31 -14.01 -34.44
N TYR A 704 14.06 -13.83 -35.52
CA TYR A 704 15.50 -13.86 -35.42
C TYR A 704 15.95 -12.83 -34.43
N ALA A 705 15.48 -11.62 -34.65
CA ALA A 705 15.83 -10.46 -33.85
C ALA A 705 15.41 -10.62 -32.41
N LEU A 706 14.33 -11.31 -32.18
CA LEU A 706 13.78 -11.51 -30.85
C LEU A 706 14.31 -12.75 -30.13
N GLY A 707 15.28 -13.46 -30.72
CA GLY A 707 15.87 -14.61 -30.07
C GLY A 707 15.49 -15.97 -30.65
N LYS A 708 15.69 -16.13 -31.96
CA LYS A 708 15.38 -17.43 -32.56
C LYS A 708 16.22 -18.55 -31.96
N ASN A 709 15.57 -19.66 -31.60
CA ASN A 709 16.31 -20.83 -31.13
C ASN A 709 15.98 -21.98 -32.05
N LEU A 710 15.49 -21.60 -33.21
CA LEU A 710 15.06 -22.44 -34.31
C LEU A 710 13.85 -23.32 -33.98
N ASP A 711 13.96 -24.19 -33.00
CA ASP A 711 12.87 -25.14 -32.74
C ASP A 711 11.53 -24.54 -32.32
N GLN A 712 11.51 -23.47 -31.53
CA GLN A 712 10.21 -22.94 -31.12
C GLN A 712 9.69 -21.98 -32.16
N ILE A 713 10.52 -21.70 -33.14
CA ILE A 713 10.19 -20.74 -34.13
C ILE A 713 9.50 -21.54 -35.20
N ARG A 714 10.04 -22.72 -35.51
CA ARG A 714 9.40 -23.58 -36.49
C ARG A 714 8.01 -23.94 -35.99
N ILE A 715 7.86 -24.15 -34.68
CA ILE A 715 6.54 -24.47 -34.15
C ILE A 715 5.62 -23.28 -34.35
N GLY A 716 6.08 -22.08 -34.00
CA GLY A 716 5.27 -20.88 -34.16
C GLY A 716 4.91 -20.57 -35.61
N LEU A 717 5.81 -20.84 -36.55
CA LEU A 717 5.56 -20.63 -37.96
C LEU A 717 4.55 -21.62 -38.51
N ARG A 718 4.65 -22.89 -38.07
CA ARG A 718 3.73 -23.92 -38.52
C ARG A 718 2.34 -23.73 -37.91
N THR A 719 2.29 -23.19 -36.70
CA THR A 719 1.05 -22.89 -36.01
C THR A 719 0.35 -21.72 -36.73
N PHE A 720 -0.95 -21.84 -37.02
CA PHE A 720 -1.62 -20.74 -37.70
C PHE A 720 -3.12 -20.95 -37.73
N ASN B 2 -19.06 -5.43 43.47
CA ASN B 2 -18.62 -6.34 44.54
C ASN B 2 -17.10 -6.51 44.46
N ILE B 3 -16.55 -6.07 43.34
CA ILE B 3 -15.13 -6.20 43.00
C ILE B 3 -14.25 -5.17 43.70
N ILE B 4 -13.16 -5.62 44.32
CA ILE B 4 -12.25 -4.73 45.03
C ILE B 4 -10.92 -4.48 44.31
N SER B 5 -10.39 -5.50 43.65
CA SER B 5 -9.08 -5.41 43.02
C SER B 5 -8.95 -6.31 41.80
N THR B 6 -8.09 -5.93 40.86
CA THR B 6 -7.90 -6.74 39.67
C THR B 6 -6.45 -6.99 39.32
N SER B 7 -6.22 -8.07 38.59
CA SER B 7 -4.91 -8.38 38.00
C SER B 7 -5.12 -9.25 36.78
N VAL B 8 -4.13 -9.34 35.91
CA VAL B 8 -4.27 -10.24 34.79
C VAL B 8 -3.02 -11.02 34.49
N TYR B 9 -3.19 -12.29 34.20
CA TYR B 9 -2.07 -13.06 33.74
C TYR B 9 -2.14 -13.01 32.24
N VAL B 10 -1.07 -12.60 31.62
CA VAL B 10 -1.11 -12.51 30.18
C VAL B 10 -0.72 -13.85 29.61
N GLY B 11 0.07 -14.61 30.38
CA GLY B 11 0.48 -15.93 29.97
C GLY B 11 -0.07 -16.99 30.93
N PRO B 12 0.36 -18.24 30.76
CA PRO B 12 -0.05 -19.40 31.51
C PRO B 12 0.57 -19.57 32.88
N ASN B 13 0.35 -18.60 33.76
CA ASN B 13 0.84 -18.77 35.14
C ASN B 13 -0.09 -19.76 35.77
N VAL B 14 -1.33 -19.65 35.35
CA VAL B 14 -2.41 -20.49 35.79
C VAL B 14 -2.99 -21.14 34.51
N TYR B 15 -2.24 -22.08 33.94
CA TYR B 15 -2.60 -22.92 32.77
C TYR B 15 -2.67 -22.23 31.39
N ALA B 16 -3.27 -21.05 31.32
CA ALA B 16 -3.49 -20.29 30.09
C ALA B 16 -3.57 -18.82 30.43
N SER B 17 -3.45 -17.91 29.45
CA SER B 17 -3.64 -16.51 29.86
C SER B 17 -4.98 -16.40 30.50
N ILE B 18 -5.09 -15.55 31.52
CA ILE B 18 -6.33 -15.44 32.21
C ILE B 18 -6.42 -14.21 33.14
N PRO B 19 -7.49 -13.40 33.12
CA PRO B 19 -7.76 -12.34 34.07
C PRO B 19 -8.18 -12.90 35.42
N LEU B 20 -7.87 -12.15 36.48
CA LEU B 20 -8.24 -12.48 37.85
C LEU B 20 -9.10 -11.37 38.50
N ILE B 21 -10.24 -11.76 39.05
CA ILE B 21 -11.10 -10.77 39.70
C ILE B 21 -11.10 -10.96 41.21
N ARG B 22 -10.72 -9.94 41.98
CA ARG B 22 -10.74 -10.11 43.43
C ARG B 22 -11.95 -9.34 44.00
N LEU B 23 -12.83 -10.05 44.70
CA LEU B 23 -14.10 -9.53 45.21
C LEU B 23 -14.24 -9.68 46.72
N VAL B 24 -15.09 -8.85 47.33
CA VAL B 24 -15.36 -8.96 48.76
C VAL B 24 -16.85 -9.14 49.00
N ILE B 25 -17.21 -9.91 50.01
CA ILE B 25 -18.63 -10.06 50.26
C ILE B 25 -19.14 -9.01 51.23
N ASP B 26 -19.99 -8.11 50.75
CA ASP B 26 -20.59 -7.08 51.59
C ASP B 26 -21.84 -7.69 52.24
N LEU B 27 -22.41 -8.63 51.50
CA LEU B 27 -23.62 -9.33 51.88
C LEU B 27 -23.28 -10.46 52.82
N ASN B 28 -22.85 -10.09 54.01
CA ASN B 28 -22.48 -11.05 55.04
C ASN B 28 -23.56 -12.12 55.20
N PRO B 29 -24.89 -11.80 55.31
CA PRO B 29 -25.96 -12.76 55.35
C PRO B 29 -26.22 -13.19 53.91
N HIS B 30 -25.24 -13.87 53.37
CA HIS B 30 -25.17 -14.30 52.00
C HIS B 30 -26.14 -15.39 51.68
N TYR B 31 -26.07 -15.85 50.43
CA TYR B 31 -26.98 -16.80 49.84
C TYR B 31 -27.42 -17.97 50.73
N ILE B 32 -26.57 -18.47 51.63
CA ILE B 32 -26.96 -19.64 52.40
C ILE B 32 -28.11 -19.36 53.37
N THR B 33 -28.31 -18.09 53.77
CA THR B 33 -29.35 -17.71 54.68
C THR B 33 -30.43 -16.88 53.99
N GLN B 34 -30.40 -16.85 52.65
CA GLN B 34 -31.37 -16.08 51.83
C GLN B 34 -31.90 -17.03 50.76
N LEU B 35 -32.99 -17.74 51.06
CA LEU B 35 -33.59 -18.71 50.11
C LEU B 35 -35.09 -18.45 50.04
N ALA B 36 -35.64 -17.65 50.97
CA ALA B 36 -37.07 -17.29 50.91
C ALA B 36 -37.37 -16.44 49.68
N SER B 37 -36.48 -15.49 49.37
CA SER B 37 -36.61 -14.62 48.21
C SER B 37 -35.72 -15.06 47.08
N MET B 38 -35.11 -16.23 47.26
CA MET B 38 -34.12 -16.80 46.37
C MET B 38 -34.21 -18.32 46.24
N GLY B 39 -35.23 -18.84 45.61
CA GLY B 39 -35.37 -20.28 45.48
C GLY B 39 -34.81 -20.74 44.14
N SER B 40 -35.55 -21.60 43.43
CA SER B 40 -35.03 -22.11 42.16
C SER B 40 -34.90 -20.98 41.16
N GLU B 41 -35.69 -19.93 41.40
CA GLU B 41 -35.74 -18.78 40.54
C GLU B 41 -34.44 -18.02 40.49
N VAL B 42 -33.49 -18.29 41.37
CA VAL B 42 -32.28 -17.53 41.17
C VAL B 42 -31.65 -17.98 39.86
N LEU B 43 -31.81 -19.26 39.52
CA LEU B 43 -31.21 -19.78 38.32
C LEU B 43 -32.06 -19.41 37.13
N GLU B 44 -33.37 -19.43 37.36
CA GLU B 44 -34.33 -19.15 36.29
C GLU B 44 -34.19 -17.68 35.90
N ASN B 45 -33.88 -16.83 36.88
CA ASN B 45 -33.69 -15.42 36.63
C ASN B 45 -32.42 -15.19 35.82
N LEU B 46 -31.36 -15.93 36.12
CA LEU B 46 -30.11 -15.79 35.39
C LEU B 46 -30.29 -16.15 33.91
N GLU B 47 -31.15 -17.14 33.65
CA GLU B 47 -31.48 -17.61 32.29
C GLU B 47 -32.16 -16.53 31.44
N LYS B 48 -32.74 -15.51 32.09
CA LYS B 48 -33.45 -14.46 31.40
C LYS B 48 -32.68 -13.14 31.39
N VAL B 49 -31.93 -12.85 32.46
CA VAL B 49 -31.19 -11.59 32.50
C VAL B 49 -30.07 -11.64 31.46
N ILE B 50 -29.33 -12.75 31.43
CA ILE B 50 -28.29 -12.94 30.44
C ILE B 50 -28.60 -14.25 29.74
N PRO B 51 -29.36 -14.28 28.64
CA PRO B 51 -29.87 -15.50 28.01
C PRO B 51 -28.86 -16.30 27.20
N THR B 52 -27.76 -16.65 27.86
CA THR B 52 -26.71 -17.53 27.41
C THR B 52 -26.50 -18.46 28.57
N LEU B 53 -27.03 -18.05 29.72
CA LEU B 53 -26.91 -18.81 30.96
C LEU B 53 -28.04 -19.81 31.01
N LYS B 54 -28.07 -20.66 30.01
CA LYS B 54 -29.08 -21.66 29.79
C LYS B 54 -28.61 -23.01 30.23
N THR B 55 -29.53 -23.94 30.38
CA THR B 55 -29.20 -25.33 30.72
C THR B 55 -28.71 -26.03 29.46
N GLU B 56 -27.59 -25.56 28.94
CA GLU B 56 -26.96 -26.01 27.72
C GLU B 56 -25.76 -26.89 28.08
N GLN B 57 -25.77 -28.15 27.64
CA GLN B 57 -24.71 -29.11 27.98
C GLN B 57 -23.38 -28.76 27.35
N ASP B 58 -23.42 -27.93 26.33
CA ASP B 58 -22.24 -27.50 25.61
C ASP B 58 -21.71 -26.16 26.08
N ALA B 59 -22.34 -25.55 27.08
CA ALA B 59 -21.91 -24.21 27.51
C ALA B 59 -20.75 -24.26 28.47
N LYS B 60 -19.61 -24.73 27.98
CA LYS B 60 -18.39 -24.87 28.76
C LYS B 60 -18.72 -25.62 30.05
N LEU B 61 -19.57 -26.64 29.95
CA LEU B 61 -20.05 -27.31 31.15
C LEU B 61 -19.14 -28.43 31.58
N GLN B 62 -17.96 -28.03 32.07
CA GLN B 62 -16.97 -28.98 32.55
C GLN B 62 -17.50 -29.62 33.82
N HIS B 63 -18.17 -28.80 34.62
CA HIS B 63 -18.73 -29.22 35.88
C HIS B 63 -20.12 -28.63 35.98
N LYS B 64 -21.13 -29.48 36.11
CA LYS B 64 -22.49 -28.97 36.17
C LYS B 64 -22.84 -28.62 37.59
N LEU B 65 -22.48 -27.42 37.98
CA LEU B 65 -22.63 -27.04 39.38
C LEU B 65 -23.75 -26.08 39.75
N GLU B 66 -24.06 -25.08 38.92
CA GLU B 66 -25.02 -24.08 39.38
C GLU B 66 -26.44 -24.62 39.54
N GLU B 67 -26.77 -25.67 38.79
CA GLU B 67 -28.11 -26.23 38.83
C GLU B 67 -28.34 -27.07 40.06
N LEU B 68 -27.27 -27.38 40.76
CA LEU B 68 -27.33 -28.19 41.94
C LEU B 68 -27.31 -27.32 43.18
N ARG B 69 -27.10 -26.01 42.97
CA ARG B 69 -26.91 -25.07 44.05
C ARG B 69 -28.07 -24.13 44.35
N GLN B 70 -28.76 -23.70 43.30
CA GLN B 70 -29.85 -22.72 43.45
C GLN B 70 -29.36 -21.62 44.36
N ALA B 71 -30.11 -21.23 45.40
CA ALA B 71 -29.55 -20.23 46.30
C ALA B 71 -28.73 -20.79 47.46
N PRO B 72 -29.19 -21.81 48.22
CA PRO B 72 -28.54 -22.29 49.43
C PRO B 72 -27.07 -22.59 49.24
N GLN B 73 -26.67 -23.05 48.05
CA GLN B 73 -25.27 -23.33 47.85
C GLN B 73 -24.70 -22.56 46.69
N GLN B 74 -25.14 -21.33 46.43
CA GLN B 74 -24.56 -20.63 45.28
C GLN B 74 -23.07 -20.54 45.37
N GLN B 75 -22.51 -20.33 46.56
CA GLN B 75 -21.08 -20.19 46.67
C GLN B 75 -20.75 -19.12 45.65
N ILE B 76 -21.27 -17.91 45.89
CA ILE B 76 -21.21 -16.80 44.96
C ILE B 76 -19.85 -16.57 44.39
N GLY B 77 -18.78 -16.69 45.15
CA GLY B 77 -17.53 -16.45 44.46
C GLY B 77 -17.34 -17.42 43.27
N GLU B 78 -17.77 -18.68 43.45
CA GLU B 78 -17.62 -19.71 42.44
C GLU B 78 -18.70 -19.52 41.39
N LEU B 79 -19.87 -19.08 41.81
CA LEU B 79 -20.95 -18.90 40.87
C LEU B 79 -20.62 -17.77 39.93
N VAL B 80 -20.00 -16.69 40.43
CA VAL B 80 -19.65 -15.62 39.52
C VAL B 80 -18.67 -16.18 38.51
N ALA B 81 -17.70 -17.00 38.95
CA ALA B 81 -16.78 -17.59 37.99
C ALA B 81 -17.53 -18.43 36.95
N ILE B 82 -18.56 -19.15 37.38
CA ILE B 82 -19.36 -19.98 36.47
C ILE B 82 -20.13 -19.16 35.45
N LEU B 83 -20.76 -18.09 35.91
CA LEU B 83 -21.61 -17.25 35.06
C LEU B 83 -20.79 -16.26 34.22
N ALA B 84 -19.60 -15.90 34.69
CA ALA B 84 -18.72 -15.00 33.97
C ALA B 84 -18.41 -15.69 32.67
N LEU B 85 -18.07 -14.91 31.63
CA LEU B 85 -17.79 -15.41 30.28
C LEU B 85 -19.04 -15.64 29.45
N HIS B 86 -20.17 -15.97 30.07
CA HIS B 86 -21.35 -16.24 29.27
C HIS B 86 -21.97 -14.94 28.78
N LEU B 87 -21.72 -13.86 29.52
CA LEU B 87 -22.15 -12.52 29.12
C LEU B 87 -21.36 -12.13 27.88
N GLN B 88 -20.10 -12.49 27.89
CA GLN B 88 -19.22 -12.21 26.80
C GLN B 88 -19.64 -13.06 25.58
N ARG B 89 -20.10 -14.31 25.80
CA ARG B 89 -20.61 -15.11 24.67
C ARG B 89 -21.81 -14.41 24.04
N LEU B 90 -22.67 -13.80 24.88
CA LEU B 90 -23.85 -13.06 24.41
C LEU B 90 -23.43 -11.91 23.50
N ALA B 91 -22.28 -11.31 23.80
CA ALA B 91 -21.72 -10.22 23.02
C ALA B 91 -20.98 -10.72 21.78
N GLY B 92 -20.91 -12.04 21.55
CA GLY B 92 -20.21 -12.60 20.40
C GLY B 92 -18.71 -12.73 20.60
N GLN B 93 -18.28 -12.80 21.85
CA GLN B 93 -16.88 -12.89 22.23
C GLN B 93 -16.47 -14.36 22.45
N LYS B 94 -15.17 -14.66 22.37
CA LYS B 94 -14.70 -16.03 22.62
C LYS B 94 -13.97 -16.16 23.98
N GLY B 95 -14.11 -17.34 24.61
CA GLY B 95 -13.45 -17.63 25.89
C GLY B 95 -13.62 -19.10 26.29
N GLY B 96 -13.11 -19.46 27.46
CA GLY B 96 -13.09 -20.83 27.96
C GLY B 96 -13.77 -21.08 29.31
N ALA B 97 -13.07 -21.82 30.16
CA ALA B 97 -13.49 -22.24 31.50
C ALA B 97 -13.17 -21.18 32.55
N ALA B 98 -13.78 -21.32 33.72
CA ALA B 98 -13.49 -20.45 34.87
C ALA B 98 -13.46 -21.33 36.12
N PHE B 99 -12.63 -20.94 37.09
CA PHE B 99 -12.41 -21.79 38.26
C PHE B 99 -11.81 -21.18 39.53
N SER B 100 -11.95 -21.98 40.61
CA SER B 100 -11.31 -21.83 41.93
C SER B 100 -11.40 -20.46 42.51
N ALA B 101 -12.60 -19.91 42.49
CA ALA B 101 -12.81 -18.56 42.95
C ALA B 101 -12.75 -18.35 44.47
N TYR B 102 -13.22 -19.28 45.27
CA TYR B 102 -13.20 -18.98 46.70
C TYR B 102 -11.77 -18.95 47.22
N CYS B 103 -11.43 -17.94 48.03
CA CYS B 103 -10.08 -17.86 48.58
C CYS B 103 -10.09 -17.67 50.11
N HIS B 104 -9.67 -16.50 50.54
CA HIS B 104 -9.58 -16.09 51.92
C HIS B 104 -10.98 -15.84 52.45
N GLU B 105 -11.15 -15.90 53.76
CA GLU B 105 -12.48 -15.67 54.28
C GLU B 105 -13.00 -14.31 53.84
N ASP B 106 -14.27 -14.31 53.42
CA ASP B 106 -15.03 -13.15 52.93
C ASP B 106 -14.53 -12.59 51.60
N GLU B 107 -13.61 -13.30 50.93
CA GLU B 107 -13.09 -12.85 49.64
C GLU B 107 -13.01 -13.94 48.56
N THR B 108 -13.04 -13.46 47.33
CA THR B 108 -12.99 -14.28 46.12
C THR B 108 -11.87 -13.83 45.18
N GLU B 109 -11.21 -14.78 44.49
CA GLU B 109 -10.23 -14.51 43.41
C GLU B 109 -10.61 -15.38 42.20
N ILE B 110 -11.38 -14.83 41.28
CA ILE B 110 -11.89 -15.61 40.15
C ILE B 110 -10.94 -15.70 39.01
N LEU B 111 -10.66 -16.91 38.56
CA LEU B 111 -9.83 -17.07 37.41
C LEU B 111 -10.75 -17.44 36.25
N TYR B 112 -10.83 -16.60 35.22
CA TYR B 112 -11.76 -16.95 34.12
C TYR B 112 -11.08 -16.67 32.79
N SER B 113 -11.11 -17.62 31.84
CA SER B 113 -10.37 -17.45 30.59
C SER B 113 -11.07 -16.70 29.47
N TYR B 114 -10.57 -15.52 29.15
CA TYR B 114 -11.20 -14.66 28.16
C TYR B 114 -10.19 -13.97 27.24
N GLU B 115 -10.48 -13.92 25.93
CA GLU B 115 -9.58 -13.32 24.94
C GLU B 115 -9.25 -11.81 25.01
N SER B 116 -10.12 -10.97 25.55
CA SER B 116 -9.82 -9.53 25.55
C SER B 116 -9.76 -8.87 26.93
N GLU B 117 -8.82 -7.96 27.07
CA GLU B 117 -8.66 -7.21 28.30
C GLU B 117 -9.59 -6.01 28.43
N GLU B 118 -10.03 -5.42 27.32
CA GLU B 118 -10.82 -4.18 27.36
C GLU B 118 -12.12 -4.27 28.15
N ILE B 119 -12.75 -5.44 28.16
CA ILE B 119 -13.98 -5.66 28.90
C ILE B 119 -13.78 -6.75 29.94
N GLY B 120 -12.52 -6.99 30.26
CA GLY B 120 -12.18 -7.98 31.23
C GLY B 120 -12.62 -7.41 32.54
N ILE B 121 -12.85 -8.28 33.52
CA ILE B 121 -13.27 -7.95 34.87
C ILE B 121 -14.72 -7.44 34.88
N GLU B 122 -15.03 -6.40 34.10
CA GLU B 122 -16.35 -5.81 34.03
C GLU B 122 -17.40 -6.86 33.77
N ALA B 123 -17.13 -7.83 32.90
CA ALA B 123 -18.16 -8.85 32.70
C ALA B 123 -18.52 -9.54 34.03
N GLY B 124 -17.52 -9.74 34.89
CA GLY B 124 -17.73 -10.39 36.16
C GLY B 124 -18.38 -9.42 37.13
N GLU B 125 -18.25 -8.12 36.85
CA GLU B 125 -18.85 -7.08 37.67
C GLU B 125 -20.34 -7.14 37.50
N VAL B 126 -20.75 -7.32 36.26
CA VAL B 126 -22.16 -7.40 35.99
C VAL B 126 -22.71 -8.63 36.69
N VAL B 127 -22.00 -9.75 36.59
CA VAL B 127 -22.43 -10.98 37.20
C VAL B 127 -22.43 -10.96 38.73
N CYS B 128 -21.38 -10.45 39.37
CA CYS B 128 -21.38 -10.48 40.82
C CYS B 128 -22.41 -9.54 41.38
N ASP B 129 -22.71 -8.47 40.65
CA ASP B 129 -23.70 -7.57 41.13
C ASP B 129 -25.07 -8.17 40.89
N MET B 130 -25.27 -8.97 39.82
CA MET B 130 -26.59 -9.59 39.67
C MET B 130 -26.90 -10.45 40.86
N LEU B 131 -25.93 -11.25 41.30
CA LEU B 131 -26.20 -12.18 42.38
C LEU B 131 -26.47 -11.46 43.71
N VAL B 132 -25.73 -10.41 43.99
CA VAL B 132 -25.94 -9.70 45.23
C VAL B 132 -27.20 -8.85 45.16
N ALA B 133 -27.40 -8.15 44.04
CA ALA B 133 -28.57 -7.31 43.83
C ALA B 133 -29.85 -8.12 43.89
N LEU B 134 -29.82 -9.36 43.42
CA LEU B 134 -31.03 -10.16 43.50
C LEU B 134 -31.35 -10.41 44.96
N ALA B 135 -30.34 -10.76 45.77
CA ALA B 135 -30.61 -10.96 47.18
C ALA B 135 -31.13 -9.66 47.81
N LYS B 136 -30.53 -8.54 47.40
CA LYS B 136 -30.94 -7.24 47.93
C LYS B 136 -32.09 -6.66 47.09
N ALA B 137 -33.21 -7.35 47.09
CA ALA B 137 -34.37 -6.92 46.33
C ALA B 137 -35.65 -7.48 46.92
N HIS B 138 -36.76 -6.79 46.67
CA HIS B 138 -38.06 -7.25 47.17
C HIS B 138 -38.72 -8.32 46.32
N GLU B 139 -38.09 -9.52 46.22
CA GLU B 139 -38.64 -10.64 45.43
C GLU B 139 -39.08 -10.09 44.08
N ALA B 140 -38.19 -9.31 43.47
CA ALA B 140 -38.47 -8.52 42.29
C ALA B 140 -38.38 -9.23 40.94
N GLY B 141 -38.01 -10.50 40.91
CA GLY B 141 -37.92 -11.18 39.63
C GLY B 141 -36.53 -11.16 39.01
N ASP B 142 -36.47 -11.26 37.69
CA ASP B 142 -35.24 -11.40 36.95
C ASP B 142 -34.64 -10.08 36.45
N GLN B 143 -35.30 -9.48 35.47
CA GLN B 143 -34.79 -8.28 34.83
C GLN B 143 -35.27 -7.07 35.59
N ILE B 144 -34.73 -6.95 36.79
CA ILE B 144 -35.13 -5.93 37.74
C ILE B 144 -34.64 -4.64 37.10
N ASP B 145 -33.33 -4.53 37.05
CA ASP B 145 -32.57 -3.44 36.47
C ASP B 145 -31.28 -3.98 35.85
N LEU B 146 -31.07 -5.25 36.14
CA LEU B 146 -29.92 -6.02 35.75
C LEU B 146 -29.79 -6.15 34.26
N ASN B 147 -30.90 -6.12 33.54
CA ASN B 147 -30.88 -6.20 32.10
C ASN B 147 -30.29 -4.92 31.50
N ARG B 148 -30.25 -3.83 32.27
CA ARG B 148 -29.68 -2.57 31.80
C ARG B 148 -28.20 -2.75 31.77
N ASP B 149 -27.66 -3.28 32.87
CA ASP B 149 -26.23 -3.47 32.99
C ASP B 149 -25.73 -4.45 31.95
N VAL B 150 -26.56 -5.45 31.66
CA VAL B 150 -26.21 -6.42 30.64
C VAL B 150 -26.15 -5.78 29.28
N LYS B 151 -27.17 -4.99 28.91
CA LYS B 151 -27.13 -4.37 27.61
C LYS B 151 -25.98 -3.39 27.46
N GLY B 152 -25.67 -2.65 28.53
CA GLY B 152 -24.57 -1.70 28.49
C GLY B 152 -23.29 -2.46 28.20
N PHE B 153 -23.06 -3.51 28.96
CA PHE B 153 -21.88 -4.32 28.78
C PHE B 153 -21.76 -4.81 27.36
N LEU B 154 -22.85 -5.33 26.80
CA LEU B 154 -22.80 -5.90 25.47
C LEU B 154 -22.42 -4.83 24.46
N ARG B 155 -22.91 -3.60 24.64
CA ARG B 155 -22.57 -2.51 23.74
C ARG B 155 -21.08 -2.19 23.82
N TYR B 156 -20.49 -2.31 25.00
CA TYR B 156 -19.08 -2.00 25.16
C TYR B 156 -18.28 -3.11 24.53
N ALA B 157 -18.72 -4.34 24.74
CA ALA B 157 -18.08 -5.50 24.18
C ALA B 157 -18.06 -5.41 22.66
N ASP B 158 -19.13 -4.86 22.09
CA ASP B 158 -19.22 -4.64 20.67
C ASP B 158 -18.28 -3.49 20.26
N ARG B 159 -18.23 -2.42 21.06
CA ARG B 159 -17.36 -1.27 20.80
C ARG B 159 -15.91 -1.67 20.63
N PHE B 160 -15.46 -2.64 21.41
CA PHE B 160 -14.07 -3.08 21.37
C PHE B 160 -13.87 -4.34 20.52
N ALA B 161 -14.91 -4.76 19.82
CA ALA B 161 -14.84 -5.95 18.99
C ALA B 161 -14.30 -5.65 17.62
N LEU B 162 -13.77 -6.68 16.99
CA LEU B 162 -13.38 -6.59 15.60
C LEU B 162 -14.69 -6.69 14.83
N GLY B 163 -14.82 -6.02 13.69
CA GLY B 163 -16.07 -6.20 12.95
C GLY B 163 -16.09 -7.57 12.31
N PRO B 164 -17.24 -8.04 11.79
CA PRO B 164 -17.44 -9.35 11.19
C PRO B 164 -16.57 -9.62 9.98
N SER B 165 -16.15 -8.57 9.30
CA SER B 165 -15.32 -8.75 8.15
C SER B 165 -13.90 -9.06 8.58
N ALA B 166 -13.53 -8.64 9.79
CA ALA B 166 -12.21 -8.92 10.29
C ALA B 166 -12.24 -10.26 10.98
N LEU B 167 -13.39 -10.57 11.60
CA LEU B 167 -13.52 -11.83 12.33
C LEU B 167 -13.41 -12.96 11.33
N ALA B 168 -13.85 -12.74 10.11
CA ALA B 168 -13.72 -13.74 9.08
C ALA B 168 -12.26 -14.16 8.89
N LEU B 169 -11.32 -13.22 9.02
CA LEU B 169 -9.92 -13.49 8.82
C LEU B 169 -9.32 -14.06 10.09
N VAL B 170 -9.88 -13.67 11.23
CA VAL B 170 -9.39 -14.17 12.49
C VAL B 170 -9.68 -15.64 12.61
N GLN B 171 -10.91 -16.02 12.28
CA GLN B 171 -11.24 -17.42 12.39
C GLN B 171 -10.44 -18.18 11.35
N ALA B 172 -10.30 -17.63 10.15
CA ALA B 172 -9.50 -18.31 9.16
C ALA B 172 -8.05 -18.46 9.63
N ALA B 173 -7.50 -17.45 10.33
CA ALA B 173 -6.13 -17.58 10.84
C ALA B 173 -6.03 -18.67 11.90
N GLU B 174 -7.00 -18.73 12.80
CA GLU B 174 -6.97 -19.71 13.88
C GLU B 174 -7.09 -21.13 13.33
N GLU B 175 -7.86 -21.29 12.27
CA GLU B 175 -8.08 -22.61 11.67
C GLU B 175 -6.88 -23.10 10.88
N ARG B 176 -5.86 -22.26 10.71
CA ARG B 176 -4.65 -22.62 10.02
C ARG B 176 -3.53 -22.73 11.04
N ASN B 177 -3.93 -22.70 12.32
CA ASN B 177 -3.09 -22.78 13.48
C ASN B 177 -2.05 -21.68 13.60
N ILE B 178 -2.40 -20.44 13.25
CA ILE B 178 -1.44 -19.37 13.41
C ILE B 178 -2.01 -18.29 14.33
N PRO B 179 -1.15 -17.67 15.17
CA PRO B 179 -1.47 -16.63 16.13
C PRO B 179 -1.77 -15.32 15.50
N TRP B 180 -2.48 -14.47 16.23
CA TRP B 180 -2.77 -13.15 15.78
C TRP B 180 -2.93 -12.18 16.95
N TYR B 181 -2.84 -10.89 16.68
CA TYR B 181 -3.02 -9.83 17.67
C TYR B 181 -3.95 -8.76 17.19
N ARG B 182 -4.60 -8.05 18.11
CA ARG B 182 -5.28 -6.83 17.65
C ARG B 182 -4.13 -5.83 17.59
N LEU B 183 -3.88 -5.26 16.42
CA LEU B 183 -2.71 -4.41 16.25
C LEU B 183 -3.00 -2.92 16.21
N ASN B 184 -4.04 -2.53 15.47
CA ASN B 184 -4.29 -1.10 15.30
C ASN B 184 -5.59 -0.67 15.94
N ASP B 185 -6.05 -1.44 16.91
CA ASP B 185 -7.32 -1.16 17.55
C ASP B 185 -8.37 -1.32 16.45
N ALA B 186 -9.62 -1.05 16.77
CA ALA B 186 -10.70 -1.16 15.81
C ALA B 186 -10.69 -2.55 15.20
N SER B 187 -10.67 -2.65 13.87
CA SER B 187 -10.71 -3.94 13.19
C SER B 187 -9.39 -4.49 12.64
N LEU B 188 -8.25 -3.82 12.86
CA LEU B 188 -7.03 -4.33 12.20
C LEU B 188 -6.28 -5.27 13.10
N ILE B 189 -5.86 -6.39 12.51
CA ILE B 189 -5.13 -7.39 13.24
C ILE B 189 -3.80 -7.70 12.60
N GLN B 190 -2.93 -8.28 13.39
CA GLN B 190 -1.68 -8.75 12.87
C GLN B 190 -1.72 -10.23 12.92
N VAL B 191 -1.37 -10.86 11.83
CA VAL B 191 -1.34 -12.30 11.82
C VAL B 191 0.08 -12.75 11.64
N GLY B 192 0.48 -13.67 12.49
CA GLY B 192 1.83 -14.18 12.49
C GLY B 192 2.70 -13.30 13.36
N GLN B 193 3.98 -13.63 13.37
CA GLN B 193 4.96 -12.94 14.20
C GLN B 193 6.05 -12.32 13.33
N GLY B 194 6.99 -11.62 13.94
CA GLY B 194 8.01 -10.90 13.23
C GLY B 194 8.72 -11.81 12.29
N LYS B 195 9.13 -11.22 11.16
CA LYS B 195 9.81 -11.86 10.03
C LYS B 195 8.80 -12.49 9.09
N TYR B 196 7.67 -12.94 9.62
CA TYR B 196 6.67 -13.61 8.81
C TYR B 196 5.29 -12.92 8.78
N GLN B 197 5.05 -12.00 9.73
CA GLN B 197 3.80 -11.30 9.97
C GLN B 197 3.35 -10.31 8.95
N LYS B 198 2.03 -10.14 8.92
CA LYS B 198 1.39 -9.16 8.06
C LYS B 198 0.28 -8.42 8.81
N ARG B 199 0.15 -7.14 8.50
CA ARG B 199 -0.94 -6.33 9.06
C ARG B 199 -2.07 -6.39 8.06
N ILE B 200 -3.21 -6.90 8.49
CA ILE B 200 -4.33 -7.05 7.58
C ILE B 200 -5.64 -6.60 8.26
N GLU B 201 -6.60 -6.10 7.47
CA GLU B 201 -7.87 -5.65 8.02
C GLU B 201 -9.02 -6.02 7.12
N ALA B 202 -9.66 -7.14 7.41
CA ALA B 202 -10.72 -7.62 6.53
C ALA B 202 -10.22 -7.63 5.09
N ALA B 203 -10.95 -6.98 4.17
CA ALA B 203 -10.56 -6.97 2.76
C ALA B 203 -9.51 -5.88 2.48
N LEU B 204 -8.39 -5.98 3.16
CA LEU B 204 -7.27 -5.07 3.04
C LEU B 204 -6.03 -5.74 3.56
N THR B 205 -5.00 -5.78 2.75
CA THR B 205 -3.79 -6.43 3.18
C THR B 205 -2.58 -5.56 3.04
N SER B 206 -1.47 -6.02 3.61
CA SER B 206 -0.19 -5.34 3.56
C SER B 206 0.39 -5.32 2.15
N GLY B 207 -0.15 -6.17 1.28
CA GLY B 207 0.29 -6.25 -0.10
C GLY B 207 -0.34 -5.17 -0.99
N THR B 208 -1.34 -4.45 -0.48
CA THR B 208 -1.99 -3.42 -1.27
C THR B 208 -1.55 -2.07 -0.84
N SER B 209 -1.02 -1.34 -1.79
CA SER B 209 -0.44 -0.06 -1.56
C SER B 209 -1.39 1.08 -1.41
N HIS B 210 -0.83 2.16 -0.87
CA HIS B 210 -1.55 3.39 -0.66
C HIS B 210 -1.97 3.95 -1.98
N ILE B 211 -1.10 3.85 -2.96
CA ILE B 211 -1.44 4.38 -4.25
C ILE B 211 -2.60 3.61 -4.83
N ALA B 212 -2.57 2.28 -4.77
CA ALA B 212 -3.69 1.52 -5.33
C ALA B 212 -5.01 1.88 -4.64
N VAL B 213 -4.99 2.07 -3.33
CA VAL B 213 -6.22 2.40 -2.63
C VAL B 213 -6.71 3.80 -2.97
N GLU B 214 -5.81 4.78 -3.02
CA GLU B 214 -6.24 6.13 -3.35
C GLU B 214 -6.78 6.16 -4.77
N ILE B 215 -6.19 5.37 -5.67
CA ILE B 215 -6.72 5.32 -7.00
C ILE B 215 -8.11 4.74 -6.94
N ALA B 216 -8.30 3.67 -6.18
CA ALA B 216 -9.61 3.05 -6.11
C ALA B 216 -10.68 4.02 -5.63
N GLY B 217 -10.33 4.90 -4.69
CA GLY B 217 -11.26 5.89 -4.20
C GLY B 217 -11.50 6.99 -5.24
N ASP B 218 -10.52 7.22 -6.11
CA ASP B 218 -10.64 8.26 -7.09
C ASP B 218 -11.35 7.75 -8.33
N LYS B 219 -12.66 7.99 -8.32
CA LYS B 219 -13.56 7.55 -9.37
C LYS B 219 -13.19 8.08 -10.76
N ASN B 220 -12.63 9.29 -10.85
CA ASN B 220 -12.33 9.85 -12.15
C ASN B 220 -11.13 9.17 -12.73
N VAL B 221 -10.16 8.88 -11.86
CA VAL B 221 -8.97 8.18 -12.27
C VAL B 221 -9.31 6.76 -12.63
N CYS B 222 -10.13 6.10 -11.82
CA CYS B 222 -10.47 4.75 -12.16
C CYS B 222 -11.15 4.70 -13.48
N ASN B 223 -12.10 5.58 -13.75
CA ASN B 223 -12.73 5.42 -15.03
C ASN B 223 -11.73 5.59 -16.16
N GLN B 224 -10.76 6.49 -16.05
CA GLN B 224 -9.82 6.56 -17.16
C GLN B 224 -8.94 5.31 -17.23
N LEU B 225 -8.49 4.79 -16.09
CA LEU B 225 -7.62 3.62 -16.11
C LEU B 225 -8.35 2.40 -16.64
N LEU B 226 -9.62 2.30 -16.30
CA LEU B 226 -10.45 1.19 -16.71
C LEU B 226 -10.69 1.27 -18.24
N GLN B 227 -10.89 2.49 -18.75
CA GLN B 227 -11.05 2.68 -20.19
C GLN B 227 -9.79 2.29 -20.94
N ASP B 228 -8.62 2.55 -20.35
CA ASP B 228 -7.32 2.26 -20.96
C ASP B 228 -7.05 0.76 -21.09
N LEU B 229 -7.85 -0.08 -20.46
CA LEU B 229 -7.75 -1.53 -20.56
C LEU B 229 -8.69 -2.07 -21.64
N GLY B 230 -9.61 -1.20 -22.08
CA GLY B 230 -10.69 -1.61 -22.94
C GLY B 230 -11.84 -2.23 -22.16
N LEU B 231 -12.04 -1.85 -20.88
CA LEU B 231 -13.13 -2.47 -20.14
C LEU B 231 -14.48 -1.91 -20.55
N PRO B 232 -15.56 -2.68 -20.38
CA PRO B 232 -16.93 -2.31 -20.63
C PRO B 232 -17.42 -1.40 -19.54
N VAL B 233 -17.03 -0.13 -19.61
CA VAL B 233 -17.36 0.86 -18.59
C VAL B 233 -18.18 1.97 -19.23
N PRO B 234 -19.02 2.69 -18.47
CA PRO B 234 -19.80 3.82 -18.94
C PRO B 234 -18.96 5.04 -19.19
N LYS B 235 -17.75 5.06 -18.62
CA LYS B 235 -16.88 6.22 -18.71
C LYS B 235 -17.67 7.47 -18.37
N GLN B 236 -17.61 8.51 -19.20
CA GLN B 236 -18.42 9.71 -18.97
C GLN B 236 -18.33 10.29 -17.58
N ARG B 237 -17.12 10.57 -17.13
CA ARG B 237 -16.88 11.14 -15.79
C ARG B 237 -16.47 12.60 -15.93
N VAL B 238 -16.84 13.12 -17.08
CA VAL B 238 -16.52 14.46 -17.55
C VAL B 238 -17.31 15.60 -16.89
N VAL B 239 -18.39 15.30 -16.18
CA VAL B 239 -19.18 16.35 -15.56
C VAL B 239 -18.97 16.55 -14.07
N TYR B 240 -18.50 17.75 -13.78
CA TYR B 240 -18.27 18.28 -12.45
C TYR B 240 -19.57 18.93 -11.99
N ASP B 241 -19.98 18.62 -10.76
CA ASP B 241 -21.22 19.15 -10.23
C ASP B 241 -22.33 18.83 -11.22
N ILE B 242 -23.02 19.85 -11.69
CA ILE B 242 -24.12 19.66 -12.62
C ILE B 242 -23.92 20.45 -13.90
N ASP B 243 -22.70 20.97 -14.11
CA ASP B 243 -22.31 21.79 -15.27
C ASP B 243 -23.34 22.88 -15.58
N ASP B 244 -23.73 23.60 -14.52
CA ASP B 244 -24.71 24.71 -14.57
C ASP B 244 -26.15 24.31 -14.94
N ALA B 245 -26.44 23.01 -14.99
CA ALA B 245 -27.73 22.38 -15.29
C ALA B 245 -27.99 22.27 -16.79
N VAL B 246 -28.66 21.18 -17.14
CA VAL B 246 -29.08 20.77 -18.49
C VAL B 246 -27.91 20.37 -19.38
N ARG B 247 -26.94 21.27 -19.54
CA ARG B 247 -25.77 21.01 -20.37
C ARG B 247 -25.08 19.73 -19.93
N ALA B 248 -25.03 19.50 -18.62
CA ALA B 248 -24.39 18.31 -18.11
C ALA B 248 -24.98 17.03 -18.66
N ALA B 249 -26.28 17.00 -18.90
CA ALA B 249 -26.87 15.79 -19.43
C ALA B 249 -26.67 15.78 -20.93
N ARG B 250 -26.76 16.95 -21.55
CA ARG B 250 -26.61 17.03 -22.99
C ARG B 250 -25.26 16.45 -23.42
N ARG B 251 -24.24 16.71 -22.62
CA ARG B 251 -22.87 16.26 -22.86
C ARG B 251 -22.64 14.75 -22.73
N VAL B 252 -23.52 14.03 -22.05
CA VAL B 252 -23.34 12.60 -21.86
C VAL B 252 -24.50 11.82 -22.50
N GLY B 253 -25.53 12.56 -22.88
CA GLY B 253 -26.75 12.05 -23.45
C GLY B 253 -27.80 12.34 -22.41
N PHE B 254 -28.97 12.79 -22.84
CA PHE B 254 -29.97 13.15 -21.86
C PHE B 254 -30.43 12.09 -20.87
N PRO B 255 -30.63 10.82 -21.24
CA PRO B 255 -31.05 9.79 -20.32
C PRO B 255 -29.94 9.53 -19.31
N VAL B 256 -30.02 10.26 -18.19
CA VAL B 256 -28.99 10.23 -17.17
C VAL B 256 -29.43 9.83 -15.78
N VAL B 257 -28.40 9.53 -15.02
CA VAL B 257 -28.42 9.20 -13.63
C VAL B 257 -27.52 10.19 -12.90
N LEU B 258 -28.00 10.73 -11.80
CA LEU B 258 -27.18 11.67 -11.08
C LEU B 258 -26.63 10.99 -9.88
N LYS B 259 -25.34 10.68 -9.90
CA LYS B 259 -24.77 9.90 -8.83
C LYS B 259 -24.21 10.79 -7.73
N PRO B 260 -24.61 10.58 -6.46
CA PRO B 260 -24.15 11.33 -5.31
C PRO B 260 -22.71 10.98 -5.02
N LEU B 261 -21.98 11.94 -4.51
CA LEU B 261 -20.60 11.78 -4.13
C LEU B 261 -20.34 12.07 -2.66
N ASP B 262 -19.05 12.06 -2.32
CA ASP B 262 -18.58 12.46 -1.01
C ASP B 262 -19.22 11.68 0.14
N GLY B 263 -19.75 12.39 1.14
CA GLY B 263 -20.32 11.78 2.33
C GLY B 263 -21.80 11.45 2.22
N ASN B 264 -22.39 11.54 1.03
CA ASN B 264 -23.80 11.25 1.00
C ASN B 264 -23.92 9.75 1.30
N HIS B 265 -24.43 9.48 2.53
CA HIS B 265 -24.59 8.16 3.12
C HIS B 265 -25.67 7.33 2.45
N GLY B 266 -26.79 7.98 2.22
CA GLY B 266 -27.94 7.34 1.65
C GLY B 266 -27.73 7.46 0.17
N ARG B 267 -28.76 7.26 -0.63
CA ARG B 267 -28.53 7.35 -2.04
C ARG B 267 -29.28 8.50 -2.67
N GLY B 268 -28.67 9.67 -2.67
CA GLY B 268 -29.26 10.85 -3.29
C GLY B 268 -29.07 10.74 -4.80
N VAL B 269 -29.71 9.75 -5.39
CA VAL B 269 -29.55 9.49 -6.80
C VAL B 269 -30.82 9.74 -7.54
N SER B 270 -30.70 10.48 -8.62
CA SER B 270 -31.86 10.72 -9.46
C SER B 270 -31.73 9.80 -10.63
N VAL B 271 -32.82 9.21 -11.07
CA VAL B 271 -32.75 8.27 -12.17
C VAL B 271 -33.74 8.53 -13.28
N ASN B 272 -33.42 7.95 -14.45
CA ASN B 272 -34.28 7.96 -15.63
C ASN B 272 -34.72 9.35 -16.03
N LEU B 273 -33.77 10.27 -16.05
CA LEU B 273 -34.06 11.64 -16.40
C LEU B 273 -33.72 11.82 -17.85
N THR B 274 -34.71 12.07 -18.71
CA THR B 274 -34.45 12.13 -20.15
C THR B 274 -34.66 13.48 -20.86
N THR B 275 -35.07 14.52 -20.14
CA THR B 275 -35.37 15.82 -20.76
C THR B 275 -34.64 16.93 -20.05
N ASP B 276 -34.65 18.15 -20.62
CA ASP B 276 -33.98 19.29 -19.99
C ASP B 276 -34.60 19.61 -18.65
N GLU B 277 -35.91 19.51 -18.56
CA GLU B 277 -36.61 19.82 -17.32
C GLU B 277 -36.35 18.77 -16.27
N ALA B 278 -36.33 17.50 -16.69
CA ALA B 278 -36.11 16.40 -15.74
C ALA B 278 -34.75 16.51 -15.11
N VAL B 279 -33.77 16.87 -15.92
CA VAL B 279 -32.45 16.95 -15.37
C VAL B 279 -32.27 18.26 -14.63
N GLU B 280 -32.81 19.37 -15.13
CA GLU B 280 -32.62 20.60 -14.40
C GLU B 280 -33.21 20.50 -13.01
N ALA B 281 -34.40 19.90 -12.90
CA ALA B 281 -34.99 19.76 -11.59
C ALA B 281 -34.18 18.81 -10.74
N ALA B 282 -33.76 17.68 -11.31
CA ALA B 282 -33.03 16.69 -10.56
C ALA B 282 -31.67 17.15 -10.11
N PHE B 283 -31.00 17.98 -10.89
CA PHE B 283 -29.65 18.38 -10.55
C PHE B 283 -29.54 19.02 -9.18
N ASP B 284 -30.49 19.89 -8.81
CA ASP B 284 -30.42 20.56 -7.53
C ASP B 284 -31.12 19.80 -6.41
N ILE B 285 -31.63 18.60 -6.73
CA ILE B 285 -32.26 17.74 -5.77
C ILE B 285 -31.26 16.67 -5.38
N ALA B 286 -30.69 16.03 -6.41
CA ALA B 286 -29.69 15.00 -6.18
C ALA B 286 -28.47 15.60 -5.50
N MET B 287 -28.05 16.82 -5.91
CA MET B 287 -26.89 17.41 -5.29
C MET B 287 -27.33 18.16 -4.04
N SER B 288 -27.81 17.40 -3.08
CA SER B 288 -28.38 17.90 -1.82
C SER B 288 -27.31 18.40 -0.89
N GLU B 289 -26.06 18.02 -1.18
CA GLU B 289 -24.92 18.40 -0.38
C GLU B 289 -24.36 19.73 -0.87
N GLY B 290 -24.80 20.16 -2.06
CA GLY B 290 -24.37 21.41 -2.70
C GLY B 290 -23.16 21.28 -3.62
N SER B 291 -22.40 20.20 -3.44
CA SER B 291 -21.19 19.95 -4.22
C SER B 291 -20.80 18.47 -4.24
N ALA B 292 -21.77 17.58 -4.38
CA ALA B 292 -21.47 16.15 -4.37
C ALA B 292 -22.26 15.34 -5.40
N VAL B 293 -22.14 15.69 -6.68
CA VAL B 293 -22.75 14.97 -7.81
C VAL B 293 -21.83 14.82 -9.01
N ILE B 294 -21.92 13.66 -9.65
CA ILE B 294 -21.26 13.45 -10.93
C ILE B 294 -22.36 13.05 -11.89
N VAL B 295 -22.30 13.55 -13.12
CA VAL B 295 -23.38 13.19 -14.05
C VAL B 295 -22.93 12.14 -15.05
N GLU B 296 -23.67 11.03 -15.14
CA GLU B 296 -23.34 9.94 -16.05
C GLU B 296 -24.57 9.52 -16.82
N SER B 297 -24.42 8.95 -18.01
CA SER B 297 -25.61 8.44 -18.67
C SER B 297 -26.08 7.21 -17.92
N MET B 298 -27.35 6.87 -18.11
CA MET B 298 -27.97 5.71 -17.51
C MET B 298 -27.76 4.43 -18.31
N LEU B 299 -27.35 3.38 -17.62
CA LEU B 299 -27.23 2.08 -18.27
C LEU B 299 -28.15 1.15 -17.51
N TYR B 300 -28.64 0.09 -18.14
CA TYR B 300 -29.52 -0.76 -17.36
C TYR B 300 -28.92 -2.11 -17.04
N GLY B 301 -29.26 -2.58 -15.85
CA GLY B 301 -28.85 -3.87 -15.34
C GLY B 301 -29.05 -3.91 -13.84
N ASP B 302 -28.86 -5.08 -13.23
CA ASP B 302 -29.02 -5.23 -11.80
C ASP B 302 -27.68 -4.95 -11.12
N ASP B 303 -27.64 -5.02 -9.80
CA ASP B 303 -26.42 -4.72 -9.03
C ASP B 303 -25.59 -5.95 -8.64
N HIS B 304 -24.53 -6.24 -9.40
CA HIS B 304 -23.70 -7.39 -9.11
C HIS B 304 -22.38 -6.97 -8.51
N ARG B 305 -21.83 -7.84 -7.68
CA ARG B 305 -20.52 -7.64 -7.14
C ARG B 305 -19.67 -8.85 -7.35
N LEU B 306 -18.54 -8.65 -7.98
CA LEU B 306 -17.61 -9.74 -8.22
C LEU B 306 -16.36 -9.61 -7.37
N LEU B 307 -16.27 -10.41 -6.30
CA LEU B 307 -15.18 -10.30 -5.35
C LEU B 307 -14.06 -11.18 -5.75
N VAL B 308 -12.96 -10.51 -6.03
CA VAL B 308 -11.75 -11.09 -6.50
C VAL B 308 -10.65 -10.85 -5.52
N VAL B 309 -9.92 -11.91 -5.23
CA VAL B 309 -8.82 -11.80 -4.30
C VAL B 309 -7.52 -12.15 -5.03
N ASN B 310 -7.08 -13.39 -5.04
CA ASN B 310 -5.83 -13.63 -5.76
C ASN B 310 -6.12 -13.95 -7.21
N GLY B 311 -6.64 -12.98 -7.95
CA GLY B 311 -7.03 -13.17 -9.37
C GLY B 311 -8.41 -13.84 -9.49
N GLU B 312 -8.56 -14.91 -8.73
CA GLU B 312 -9.73 -15.75 -8.60
C GLU B 312 -10.95 -15.02 -8.07
N LEU B 313 -12.11 -15.32 -8.67
CA LEU B 313 -13.37 -14.80 -8.18
C LEU B 313 -13.77 -15.75 -7.07
N VAL B 314 -13.91 -15.20 -5.87
CA VAL B 314 -14.16 -16.06 -4.72
C VAL B 314 -15.58 -15.94 -4.20
N ALA B 315 -16.22 -14.84 -4.53
CA ALA B 315 -17.59 -14.64 -4.10
C ALA B 315 -18.26 -13.69 -5.03
N ALA B 316 -19.57 -13.78 -5.08
CA ALA B 316 -20.30 -12.83 -5.86
C ALA B 316 -21.61 -12.56 -5.16
N ALA B 317 -22.13 -11.38 -5.40
CA ALA B 317 -23.40 -11.02 -4.81
C ALA B 317 -24.23 -10.27 -5.81
N ARG B 318 -25.52 -10.42 -5.67
CA ARG B 318 -26.48 -9.71 -6.47
C ARG B 318 -27.33 -9.05 -5.44
N ARG B 319 -27.12 -7.76 -5.29
CA ARG B 319 -27.68 -7.02 -4.19
C ARG B 319 -29.04 -6.47 -4.54
N VAL B 320 -29.97 -7.40 -4.73
CA VAL B 320 -31.28 -7.03 -5.19
C VAL B 320 -32.02 -6.33 -4.06
N PRO B 321 -32.53 -5.12 -4.28
CA PRO B 321 -33.24 -4.36 -3.29
C PRO B 321 -34.49 -5.10 -2.88
N GLY B 322 -34.90 -4.92 -1.63
CA GLY B 322 -36.09 -5.56 -1.14
C GLY B 322 -37.26 -5.17 -2.01
N HIS B 323 -38.12 -6.14 -2.26
CA HIS B 323 -39.25 -6.01 -3.13
C HIS B 323 -40.29 -7.03 -2.82
N ILE B 324 -41.43 -6.86 -3.44
CA ILE B 324 -42.49 -7.83 -3.36
C ILE B 324 -42.89 -8.33 -4.72
N VAL B 325 -43.27 -9.58 -4.75
CA VAL B 325 -43.76 -10.19 -5.96
C VAL B 325 -45.17 -10.69 -5.66
N GLY B 326 -46.11 -10.36 -6.55
CA GLY B 326 -47.49 -10.77 -6.32
C GLY B 326 -47.72 -12.26 -6.46
N ASP B 327 -48.62 -12.80 -5.63
CA ASP B 327 -49.02 -14.18 -5.68
C ASP B 327 -50.39 -14.37 -6.30
N GLY B 328 -50.94 -13.29 -6.79
CA GLY B 328 -52.24 -13.30 -7.39
C GLY B 328 -53.38 -13.07 -6.40
N LYS B 329 -53.07 -13.02 -5.10
CA LYS B 329 -54.12 -12.81 -4.11
C LYS B 329 -53.89 -11.69 -3.09
N HIS B 330 -52.66 -11.41 -2.69
CA HIS B 330 -52.46 -10.44 -1.63
C HIS B 330 -52.04 -9.08 -2.11
N ASN B 331 -52.44 -8.05 -1.38
CA ASN B 331 -52.07 -6.70 -1.74
C ASN B 331 -50.69 -6.31 -1.30
N VAL B 332 -50.28 -5.11 -1.66
CA VAL B 332 -48.94 -4.68 -1.33
C VAL B 332 -48.72 -4.67 0.17
N GLU B 333 -49.62 -4.07 0.93
CA GLU B 333 -49.41 -4.04 2.37
C GLU B 333 -49.39 -5.43 3.02
N ALA B 334 -50.28 -6.32 2.60
CA ALA B 334 -50.34 -7.68 3.15
C ALA B 334 -49.07 -8.44 2.85
N LEU B 335 -48.51 -8.21 1.66
CA LEU B 335 -47.29 -8.87 1.25
C LEU B 335 -46.14 -8.44 2.14
N ILE B 336 -46.16 -7.22 2.65
CA ILE B 336 -45.08 -6.75 3.51
C ILE B 336 -45.13 -7.56 4.81
N GLU B 337 -46.34 -7.73 5.35
CA GLU B 337 -46.51 -8.49 6.59
C GLU B 337 -46.04 -9.93 6.39
N ILE B 338 -46.31 -10.48 5.20
CA ILE B 338 -45.92 -11.83 4.82
C ILE B 338 -44.39 -11.97 4.68
N VAL B 339 -43.74 -11.01 4.01
CA VAL B 339 -42.29 -11.02 3.83
C VAL B 339 -41.59 -11.02 5.16
N ASN B 340 -42.10 -10.24 6.09
CA ASN B 340 -41.50 -10.11 7.40
C ASN B 340 -41.64 -11.35 8.28
N GLN B 341 -42.31 -12.42 7.79
CA GLN B 341 -42.43 -13.64 8.56
C GLN B 341 -41.25 -14.56 8.26
N ASP B 342 -40.38 -14.15 7.33
CA ASP B 342 -39.20 -14.94 6.98
C ASP B 342 -38.34 -15.00 8.24
N PRO B 343 -38.04 -16.20 8.78
CA PRO B 343 -37.37 -16.42 10.05
C PRO B 343 -35.95 -15.88 10.09
N ARG B 344 -35.39 -15.53 8.93
CA ARG B 344 -34.05 -14.97 8.90
C ARG B 344 -34.01 -13.45 9.07
N ARG B 345 -35.20 -12.82 9.12
CA ARG B 345 -35.30 -11.37 9.22
C ARG B 345 -35.44 -10.90 10.66
N GLY B 346 -34.84 -9.76 10.98
CA GLY B 346 -34.95 -9.22 12.32
C GLY B 346 -33.65 -8.59 12.77
N VAL B 347 -33.44 -8.57 14.08
CA VAL B 347 -32.24 -7.98 14.66
C VAL B 347 -31.57 -8.98 15.60
N GLY B 348 -30.30 -8.75 15.92
CA GLY B 348 -29.58 -9.62 16.85
C GLY B 348 -28.93 -10.78 16.11
N HIS B 349 -28.63 -11.85 16.84
CA HIS B 349 -27.93 -13.01 16.30
C HIS B 349 -28.90 -13.79 15.42
N GLU B 350 -28.39 -14.51 14.42
CA GLU B 350 -29.19 -15.35 13.49
C GLU B 350 -29.98 -14.53 12.45
N ASN B 351 -30.63 -13.47 12.89
CA ASN B 351 -31.47 -12.67 12.02
C ASN B 351 -30.60 -11.72 11.21
N MET B 352 -30.10 -12.23 10.08
CA MET B 352 -29.17 -11.45 9.28
C MET B 352 -29.81 -10.63 8.16
N LEU B 353 -31.12 -10.73 7.97
CA LEU B 353 -31.82 -9.98 6.92
C LEU B 353 -32.66 -8.83 7.49
N THR B 354 -32.92 -7.82 6.67
CA THR B 354 -33.71 -6.68 7.12
C THR B 354 -35.20 -6.93 7.05
N LYS B 355 -35.97 -5.97 7.52
CA LYS B 355 -37.42 -6.04 7.45
C LYS B 355 -37.94 -4.99 6.50
N ILE B 356 -39.12 -5.24 5.94
CA ILE B 356 -39.69 -4.30 5.01
C ILE B 356 -40.85 -3.54 5.67
N GLU B 357 -40.84 -2.24 5.53
CA GLU B 357 -41.89 -1.39 6.06
C GLU B 357 -42.25 -0.43 4.95
N LEU B 358 -43.47 0.07 4.91
CA LEU B 358 -43.80 1.02 3.86
C LEU B 358 -43.51 2.44 4.26
N ASP B 359 -42.21 2.71 4.34
CA ASP B 359 -41.61 3.98 4.70
C ASP B 359 -41.51 4.85 3.46
N GLU B 360 -40.89 6.01 3.55
CA GLU B 360 -40.88 6.95 2.43
C GLU B 360 -40.19 6.42 1.17
N GLN B 361 -39.10 5.66 1.33
CA GLN B 361 -38.43 5.14 0.14
C GLN B 361 -39.35 4.13 -0.53
N ALA B 362 -39.93 3.25 0.28
CA ALA B 362 -40.82 2.24 -0.28
C ALA B 362 -42.04 2.87 -0.89
N LEU B 363 -42.55 3.91 -0.24
CA LEU B 363 -43.76 4.58 -0.67
C LEU B 363 -43.55 5.26 -1.99
N LYS B 364 -42.41 5.95 -2.17
CA LYS B 364 -42.20 6.60 -3.44
C LYS B 364 -42.15 5.55 -4.54
N LEU B 365 -41.49 4.42 -4.28
CA LEU B 365 -41.42 3.40 -5.29
C LEU B 365 -42.76 2.75 -5.62
N LEU B 366 -43.59 2.48 -4.61
CA LEU B 366 -44.84 1.84 -4.93
C LEU B 366 -45.75 2.85 -5.61
N ALA B 367 -45.63 4.14 -5.25
CA ALA B 367 -46.41 5.19 -5.88
C ALA B 367 -46.03 5.32 -7.37
N GLU B 368 -44.73 5.19 -7.69
CA GLU B 368 -44.22 5.28 -9.07
C GLU B 368 -44.83 4.18 -9.93
N LYS B 369 -45.07 3.03 -9.31
CA LYS B 369 -45.67 1.89 -9.98
C LYS B 369 -47.21 1.94 -10.02
N GLY B 370 -47.83 2.98 -9.47
CA GLY B 370 -49.29 3.09 -9.48
C GLY B 370 -50.06 2.41 -8.33
N TYR B 371 -49.41 2.19 -7.19
CA TYR B 371 -50.10 1.57 -6.06
C TYR B 371 -50.45 2.51 -4.89
N ASP B 372 -51.59 2.23 -4.26
CA ASP B 372 -52.06 2.90 -3.04
C ASP B 372 -51.95 1.98 -1.82
N LYS B 373 -51.16 0.92 -1.96
CA LYS B 373 -50.88 -0.12 -0.96
C LYS B 373 -51.96 -1.24 -0.84
N ASP B 374 -53.25 -0.93 -0.99
CA ASP B 374 -54.23 -1.98 -0.77
C ASP B 374 -54.63 -2.74 -2.00
N SER B 375 -54.05 -2.42 -3.15
CA SER B 375 -54.38 -3.13 -4.38
C SER B 375 -53.49 -4.34 -4.56
N ILE B 376 -53.92 -5.24 -5.44
CA ILE B 376 -53.24 -6.48 -5.67
C ILE B 376 -52.46 -6.55 -6.97
N PRO B 377 -51.12 -6.69 -6.92
CA PRO B 377 -50.24 -6.80 -8.08
C PRO B 377 -50.63 -8.03 -8.85
N ALA B 378 -50.42 -8.02 -10.15
CA ALA B 378 -50.71 -9.19 -10.94
C ALA B 378 -49.74 -10.29 -10.54
N LYS B 379 -50.16 -11.54 -10.64
CA LYS B 379 -49.24 -12.59 -10.26
C LYS B 379 -47.92 -12.43 -11.01
N ASP B 380 -46.82 -12.53 -10.25
CA ASP B 380 -45.43 -12.40 -10.67
C ASP B 380 -45.00 -10.99 -11.06
N GLU B 381 -45.85 -10.00 -10.80
CA GLU B 381 -45.51 -8.59 -10.97
C GLU B 381 -44.60 -8.16 -9.85
N VAL B 382 -43.57 -7.36 -10.16
CA VAL B 382 -42.66 -6.91 -9.11
C VAL B 382 -42.60 -5.41 -8.89
N VAL B 383 -42.76 -5.04 -7.62
CA VAL B 383 -42.69 -3.67 -7.12
C VAL B 383 -41.53 -3.60 -6.14
N TYR B 384 -40.60 -2.69 -6.37
CA TYR B 384 -39.44 -2.57 -5.48
C TYR B 384 -39.75 -1.64 -4.37
N LEU B 385 -39.29 -1.98 -3.16
CA LEU B 385 -39.53 -1.15 -1.99
C LEU B 385 -38.24 -0.55 -1.43
N ARG B 386 -37.16 -0.71 -2.19
CA ARG B 386 -35.83 -0.22 -1.91
C ARG B 386 -35.15 0.19 -3.20
N ARG B 387 -34.30 1.21 -3.16
CA ARG B 387 -33.56 1.55 -4.37
C ARG B 387 -32.39 0.60 -4.69
N THR B 388 -31.62 0.16 -3.67
CA THR B 388 -30.49 -0.75 -3.91
C THR B 388 -29.82 -1.31 -2.65
N ALA B 389 -29.30 -2.54 -2.73
CA ALA B 389 -28.40 -3.15 -1.74
C ALA B 389 -28.74 -2.98 -0.26
N ASN B 390 -27.73 -2.51 0.52
CA ASN B 390 -27.67 -2.29 1.97
C ASN B 390 -27.47 -3.55 2.80
N ILE B 391 -26.96 -3.36 4.03
CA ILE B 391 -26.82 -4.47 4.97
C ILE B 391 -27.94 -4.45 6.02
N SER B 392 -28.24 -3.27 6.59
CA SER B 392 -29.23 -3.19 7.67
C SER B 392 -30.65 -3.00 7.17
N THR B 393 -30.76 -2.43 5.97
CA THR B 393 -32.02 -2.15 5.28
C THR B 393 -32.07 -3.00 4.04
N GLY B 394 -31.12 -3.92 3.97
CA GLY B 394 -30.95 -4.85 2.87
C GLY B 394 -30.63 -6.26 3.39
N GLY B 395 -29.43 -6.72 3.05
CA GLY B 395 -28.93 -8.05 3.40
C GLY B 395 -29.07 -9.04 2.24
N THR B 396 -29.55 -8.58 1.09
CA THR B 396 -29.69 -9.45 -0.07
C THR B 396 -28.34 -9.75 -0.69
N ALA B 397 -28.09 -11.02 -0.95
CA ALA B 397 -26.90 -11.48 -1.63
C ALA B 397 -27.25 -12.80 -2.30
N ILE B 398 -27.70 -12.74 -3.57
CA ILE B 398 -28.21 -13.97 -4.20
C ILE B 398 -27.47 -14.43 -5.48
N ASP B 399 -26.20 -14.05 -5.66
CA ASP B 399 -25.50 -14.46 -6.88
C ASP B 399 -24.65 -15.70 -6.65
N VAL B 400 -24.00 -16.12 -7.73
CA VAL B 400 -23.10 -17.25 -7.75
C VAL B 400 -21.79 -16.86 -8.41
N THR B 401 -20.77 -17.71 -8.33
CA THR B 401 -19.51 -17.40 -8.99
C THR B 401 -19.29 -18.38 -10.09
N ASP B 402 -19.98 -19.48 -9.94
CA ASP B 402 -19.90 -20.63 -10.80
C ASP B 402 -20.63 -20.59 -12.15
N THR B 403 -21.61 -19.72 -12.35
CA THR B 403 -22.29 -19.66 -13.64
C THR B 403 -21.92 -18.39 -14.41
N ILE B 404 -21.08 -17.54 -13.81
CA ILE B 404 -20.75 -16.28 -14.44
C ILE B 404 -19.87 -16.50 -15.64
N HIS B 405 -20.22 -15.85 -16.74
CA HIS B 405 -19.46 -16.02 -17.98
C HIS B 405 -17.98 -15.68 -17.71
N PRO B 406 -17.01 -16.52 -18.13
CA PRO B 406 -15.58 -16.32 -17.95
C PRO B 406 -15.06 -14.95 -18.35
N GLU B 407 -15.67 -14.33 -19.35
CA GLU B 407 -15.18 -13.05 -19.75
C GLU B 407 -15.62 -11.91 -18.83
N ASN B 408 -16.70 -12.10 -18.07
CA ASN B 408 -17.12 -11.02 -17.20
C ASN B 408 -16.19 -11.10 -16.01
N LYS B 409 -15.80 -12.34 -15.67
CA LYS B 409 -14.90 -12.57 -14.56
C LYS B 409 -13.55 -11.94 -14.88
N LEU B 410 -13.13 -12.11 -16.15
CA LEU B 410 -11.88 -11.54 -16.62
C LEU B 410 -11.92 -10.02 -16.59
N MET B 411 -13.02 -9.41 -17.03
CA MET B 411 -13.05 -7.96 -17.00
C MET B 411 -12.98 -7.44 -15.57
N ALA B 412 -13.61 -8.13 -14.60
CA ALA B 412 -13.51 -7.68 -13.23
C ALA B 412 -12.07 -7.79 -12.71
N GLU B 413 -11.37 -8.87 -13.08
CA GLU B 413 -9.99 -9.04 -12.64
C GLU B 413 -9.12 -7.93 -13.19
N ARG B 414 -9.33 -7.59 -14.46
CA ARG B 414 -8.55 -6.57 -15.11
C ARG B 414 -8.77 -5.21 -14.45
N ALA B 415 -10.02 -4.92 -14.05
CA ALA B 415 -10.31 -3.65 -13.39
C ALA B 415 -9.53 -3.49 -12.10
N ILE B 416 -9.45 -4.57 -11.34
CA ILE B 416 -8.74 -4.58 -10.08
C ILE B 416 -7.25 -4.39 -10.30
N ARG B 417 -6.70 -5.11 -11.29
CA ARG B 417 -5.28 -5.00 -11.60
C ARG B 417 -4.86 -3.60 -12.06
N ALA B 418 -5.70 -2.93 -12.87
CA ALA B 418 -5.34 -1.58 -13.34
C ALA B 418 -5.16 -0.62 -12.19
N VAL B 419 -5.98 -0.78 -11.16
CA VAL B 419 -5.84 0.04 -10.00
C VAL B 419 -4.58 -0.41 -9.25
N GLY B 420 -4.40 -1.73 -9.14
CA GLY B 420 -3.23 -2.30 -8.46
C GLY B 420 -3.58 -2.85 -7.09
N LEU B 421 -4.83 -3.17 -6.88
CA LEU B 421 -5.35 -3.70 -5.62
C LEU B 421 -5.21 -5.19 -5.54
N ASP B 422 -5.12 -5.75 -4.33
CA ASP B 422 -5.23 -7.20 -4.26
C ASP B 422 -6.70 -7.59 -4.10
N ILE B 423 -7.46 -6.80 -3.35
CA ILE B 423 -8.82 -7.21 -3.06
C ILE B 423 -9.85 -6.14 -3.38
N GLY B 424 -10.89 -6.56 -4.09
CA GLY B 424 -11.99 -5.65 -4.39
C GLY B 424 -13.15 -6.39 -5.01
N ALA B 425 -14.34 -5.76 -4.98
CA ALA B 425 -15.50 -6.41 -5.57
C ALA B 425 -16.07 -5.54 -6.63
N VAL B 426 -15.80 -5.87 -7.87
CA VAL B 426 -16.17 -4.94 -8.92
C VAL B 426 -17.65 -4.76 -8.96
N ASP B 427 -18.04 -3.49 -9.03
CA ASP B 427 -19.41 -3.06 -9.07
C ASP B 427 -19.81 -3.12 -10.52
N PHE B 428 -20.56 -4.18 -10.82
CA PHE B 428 -20.90 -4.54 -12.17
C PHE B 428 -22.40 -4.58 -12.44
N LEU B 429 -22.83 -3.85 -13.43
CA LEU B 429 -24.22 -3.81 -13.77
C LEU B 429 -24.55 -4.62 -15.00
N THR B 430 -25.54 -5.47 -14.87
CA THR B 430 -25.99 -6.28 -16.00
C THR B 430 -27.36 -6.85 -15.89
N THR B 431 -27.95 -7.10 -17.05
CA THR B 431 -29.23 -7.75 -17.11
C THR B 431 -29.08 -9.27 -17.13
N ASP B 432 -27.90 -9.75 -17.52
CA ASP B 432 -27.63 -11.19 -17.56
C ASP B 432 -26.14 -11.51 -17.39
N ILE B 433 -25.78 -11.95 -16.19
CA ILE B 433 -24.41 -12.20 -15.79
C ILE B 433 -23.82 -13.48 -16.43
N THR B 434 -24.67 -14.27 -17.08
CA THR B 434 -24.20 -15.50 -17.69
C THR B 434 -23.84 -15.29 -19.16
N LYS B 435 -24.02 -14.06 -19.65
CA LYS B 435 -23.67 -13.71 -21.01
C LYS B 435 -22.40 -12.89 -20.95
N SER B 436 -21.67 -12.78 -22.05
CA SER B 436 -20.45 -12.00 -22.03
C SER B 436 -20.77 -10.51 -22.02
N TYR B 437 -19.74 -9.74 -21.69
CA TYR B 437 -19.73 -8.28 -21.57
C TYR B 437 -20.09 -7.57 -22.85
N ARG B 438 -19.99 -8.26 -23.97
CA ARG B 438 -20.28 -7.65 -25.23
C ARG B 438 -21.71 -7.12 -25.27
N ASP B 439 -22.62 -7.76 -24.52
CA ASP B 439 -24.02 -7.33 -24.48
C ASP B 439 -24.34 -6.54 -23.20
N ILE B 440 -23.33 -6.15 -22.43
CA ILE B 440 -23.58 -5.43 -21.19
C ILE B 440 -23.10 -3.99 -21.31
N GLY B 441 -24.07 -3.08 -21.39
CA GLY B 441 -23.85 -1.67 -21.71
C GLY B 441 -23.13 -0.82 -20.68
N GLY B 442 -21.84 -1.07 -20.51
CA GLY B 442 -21.05 -0.31 -19.54
C GLY B 442 -21.19 -0.92 -18.18
N GLY B 443 -21.22 -2.23 -18.14
CA GLY B 443 -21.38 -2.91 -16.84
C GLY B 443 -20.37 -2.55 -15.75
N ILE B 444 -19.09 -2.32 -16.04
CA ILE B 444 -18.20 -2.00 -14.90
C ILE B 444 -18.31 -0.55 -14.54
N CYS B 445 -18.71 -0.27 -13.32
CA CYS B 445 -18.91 1.10 -12.90
C CYS B 445 -17.88 1.53 -11.87
N GLU B 446 -17.59 0.66 -10.90
CA GLU B 446 -16.64 1.01 -9.85
C GLU B 446 -15.75 -0.18 -9.48
N VAL B 447 -14.52 0.09 -9.03
CA VAL B 447 -13.63 -1.01 -8.60
C VAL B 447 -14.02 -1.50 -7.20
N ASN B 448 -14.55 -0.59 -6.35
CA ASN B 448 -14.99 -0.98 -5.01
C ASN B 448 -13.93 -1.68 -4.19
N ALA B 449 -12.81 -1.02 -3.97
CA ALA B 449 -11.71 -1.64 -3.25
C ALA B 449 -12.09 -1.95 -1.82
N GLY B 450 -11.61 -3.09 -1.33
CA GLY B 450 -11.80 -3.44 0.07
C GLY B 450 -13.24 -3.39 0.60
N PRO B 451 -14.18 -4.14 0.03
CA PRO B 451 -15.59 -4.17 0.37
C PRO B 451 -15.82 -4.79 1.72
N GLY B 452 -16.92 -4.44 2.37
CA GLY B 452 -17.23 -5.15 3.58
C GLY B 452 -17.57 -6.56 3.17
N LEU B 453 -17.16 -7.54 3.97
CA LEU B 453 -17.42 -8.93 3.62
C LEU B 453 -18.76 -9.33 4.14
N ARG B 454 -19.37 -8.39 4.86
CA ARG B 454 -20.69 -8.56 5.44
C ARG B 454 -21.70 -8.70 4.31
N MET B 455 -21.33 -8.22 3.12
CA MET B 455 -22.19 -8.29 1.96
C MET B 455 -21.94 -9.56 1.09
N HIS B 456 -20.97 -10.41 1.46
CA HIS B 456 -20.62 -11.63 0.69
C HIS B 456 -20.62 -12.93 1.49
N ILE B 457 -20.20 -12.86 2.73
CA ILE B 457 -20.07 -14.02 3.58
C ILE B 457 -21.48 -14.41 3.98
N SER B 458 -21.76 -15.71 4.02
CA SER B 458 -23.10 -16.16 4.44
C SER B 458 -24.24 -15.45 3.66
N PRO B 459 -24.34 -15.69 2.33
CA PRO B 459 -25.25 -15.06 1.40
C PRO B 459 -26.70 -15.48 1.68
N SER B 460 -27.65 -14.71 1.13
CA SER B 460 -29.06 -15.01 1.34
C SER B 460 -29.55 -16.16 0.47
N GLU B 461 -28.83 -16.45 -0.62
CA GLU B 461 -29.16 -17.58 -1.49
C GLU B 461 -27.90 -18.17 -2.11
N GLY B 462 -27.97 -19.45 -2.48
CA GLY B 462 -26.86 -20.11 -3.12
C GLY B 462 -25.88 -20.59 -2.05
N PRO B 463 -24.80 -21.25 -2.45
CA PRO B 463 -23.78 -21.77 -1.57
C PRO B 463 -22.95 -20.65 -1.01
N SER B 464 -22.41 -20.86 0.18
CA SER B 464 -21.51 -19.88 0.76
C SER B 464 -20.11 -20.08 0.22
N ARG B 465 -19.27 -19.06 0.37
CA ARG B 465 -17.89 -19.19 -0.04
C ARG B 465 -17.00 -18.71 1.10
N ASP B 466 -15.86 -19.34 1.26
CA ASP B 466 -14.99 -18.98 2.35
C ASP B 466 -14.12 -17.81 2.00
N VAL B 467 -14.70 -16.62 2.09
CA VAL B 467 -13.99 -15.41 1.71
C VAL B 467 -12.84 -15.17 2.68
N GLY B 468 -13.03 -15.53 3.95
CA GLY B 468 -11.98 -15.37 4.94
C GLY B 468 -10.79 -16.22 4.55
N GLY B 469 -11.04 -17.50 4.30
CA GLY B 469 -9.99 -18.43 3.94
C GLY B 469 -9.30 -18.04 2.65
N LYS B 470 -10.05 -17.58 1.65
CA LYS B 470 -9.45 -17.21 0.37
C LYS B 470 -8.49 -16.05 0.53
N ILE B 471 -8.78 -15.14 1.46
CA ILE B 471 -7.87 -14.05 1.72
C ILE B 471 -6.65 -14.59 2.45
N MET B 472 -6.85 -15.44 3.45
CA MET B 472 -5.70 -15.93 4.19
C MET B 472 -4.78 -16.79 3.32
N ASP B 473 -5.34 -17.46 2.32
CA ASP B 473 -4.58 -18.32 1.41
C ASP B 473 -3.50 -17.58 0.65
N MET B 474 -3.64 -16.27 0.45
CA MET B 474 -2.64 -15.52 -0.30
C MET B 474 -1.77 -14.66 0.61
N LEU B 475 -1.93 -14.85 1.91
CA LEU B 475 -1.16 -14.12 2.91
C LEU B 475 -0.23 -15.06 3.62
N PHE B 476 -0.80 -16.18 4.03
CA PHE B 476 -0.11 -17.23 4.75
C PHE B 476 -0.43 -18.56 4.05
N PRO B 477 0.10 -18.79 2.83
CA PRO B 477 -0.16 -19.91 1.96
C PRO B 477 0.50 -21.13 2.55
N GLN B 478 0.09 -22.32 2.13
CA GLN B 478 0.75 -23.55 2.59
C GLN B 478 2.17 -23.65 2.05
N GLY B 479 2.46 -22.85 1.03
CA GLY B 479 3.76 -22.79 0.39
C GLY B 479 4.82 -22.13 1.28
N SER B 480 4.39 -21.49 2.37
CA SER B 480 5.33 -20.85 3.30
C SER B 480 4.94 -21.23 4.72
N GLN B 481 5.69 -22.18 5.27
CA GLN B 481 5.39 -22.78 6.57
C GLN B 481 5.80 -21.95 7.80
N SER B 482 6.76 -21.05 7.67
CA SER B 482 7.15 -20.29 8.85
C SER B 482 6.24 -19.07 8.96
N ARG B 483 5.49 -19.00 10.06
CA ARG B 483 4.55 -17.91 10.29
C ARG B 483 4.97 -17.29 11.58
N VAL B 484 5.70 -18.11 12.31
CA VAL B 484 6.15 -17.80 13.65
C VAL B 484 7.64 -18.13 13.80
N PRO B 485 8.37 -17.53 14.76
CA PRO B 485 9.71 -17.85 15.13
C PRO B 485 9.63 -19.12 15.92
N ILE B 486 10.74 -19.81 16.03
CA ILE B 486 10.72 -20.96 16.93
C ILE B 486 10.72 -20.38 18.32
N ALA B 487 9.84 -20.86 19.17
CA ALA B 487 9.81 -20.38 20.54
C ALA B 487 10.71 -21.31 21.34
N ALA B 488 11.79 -20.76 21.91
CA ALA B 488 12.83 -21.53 22.58
C ALA B 488 13.23 -20.91 23.91
N ILE B 489 12.37 -21.04 24.90
CA ILE B 489 12.51 -20.25 26.12
C ILE B 489 12.89 -21.01 27.39
N THR B 490 13.96 -20.53 27.99
CA THR B 490 14.49 -21.06 29.22
C THR B 490 13.73 -20.48 30.41
N GLY B 491 13.92 -21.11 31.56
CA GLY B 491 13.29 -20.70 32.79
C GLY B 491 14.02 -19.60 33.51
N THR B 492 13.66 -19.44 34.77
CA THR B 492 14.12 -18.36 35.61
C THR B 492 15.53 -18.70 36.11
N ASN B 493 16.47 -18.78 35.17
CA ASN B 493 17.80 -19.31 35.42
C ASN B 493 18.98 -18.39 35.00
N GLY B 494 20.03 -18.99 34.39
CA GLY B 494 21.29 -18.33 34.00
C GLY B 494 21.13 -17.46 32.74
N LYS B 495 20.25 -16.49 32.87
CA LYS B 495 19.84 -15.55 31.83
C LYS B 495 20.98 -14.63 31.39
N THR B 496 22.08 -14.61 32.15
CA THR B 496 23.21 -13.79 31.83
C THR B 496 24.40 -14.58 31.26
N THR B 497 24.31 -15.93 31.23
CA THR B 497 25.42 -16.76 30.73
C THR B 497 24.95 -17.84 29.77
N CYS B 498 23.96 -18.64 30.19
CA CYS B 498 23.42 -19.72 29.36
C CYS B 498 22.85 -19.06 28.13
N SER B 499 22.18 -17.94 28.38
CA SER B 499 21.52 -17.14 27.37
C SER B 499 22.46 -16.57 26.35
N ARG B 500 23.69 -16.30 26.77
CA ARG B 500 24.64 -15.72 25.85
C ARG B 500 25.10 -16.82 24.97
N MET B 501 25.35 -17.98 25.57
CA MET B 501 25.81 -19.11 24.80
C MET B 501 24.76 -19.51 23.78
N LEU B 502 23.49 -19.52 24.17
CA LEU B 502 22.49 -19.91 23.19
C LEU B 502 22.34 -18.85 22.11
N ALA B 503 22.37 -17.57 22.47
CA ALA B 503 22.25 -16.54 21.46
C ALA B 503 23.41 -16.63 20.48
N HIS B 504 24.62 -16.97 20.98
CA HIS B 504 25.76 -17.09 20.10
C HIS B 504 25.58 -18.30 19.22
N ILE B 505 25.01 -19.37 19.73
CA ILE B 505 24.81 -20.53 18.89
C ILE B 505 23.88 -20.22 17.77
N LEU B 506 22.79 -19.57 18.06
CA LEU B 506 21.84 -19.32 17.01
C LEU B 506 22.35 -18.28 16.03
N LYS B 507 23.06 -17.25 16.51
CA LYS B 507 23.59 -16.26 15.58
C LYS B 507 24.69 -16.86 14.71
N MET B 508 25.56 -17.72 15.28
CA MET B 508 26.64 -18.35 14.53
C MET B 508 26.07 -19.37 13.56
N ALA B 509 24.93 -19.98 13.95
CA ALA B 509 24.19 -20.91 13.10
C ALA B 509 23.67 -20.15 11.87
N GLY B 510 23.31 -18.87 12.08
CA GLY B 510 22.80 -17.99 11.04
C GLY B 510 21.37 -17.50 11.23
N HIS B 511 20.76 -17.76 12.39
CA HIS B 511 19.40 -17.32 12.67
C HIS B 511 19.41 -15.95 13.32
N VAL B 512 18.33 -15.19 13.13
CA VAL B 512 18.21 -13.96 13.91
C VAL B 512 17.49 -14.35 15.18
N VAL B 513 18.16 -14.10 16.29
CA VAL B 513 17.64 -14.47 17.59
C VAL B 513 17.48 -13.28 18.51
N GLY B 514 16.38 -13.27 19.27
CA GLY B 514 16.19 -12.20 20.24
C GLY B 514 15.88 -12.71 21.67
N GLN B 515 16.28 -11.88 22.63
CA GLN B 515 16.09 -12.16 24.07
C GLN B 515 16.13 -10.89 24.92
N THR B 516 15.56 -10.94 26.12
CA THR B 516 15.62 -9.79 27.02
C THR B 516 15.88 -10.20 28.47
N SER B 517 17.12 -10.32 28.90
CA SER B 517 17.36 -10.78 30.26
C SER B 517 17.27 -9.63 31.26
N THR B 518 16.08 -9.00 31.33
CA THR B 518 15.70 -7.79 32.11
C THR B 518 16.41 -6.50 31.63
N ASP B 519 17.47 -6.71 30.86
CA ASP B 519 18.34 -5.75 30.25
C ASP B 519 17.65 -5.25 29.03
N ALA B 520 18.27 -4.35 28.32
CA ALA B 520 17.62 -3.85 27.14
C ALA B 520 17.39 -4.99 26.19
N VAL B 521 16.25 -4.97 25.51
CA VAL B 521 15.91 -6.06 24.60
C VAL B 521 16.93 -6.17 23.51
N TYR B 522 17.46 -7.39 23.31
CA TYR B 522 18.48 -7.67 22.32
C TYR B 522 17.94 -8.36 21.10
N ILE B 523 18.16 -7.73 19.96
CA ILE B 523 17.81 -8.30 18.69
C ILE B 523 19.09 -8.39 17.92
N ASP B 524 19.56 -9.59 17.61
CA ASP B 524 20.83 -9.68 16.92
C ASP B 524 21.94 -8.93 17.71
N GLY B 525 22.64 -7.98 17.07
CA GLY B 525 23.75 -7.29 17.70
C GLY B 525 23.46 -6.02 18.52
N ASN B 526 22.20 -5.60 18.71
CA ASN B 526 22.02 -4.37 19.50
C ASN B 526 20.72 -4.37 20.33
N VAL B 527 20.52 -3.29 21.10
CA VAL B 527 19.38 -3.18 22.00
C VAL B 527 18.59 -1.88 22.01
N THR B 528 17.37 -1.95 22.57
CA THR B 528 16.63 -0.71 22.83
C THR B 528 16.22 -0.54 24.30
N VAL B 529 15.04 -1.03 24.66
CA VAL B 529 14.48 -0.75 26.00
C VAL B 529 14.69 -1.83 27.05
N LYS B 530 15.09 -1.40 28.25
CA LYS B 530 15.34 -2.21 29.44
C LYS B 530 14.28 -1.90 30.47
N GLY B 531 14.06 -2.76 31.46
CA GLY B 531 13.03 -2.39 32.44
C GLY B 531 12.39 -3.57 33.16
N ASP B 532 11.19 -3.32 33.69
CA ASP B 532 10.52 -4.36 34.45
C ASP B 532 9.87 -5.30 33.45
N MET B 533 10.68 -6.20 32.95
CA MET B 533 10.28 -7.12 31.91
C MET B 533 9.50 -8.26 32.53
N THR B 534 8.23 -7.97 32.83
CA THR B 534 7.31 -8.86 33.54
C THR B 534 6.78 -10.01 32.70
N GLY B 535 7.00 -9.95 31.42
CA GLY B 535 6.51 -10.98 30.52
C GLY B 535 6.09 -10.44 29.16
N PRO B 536 4.93 -9.76 29.03
CA PRO B 536 4.41 -9.28 27.77
C PRO B 536 5.27 -8.24 27.06
N VAL B 537 6.08 -7.49 27.80
CA VAL B 537 6.88 -6.50 27.13
C VAL B 537 8.04 -7.15 26.44
N SER B 538 8.78 -8.00 27.15
CA SER B 538 9.90 -8.62 26.48
C SER B 538 9.42 -9.51 25.38
N ALA B 539 8.24 -10.11 25.53
CA ALA B 539 7.79 -10.96 24.46
C ALA B 539 7.40 -10.15 23.24
N LYS B 540 6.67 -9.05 23.38
CA LYS B 540 6.25 -8.39 22.15
C LYS B 540 7.41 -7.69 21.47
N MET B 541 8.40 -7.29 22.28
CA MET B 541 9.59 -6.62 21.79
C MET B 541 10.46 -7.51 20.93
N VAL B 542 10.29 -8.82 21.04
CA VAL B 542 11.07 -9.76 20.27
C VAL B 542 10.16 -10.37 19.23
N LEU B 543 9.01 -10.84 19.65
CA LEU B 543 8.08 -11.53 18.78
C LEU B 543 7.53 -10.68 17.65
N ARG B 544 7.29 -9.40 17.88
CA ARG B 544 6.75 -8.57 16.81
C ARG B 544 7.85 -7.83 16.03
N ASP B 545 9.12 -8.08 16.37
CA ASP B 545 10.23 -7.40 15.73
C ASP B 545 10.51 -8.10 14.41
N PRO B 546 10.31 -7.45 13.24
CA PRO B 546 10.33 -8.06 11.92
C PRO B 546 11.70 -8.42 11.40
N SER B 547 12.38 -9.29 12.16
CA SER B 547 13.68 -9.77 11.83
C SER B 547 13.89 -11.14 12.45
N VAL B 548 13.22 -11.38 13.57
CA VAL B 548 13.52 -12.56 14.40
C VAL B 548 13.00 -13.92 13.91
N ASP B 549 13.92 -14.91 13.84
CA ASP B 549 13.59 -16.28 13.47
C ASP B 549 13.36 -17.15 14.71
N ILE B 550 14.10 -16.85 15.78
CA ILE B 550 14.00 -17.59 17.04
C ILE B 550 13.81 -16.66 18.23
N ALA B 551 12.80 -16.94 19.04
CA ALA B 551 12.52 -16.15 20.23
C ALA B 551 12.93 -16.90 21.48
N VAL B 552 13.98 -16.43 22.14
CA VAL B 552 14.49 -17.11 23.32
C VAL B 552 13.93 -16.46 24.56
N LEU B 553 13.90 -15.14 24.54
CA LEU B 553 13.38 -14.30 25.60
C LEU B 553 14.10 -14.36 26.94
N GLU B 554 14.15 -15.54 27.58
CA GLU B 554 14.73 -15.79 28.91
C GLU B 554 13.77 -15.22 29.96
N THR B 555 13.11 -16.07 30.75
CA THR B 555 12.15 -15.51 31.69
C THR B 555 12.70 -15.27 33.10
N ALA B 556 11.83 -14.78 33.98
CA ALA B 556 12.21 -14.48 35.36
C ALA B 556 11.04 -14.77 36.28
N ARG B 557 11.36 -15.21 37.50
CA ARG B 557 10.31 -15.61 38.43
C ARG B 557 9.42 -14.47 38.91
N GLY B 558 9.95 -13.27 39.02
CA GLY B 558 9.14 -12.15 39.47
C GLY B 558 8.08 -11.84 38.44
N GLY B 559 8.50 -11.84 37.18
CA GLY B 559 7.60 -11.58 36.08
C GLY B 559 6.53 -12.63 36.02
N ILE B 560 6.91 -13.91 36.08
CA ILE B 560 5.91 -14.95 35.98
C ILE B 560 4.90 -14.96 37.10
N VAL B 561 5.32 -14.84 38.35
CA VAL B 561 4.32 -14.91 39.41
C VAL B 561 3.30 -13.78 39.28
N ARG B 562 3.69 -12.62 38.73
CA ARG B 562 2.75 -11.54 38.57
C ARG B 562 1.93 -11.54 37.26
N SER B 563 2.56 -11.88 36.13
CA SER B 563 1.93 -11.81 34.81
C SER B 563 1.91 -13.10 33.97
N GLY B 564 2.62 -14.14 34.39
CA GLY B 564 2.79 -15.31 33.55
C GLY B 564 3.87 -14.99 32.51
N LEU B 565 3.82 -15.68 31.39
CA LEU B 565 4.79 -15.56 30.32
C LEU B 565 4.26 -14.55 29.33
N GLY B 566 5.10 -13.99 28.48
CA GLY B 566 4.57 -13.04 27.49
C GLY B 566 4.10 -13.73 26.21
N TYR B 567 4.15 -15.05 26.22
CA TYR B 567 3.80 -15.91 25.11
C TYR B 567 2.97 -17.06 25.67
N GLN B 568 2.18 -17.75 24.84
CA GLN B 568 1.34 -18.83 25.41
C GLN B 568 1.96 -20.21 25.44
N PHE B 569 2.87 -20.50 24.53
CA PHE B 569 3.47 -21.82 24.49
C PHE B 569 4.80 -21.76 23.80
N CYS B 570 5.57 -22.82 23.92
CA CYS B 570 6.81 -22.83 23.18
C CYS B 570 7.12 -24.21 22.65
N ASP B 571 8.11 -24.28 21.77
CA ASP B 571 8.46 -25.53 21.17
C ASP B 571 9.59 -26.16 21.95
N VAL B 572 10.48 -25.27 22.38
CA VAL B 572 11.68 -25.60 23.08
C VAL B 572 11.77 -24.76 24.35
N GLY B 573 12.33 -25.34 25.40
CA GLY B 573 12.54 -24.57 26.62
C GLY B 573 13.39 -25.32 27.61
N ALA B 574 13.65 -24.70 28.76
CA ALA B 574 14.52 -25.36 29.75
C ALA B 574 14.32 -24.94 31.18
N VAL B 575 14.58 -25.86 32.10
CA VAL B 575 14.55 -25.55 33.51
C VAL B 575 15.81 -25.98 34.26
N LEU B 576 16.50 -25.00 34.85
CA LEU B 576 17.71 -25.23 35.62
C LEU B 576 17.31 -24.98 37.05
N ASN B 577 18.16 -25.31 38.02
CA ASN B 577 17.75 -25.09 39.40
C ASN B 577 17.43 -23.61 39.67
N VAL B 578 16.31 -23.42 40.35
CA VAL B 578 15.78 -22.10 40.69
C VAL B 578 15.83 -21.80 42.18
N SER B 579 16.16 -22.80 42.99
CA SER B 579 16.16 -22.66 44.43
C SER B 579 17.54 -22.55 45.02
N SER B 580 17.63 -21.75 46.06
CA SER B 580 18.86 -21.53 46.82
C SER B 580 18.44 -21.10 48.21
N ASP B 581 19.37 -21.06 49.16
CA ASP B 581 18.99 -20.66 50.52
C ASP B 581 18.97 -19.13 50.63
N HIS B 582 17.96 -18.53 49.99
CA HIS B 582 17.78 -17.08 49.91
C HIS B 582 16.35 -16.79 49.49
N LEU B 583 15.99 -15.53 49.33
CA LEU B 583 14.65 -15.17 48.91
C LEU B 583 14.43 -15.48 47.43
N GLY B 584 13.32 -16.14 47.14
CA GLY B 584 12.89 -16.49 45.80
C GLY B 584 11.67 -15.63 45.49
N LEU B 585 10.49 -16.22 45.66
CA LEU B 585 9.23 -15.51 45.49
C LEU B 585 8.55 -15.19 46.82
N GLY B 586 9.15 -15.54 47.95
CA GLY B 586 8.50 -15.36 49.22
C GLY B 586 7.63 -16.58 49.41
N GLY B 587 6.68 -16.53 50.33
CA GLY B 587 5.96 -17.75 50.57
C GLY B 587 6.90 -18.79 51.15
N VAL B 588 7.03 -19.93 50.48
CA VAL B 588 7.89 -21.01 50.98
C VAL B 588 9.38 -20.95 50.54
N ASP B 589 9.66 -20.74 49.25
CA ASP B 589 11.03 -20.74 48.72
C ASP B 589 11.91 -21.94 49.08
N THR B 590 11.38 -23.14 48.89
CA THR B 590 12.20 -24.31 49.18
C THR B 590 12.20 -25.11 47.94
N LEU B 591 11.22 -25.98 47.88
CA LEU B 591 10.99 -26.80 46.75
C LEU B 591 9.68 -26.27 46.30
N ASP B 592 8.89 -25.90 47.31
CA ASP B 592 7.57 -25.43 46.95
C ASP B 592 7.71 -23.98 46.57
N GLY B 593 6.62 -23.35 46.15
CA GLY B 593 6.65 -21.96 45.71
C GLY B 593 7.29 -21.90 44.30
N LEU B 594 8.57 -22.25 44.29
CA LEU B 594 9.41 -22.31 43.14
C LEU B 594 9.02 -23.42 42.18
N ALA B 595 8.49 -24.53 42.70
CA ALA B 595 8.02 -25.58 41.81
C ALA B 595 6.93 -25.05 40.90
N GLU B 596 6.09 -24.18 41.44
CA GLU B 596 4.99 -23.63 40.67
C GLU B 596 5.48 -22.65 39.63
N VAL B 597 6.51 -21.88 39.93
CA VAL B 597 6.94 -20.98 38.88
C VAL B 597 7.70 -21.73 37.79
N LYS B 598 8.52 -22.73 38.13
CA LYS B 598 9.30 -23.42 37.08
C LYS B 598 8.42 -24.22 36.10
N ARG B 599 7.29 -24.76 36.59
CA ARG B 599 6.41 -25.60 35.78
C ARG B 599 5.74 -24.77 34.70
N VAL B 600 5.77 -23.46 34.84
CA VAL B 600 5.16 -22.61 33.84
C VAL B 600 5.84 -22.84 32.50
N ILE B 601 7.16 -23.02 32.48
CA ILE B 601 7.85 -23.29 31.23
C ILE B 601 7.72 -24.74 30.86
N ALA B 602 7.94 -25.64 31.80
CA ALA B 602 7.94 -27.04 31.40
C ALA B 602 6.59 -27.47 30.82
N GLU B 603 5.50 -26.98 31.37
CA GLU B 603 4.21 -27.45 30.94
C GLU B 603 3.69 -26.79 29.69
N VAL B 604 4.42 -25.86 29.13
CA VAL B 604 3.95 -25.23 27.93
C VAL B 604 4.89 -25.53 26.80
N THR B 605 5.88 -26.39 27.05
CA THR B 605 6.86 -26.72 26.03
C THR B 605 6.34 -27.94 25.31
N LYS B 606 6.20 -27.86 23.97
CA LYS B 606 5.62 -28.97 23.24
C LYS B 606 6.57 -30.03 22.68
N ASP B 607 7.84 -29.73 22.44
CA ASP B 607 8.73 -30.72 21.85
C ASP B 607 9.83 -31.17 22.79
N THR B 608 10.76 -30.25 23.04
CA THR B 608 11.88 -30.55 23.89
C THR B 608 12.02 -29.53 25.00
N VAL B 609 11.98 -30.03 26.22
CA VAL B 609 12.19 -29.20 27.38
C VAL B 609 13.43 -29.78 27.92
N VAL B 610 14.37 -28.95 28.30
CA VAL B 610 15.58 -29.47 28.83
C VAL B 610 15.53 -29.38 30.35
N LEU B 611 15.56 -30.51 31.04
CA LEU B 611 15.49 -30.47 32.50
C LEU B 611 16.81 -30.80 33.19
N ASN B 612 17.03 -30.17 34.35
CA ASN B 612 18.22 -30.46 35.17
C ASN B 612 18.04 -31.78 35.94
N ALA B 613 18.87 -32.76 35.60
CA ALA B 613 18.78 -34.13 36.09
C ALA B 613 19.39 -34.34 37.46
N ASP B 614 20.03 -33.30 37.97
CA ASP B 614 20.66 -33.38 39.28
C ASP B 614 19.73 -32.79 40.31
N ASN B 615 18.58 -32.30 39.86
CA ASN B 615 17.63 -31.70 40.77
C ASN B 615 16.41 -32.58 40.85
N ALA B 616 16.28 -33.28 41.97
CA ALA B 616 15.23 -34.26 42.17
C ALA B 616 13.86 -33.62 42.13
N TYR B 617 13.82 -32.31 42.31
CA TYR B 617 12.60 -31.56 42.40
C TYR B 617 12.33 -30.78 41.12
N THR B 618 13.11 -31.08 40.08
CA THR B 618 12.92 -30.55 38.72
C THR B 618 12.63 -31.76 37.85
N LEU B 619 13.05 -32.93 38.30
CA LEU B 619 12.86 -34.14 37.50
C LEU B 619 11.40 -34.39 37.25
N LYS B 620 10.59 -34.03 38.25
CA LYS B 620 9.15 -34.19 38.26
C LYS B 620 8.44 -33.44 37.14
N MET B 621 9.11 -32.45 36.53
CA MET B 621 8.55 -31.70 35.44
C MET B 621 8.34 -32.59 34.24
N ALA B 622 9.12 -33.67 34.14
CA ALA B 622 9.03 -34.61 33.05
C ALA B 622 7.70 -35.35 33.05
N GLY B 623 7.02 -35.38 34.21
CA GLY B 623 5.77 -36.09 34.30
C GLY B 623 4.60 -35.18 33.96
N HIS B 624 4.88 -33.91 33.66
CA HIS B 624 3.81 -32.99 33.36
C HIS B 624 3.96 -32.36 31.98
N SER B 625 5.21 -32.20 31.53
CA SER B 625 5.45 -31.51 30.29
C SER B 625 4.96 -32.28 29.05
N PRO B 626 4.31 -31.61 28.07
CA PRO B 626 3.96 -32.13 26.76
C PRO B 626 5.21 -32.45 25.92
N ALA B 627 6.35 -31.87 26.28
CA ALA B 627 7.61 -32.10 25.60
C ALA B 627 8.05 -33.50 25.94
N LYS B 628 8.62 -34.23 24.98
CA LYS B 628 8.98 -35.61 25.32
C LYS B 628 10.46 -35.95 25.29
N HIS B 629 11.30 -35.12 24.69
CA HIS B 629 12.72 -35.51 24.67
C HIS B 629 13.39 -35.42 26.04
N ILE B 630 12.96 -34.43 26.85
CA ILE B 630 13.45 -34.14 28.21
C ILE B 630 14.89 -33.62 28.31
N MET B 631 15.78 -34.25 27.58
CA MET B 631 17.17 -33.81 27.50
C MET B 631 17.73 -33.64 28.88
N TYR B 632 17.66 -34.69 29.69
CA TYR B 632 18.13 -34.51 31.04
C TYR B 632 19.58 -34.08 31.07
N VAL B 633 19.87 -33.06 31.85
CA VAL B 633 21.25 -32.57 31.95
C VAL B 633 21.86 -32.90 33.29
N THR B 634 22.96 -33.62 33.29
CA THR B 634 23.61 -33.99 34.55
C THR B 634 25.10 -33.73 34.59
N ARG B 635 25.57 -33.26 35.74
CA ARG B 635 26.99 -33.08 35.90
C ARG B 635 27.66 -34.30 36.54
N ASP B 636 26.85 -35.32 36.83
CA ASP B 636 27.33 -36.54 37.44
C ASP B 636 27.27 -37.68 36.45
N ALA B 637 28.43 -38.18 36.04
CA ALA B 637 28.47 -39.26 35.07
C ALA B 637 27.69 -40.47 35.60
N GLU B 638 27.70 -40.68 36.93
CA GLU B 638 26.93 -41.76 37.53
C GLU B 638 25.59 -41.25 38.00
N ASN B 639 24.55 -41.68 37.30
CA ASN B 639 23.16 -41.33 37.50
C ASN B 639 22.35 -42.51 37.00
N LYS B 640 21.04 -42.44 37.10
CA LYS B 640 20.18 -43.50 36.59
C LYS B 640 19.46 -43.00 35.37
N LEU B 641 19.37 -41.68 35.24
CA LEU B 641 18.59 -41.04 34.18
C LEU B 641 19.39 -40.87 32.89
N VAL B 642 20.24 -41.84 32.63
CA VAL B 642 20.99 -41.94 31.41
C VAL B 642 20.70 -43.34 30.88
N ARG B 643 21.06 -44.33 31.67
CA ARG B 643 20.92 -45.71 31.27
C ARG B 643 19.48 -46.15 31.25
N GLU B 644 18.64 -45.55 32.10
CA GLU B 644 17.22 -45.87 32.15
C GLU B 644 16.43 -44.80 31.40
N HIS B 645 17.13 -43.96 30.63
CA HIS B 645 16.54 -42.86 29.91
C HIS B 645 16.90 -42.91 28.41
N ILE B 646 18.19 -42.81 28.10
CA ILE B 646 18.70 -42.82 26.74
C ILE B 646 18.41 -44.16 26.14
N ARG B 647 18.60 -45.18 26.95
CA ARG B 647 18.37 -46.55 26.53
C ARG B 647 16.93 -46.76 26.05
N LEU B 648 15.99 -45.91 26.49
CA LEU B 648 14.58 -46.05 26.16
C LEU B 648 14.17 -45.06 25.05
N GLY B 649 15.14 -44.42 24.40
CA GLY B 649 14.84 -43.48 23.32
C GLY B 649 14.79 -42.00 23.70
N LYS B 650 15.18 -41.65 24.91
CA LYS B 650 15.13 -40.26 25.33
C LYS B 650 16.49 -39.59 25.17
N ARG B 651 16.54 -38.28 25.44
CA ARG B 651 17.78 -37.51 25.29
C ARG B 651 18.35 -37.01 26.62
N ALA B 652 19.67 -36.78 26.65
CA ALA B 652 20.37 -36.23 27.83
C ALA B 652 21.70 -35.58 27.49
N VAL B 653 22.15 -34.68 28.36
CA VAL B 653 23.47 -34.10 28.20
C VAL B 653 24.25 -34.55 29.42
N VAL B 654 25.34 -35.26 29.20
CA VAL B 654 26.07 -35.80 30.33
C VAL B 654 27.50 -35.30 30.41
N LEU B 655 27.88 -34.81 31.59
CA LEU B 655 29.24 -34.38 31.81
C LEU B 655 30.04 -35.60 32.24
N GLU B 656 31.15 -35.82 31.59
CA GLU B 656 31.97 -36.98 31.89
C GLU B 656 33.47 -36.70 31.71
N LYS B 657 34.30 -37.49 32.37
CA LYS B 657 35.72 -37.29 32.21
C LYS B 657 36.39 -38.38 31.42
N GLY B 658 37.37 -37.96 30.60
CA GLY B 658 38.11 -38.94 29.81
C GLY B 658 39.19 -38.35 28.86
N LEU B 659 39.26 -38.93 27.65
CA LEU B 659 40.24 -38.60 26.60
C LEU B 659 40.10 -37.18 26.11
N ASN B 660 38.91 -36.64 26.28
CA ASN B 660 38.57 -35.31 25.89
C ASN B 660 38.47 -34.38 27.11
N GLY B 661 39.15 -34.73 28.22
CA GLY B 661 39.14 -33.92 29.44
C GLY B 661 37.76 -33.84 30.04
N ASP B 662 37.27 -32.64 30.35
CA ASP B 662 35.94 -32.53 30.91
C ASP B 662 35.03 -32.34 29.74
N GLN B 663 34.20 -33.32 29.41
CA GLN B 663 33.42 -33.10 28.21
C GLN B 663 31.95 -33.21 28.41
N ILE B 664 31.28 -32.48 27.58
CA ILE B 664 29.84 -32.45 27.49
C ILE B 664 29.40 -33.20 26.25
N VAL B 665 28.70 -34.29 26.49
CA VAL B 665 28.25 -35.21 25.47
C VAL B 665 26.75 -35.27 25.37
N ILE B 666 26.22 -35.18 24.16
CA ILE B 666 24.78 -35.30 24.03
C ILE B 666 24.46 -36.73 23.63
N TYR B 667 23.63 -37.35 24.45
CA TYR B 667 23.17 -38.70 24.26
C TYR B 667 21.79 -38.64 23.65
N GLU B 668 21.53 -39.54 22.70
CA GLU B 668 20.22 -39.58 22.08
C GLU B 668 19.90 -40.98 21.56
N ASN B 669 18.84 -41.56 22.09
CA ASN B 669 18.42 -42.87 21.64
C ASN B 669 19.58 -43.88 21.54
N GLY B 670 19.96 -44.27 20.31
CA GLY B 670 20.97 -45.31 20.15
C GLY B 670 22.41 -44.81 20.05
N THR B 671 22.64 -43.51 20.13
CA THR B 671 24.01 -43.00 20.02
C THR B 671 24.39 -41.90 21.00
N GLN B 672 25.64 -41.48 20.92
CA GLN B 672 26.11 -40.36 21.72
C GLN B 672 27.23 -39.68 20.96
N ILE B 673 27.18 -38.35 20.94
CA ILE B 673 28.20 -37.56 20.26
C ILE B 673 28.76 -36.44 21.13
N PRO B 674 30.04 -36.49 21.53
CA PRO B 674 30.72 -35.46 22.27
C PRO B 674 30.67 -34.15 21.52
N LEU B 675 30.35 -33.06 22.19
CA LEU B 675 30.27 -31.80 21.50
C LEU B 675 31.37 -30.84 21.96
N ILE B 676 31.43 -30.54 23.26
CA ILE B 676 32.44 -29.59 23.75
C ILE B 676 33.24 -30.00 24.97
N TRP B 677 34.36 -29.30 25.14
CA TRP B 677 35.22 -29.44 26.30
C TRP B 677 34.92 -28.27 27.23
N THR B 678 34.89 -28.46 28.56
CA THR B 678 34.66 -27.30 29.47
C THR B 678 35.92 -26.46 29.46
N HIS B 679 37.01 -27.13 29.13
CA HIS B 679 38.33 -26.60 29.02
C HIS B 679 38.44 -25.58 27.87
N LEU B 680 37.51 -25.64 26.90
CA LEU B 680 37.55 -24.72 25.75
C LEU B 680 36.44 -23.66 25.75
N ILE B 681 35.66 -23.57 26.82
CA ILE B 681 34.57 -22.59 26.85
C ILE B 681 34.92 -21.46 27.81
N PRO B 682 35.07 -20.18 27.39
CA PRO B 682 35.45 -19.07 28.25
C PRO B 682 34.56 -18.94 29.49
N ALA B 683 33.28 -19.31 29.35
CA ALA B 683 32.31 -19.23 30.43
C ALA B 683 32.69 -20.11 31.61
N THR B 684 33.47 -21.15 31.35
CA THR B 684 33.87 -22.15 32.32
C THR B 684 35.37 -22.10 32.58
N LEU B 685 35.97 -20.94 32.30
CA LEU B 685 37.37 -20.68 32.54
C LEU B 685 38.28 -21.64 31.77
N GLU B 686 39.05 -22.46 32.49
CA GLU B 686 39.97 -23.39 31.87
C GLU B 686 39.58 -24.83 32.16
N GLY B 687 38.33 -25.04 32.56
CA GLY B 687 37.84 -26.36 32.93
C GLY B 687 38.11 -26.49 34.42
N LYS B 688 37.80 -27.64 35.03
CA LYS B 688 38.01 -27.76 36.48
C LYS B 688 37.31 -26.62 37.23
N ALA B 689 36.09 -26.33 36.82
CA ALA B 689 35.30 -25.25 37.40
C ALA B 689 33.84 -25.66 37.38
N ILE B 690 33.05 -25.11 38.29
CA ILE B 690 31.64 -25.42 38.32
C ILE B 690 30.79 -24.40 37.63
N HIS B 691 31.06 -23.14 37.90
CA HIS B 691 30.20 -22.10 37.39
C HIS B 691 30.14 -22.14 35.88
N ASN B 692 28.92 -22.06 35.39
CA ASN B 692 28.52 -22.09 34.00
C ASN B 692 28.77 -23.40 33.27
N VAL B 693 29.07 -24.48 33.97
CA VAL B 693 29.21 -25.70 33.23
C VAL B 693 27.84 -26.14 32.80
N GLU B 694 26.85 -26.11 33.71
CA GLU B 694 25.53 -26.51 33.32
C GLU B 694 24.94 -25.50 32.36
N ASN B 695 25.39 -24.25 32.41
CA ASN B 695 24.83 -23.29 31.48
C ASN B 695 25.27 -23.64 30.08
N ALA B 696 26.52 -24.11 29.94
CA ALA B 696 27.00 -24.54 28.63
C ALA B 696 26.28 -25.80 28.18
N MET B 697 26.00 -26.72 29.13
CA MET B 697 25.33 -27.97 28.80
C MET B 697 23.91 -27.72 28.33
N PHE B 698 23.23 -26.79 28.99
CA PHE B 698 21.90 -26.41 28.64
C PHE B 698 21.87 -25.66 27.33
N ALA B 699 22.85 -24.78 27.08
CA ALA B 699 22.83 -24.10 25.80
C ALA B 699 22.96 -25.15 24.69
N ALA B 700 23.79 -26.19 24.91
CA ALA B 700 23.93 -27.27 23.94
C ALA B 700 22.62 -28.07 23.82
N GLY B 701 21.92 -28.30 24.92
CA GLY B 701 20.64 -29.02 24.90
C GLY B 701 19.59 -28.25 24.10
N MET B 702 19.56 -26.93 24.30
CA MET B 702 18.64 -26.08 23.56
C MET B 702 18.99 -26.11 22.08
N ALA B 703 20.29 -26.09 21.78
CA ALA B 703 20.75 -26.13 20.41
C ALA B 703 20.34 -27.42 19.74
N TYR B 704 20.32 -28.52 20.50
CA TYR B 704 19.94 -29.79 19.93
C TYR B 704 18.57 -29.69 19.34
N ALA B 705 17.66 -29.20 20.17
CA ALA B 705 16.26 -29.06 19.83
C ALA B 705 16.03 -28.13 18.65
N LEU B 706 16.89 -27.13 18.55
CA LEU B 706 16.78 -26.13 17.50
C LEU B 706 17.54 -26.47 16.21
N GLY B 707 18.11 -27.67 16.12
CA GLY B 707 18.80 -28.08 14.91
C GLY B 707 20.32 -28.14 15.01
N LYS B 708 20.85 -28.86 15.99
CA LYS B 708 22.30 -28.97 16.09
C LYS B 708 22.90 -29.64 14.86
N ASN B 709 23.97 -29.04 14.33
CA ASN B 709 24.68 -29.66 13.21
C ASN B 709 26.11 -29.87 13.65
N LEU B 710 26.26 -29.84 14.97
CA LEU B 710 27.50 -29.98 15.72
C LEU B 710 28.51 -28.85 15.47
N ASP B 711 28.96 -28.67 14.24
CA ASP B 711 30.02 -27.70 14.00
C ASP B 711 29.69 -26.24 14.31
N GLN B 712 28.47 -25.78 14.06
CA GLN B 712 28.20 -24.37 14.34
C GLN B 712 27.80 -24.19 15.78
N ILE B 713 27.64 -25.30 16.46
CA ILE B 713 27.17 -25.27 17.81
C ILE B 713 28.43 -25.17 18.63
N ARG B 714 29.45 -25.93 18.25
CA ARG B 714 30.72 -25.84 18.95
C ARG B 714 31.25 -24.42 18.83
N ILE B 715 31.06 -23.79 17.67
CA ILE B 715 31.52 -22.42 17.51
C ILE B 715 30.75 -21.51 18.45
N GLY B 716 29.42 -21.64 18.49
CA GLY B 716 28.59 -20.84 19.37
C GLY B 716 28.87 -21.04 20.84
N LEU B 717 29.20 -22.27 21.25
CA LEU B 717 29.52 -22.57 22.63
C LEU B 717 30.87 -22.00 23.03
N ARG B 718 31.84 -22.06 22.12
CA ARG B 718 33.17 -21.53 22.39
C ARG B 718 33.17 -20.00 22.40
N THR B 719 32.29 -19.41 21.59
CA THR B 719 32.12 -17.96 21.52
C THR B 719 31.48 -17.48 22.81
N PHE B 720 32.01 -16.43 23.43
CA PHE B 720 31.41 -15.95 24.67
C PHE B 720 32.01 -14.63 25.11
#